data_4QOQ
#
_entry.id   4QOQ
#
_cell.length_a   91.790
_cell.length_b   108.109
_cell.length_c   103.409
_cell.angle_alpha   90.000
_cell.angle_beta   91.980
_cell.angle_gamma   90.000
#
_symmetry.space_group_name_H-M   'P 1 21 1'
#
loop_
_entity.id
_entity.type
_entity.pdbx_description
1 polymer Catalase
2 non-polymer 'PROTOPORPHYRIN IX CONTAINING FE'
3 non-polymer Guaiacol
4 non-polymer 'CHLORIDE ION'
5 non-polymer 'SODIUM ION'
6 water water
#
_entity_poly.entity_id   1
_entity_poly.type   'polypeptide(L)'
_entity_poly.pdbx_seq_one_letter_code
;MTNSNHKNLTTNQGVPVGDNQNSRTAGHRGPSFLDDYHLIEKLAHFDRERIPERVVHARGAGAYGVFEVENSMEKHTRAA
FLSEEGKQTDVFVRFSTVIHPKGSPETLRDPRGFAVKFYTEEGNYDLVGNNLPIFFIRDALKFPDMVHSLKPDPVTNIQD
PDRYWDFMTLTPESTHMLTWLFSDEGIPANYAEMRGSGVHTFRWVNKYGETKYVKYHWRPSEGIRNLSMEEAAEIQANDF
QHATRDLYDRIEKGNYPAWDLYVQLMPLSDYDELDYDPCDPTKTWSEEDYPLQKVGRMTLNRNPENFFAETEQAAFTPSA
LVPGIEASEDKLLQGRLFSYPDTQRHRLGANYMRIPVNCPYAPVHNNQQDGFMTTTRPSGHINYEPNRYDDQPKENPHYK
ESEPVLHGDRMVRQKIEKPNDFKQAGEKYRSYSEEEKQALIKNLTADLKGVNEKTKLLAICNFYRADEDYGQRLADSLGV
DIRSYLQGSMK
;
_entity_poly.pdbx_strand_id   A,B,C,D
#
loop_
_chem_comp.id
_chem_comp.type
_chem_comp.name
_chem_comp.formula
CL non-polymer 'CHLORIDE ION' 'Cl -1'
HEM non-polymer 'PROTOPORPHYRIN IX CONTAINING FE' 'C34 H32 Fe N4 O4'
JZ3 non-polymer Guaiacol 'C7 H8 O2'
NA non-polymer 'SODIUM ION' 'Na 1'
#
# COMPACT_ATOMS: atom_id res chain seq x y z
N HIS A 6 30.90 -14.81 16.86
CA HIS A 6 29.67 -15.66 16.73
C HIS A 6 28.40 -14.94 17.14
N LYS A 7 27.31 -15.20 16.43
CA LYS A 7 26.08 -14.44 16.57
C LYS A 7 24.94 -15.42 16.45
N ASN A 8 23.91 -15.21 17.26
CA ASN A 8 22.66 -15.94 17.10
C ASN A 8 21.82 -15.45 15.97
N LEU A 9 21.27 -16.38 15.22
CA LEU A 9 20.16 -16.09 14.35
C LEU A 9 18.96 -15.81 15.25
N THR A 10 18.22 -14.73 15.01
CA THR A 10 17.08 -14.37 15.87
C THR A 10 15.81 -14.18 15.04
N THR A 11 14.67 -14.17 15.70
CA THR A 11 13.46 -13.62 15.06
C THR A 11 13.57 -12.10 15.06
N ASN A 12 12.59 -11.44 14.47
CA ASN A 12 12.52 -9.98 14.58
C ASN A 12 12.20 -9.44 15.96
N GLN A 13 11.75 -10.35 16.85
CA GLN A 13 11.52 -10.00 18.24
C GLN A 13 12.75 -10.14 19.07
N GLY A 14 13.84 -10.55 18.48
CA GLY A 14 15.13 -10.66 19.22
C GLY A 14 15.25 -11.96 19.93
N VAL A 15 14.39 -12.93 19.63
CA VAL A 15 14.48 -14.24 20.30
C VAL A 15 15.44 -15.12 19.48
N PRO A 16 16.43 -15.75 20.12
CA PRO A 16 17.27 -16.61 19.28
C PRO A 16 16.49 -17.77 18.70
N VAL A 17 16.88 -18.18 17.49
CA VAL A 17 16.24 -19.28 16.78
C VAL A 17 16.93 -20.62 17.11
N GLY A 18 16.15 -21.59 17.60
CA GLY A 18 16.64 -22.92 17.97
C GLY A 18 16.86 -23.88 16.83
N ASP A 19 16.12 -23.66 15.75
CA ASP A 19 16.22 -24.53 14.58
C ASP A 19 15.80 -23.72 13.37
N ASN A 20 16.76 -23.46 12.48
CA ASN A 20 16.48 -22.81 11.24
C ASN A 20 16.36 -23.74 10.05
N GLN A 21 16.24 -25.04 10.32
CA GLN A 21 16.15 -26.08 9.24
C GLN A 21 14.78 -26.66 9.10
N ASN A 22 14.11 -26.89 10.23
CA ASN A 22 12.88 -27.70 10.23
C ASN A 22 11.68 -26.90 10.74
N SER A 23 10.60 -27.02 10.00
CA SER A 23 9.28 -26.58 10.40
C SER A 23 8.80 -27.41 11.56
N ARG A 24 7.84 -26.86 12.28
CA ARG A 24 7.27 -27.59 13.39
C ARG A 24 6.07 -28.40 12.91
N THR A 25 6.09 -29.68 13.19
CA THR A 25 5.20 -30.63 12.56
C THR A 25 4.72 -31.65 13.54
N ALA A 26 3.69 -32.37 13.13
CA ALA A 26 3.19 -33.52 13.88
C ALA A 26 4.03 -34.76 13.67
N GLY A 27 4.97 -34.97 14.54
CA GLY A 27 6.02 -36.00 14.31
C GLY A 27 6.93 -35.66 13.15
N HIS A 28 7.90 -36.52 12.89
CA HIS A 28 9.00 -36.15 11.99
C HIS A 28 8.56 -35.97 10.53
N ARG A 29 7.39 -36.52 10.15
CA ARG A 29 6.91 -36.41 8.77
C ARG A 29 5.45 -35.95 8.64
N GLY A 30 4.89 -35.39 9.71
CA GLY A 30 3.51 -34.98 9.64
C GLY A 30 3.37 -33.54 9.14
N PRO A 31 2.12 -33.07 9.04
CA PRO A 31 1.82 -31.77 8.54
C PRO A 31 2.27 -30.69 9.52
N SER A 32 2.32 -29.44 9.04
CA SER A 32 2.90 -28.33 9.77
C SER A 32 1.86 -27.63 10.70
N PHE A 33 2.33 -27.21 11.85
CA PHE A 33 1.56 -26.46 12.80
C PHE A 33 1.57 -24.94 12.51
N LEU A 34 0.43 -24.32 12.80
CA LEU A 34 0.32 -22.87 12.77
C LEU A 34 1.19 -22.14 13.79
N ASP A 35 1.43 -22.77 14.94
CA ASP A 35 2.32 -22.18 16.01
C ASP A 35 3.79 -22.43 15.69
N ASP A 36 4.26 -21.70 14.67
CA ASP A 36 5.63 -21.72 14.26
C ASP A 36 5.87 -20.33 13.85
N TYR A 37 6.11 -19.47 14.84
CA TYR A 37 6.32 -18.09 14.60
C TYR A 37 7.46 -17.81 13.69
N HIS A 38 8.58 -18.51 13.90
CA HIS A 38 9.75 -18.26 13.03
C HIS A 38 9.48 -18.56 11.57
N LEU A 39 8.85 -19.67 11.27
CA LEU A 39 8.45 -20.03 9.89
C LEU A 39 7.61 -18.93 9.26
N ILE A 40 6.54 -18.55 9.98
CA ILE A 40 5.62 -17.62 9.45
C ILE A 40 6.26 -16.21 9.29
N GLU A 41 6.99 -15.72 10.27
CA GLU A 41 7.65 -14.46 10.16
C GLU A 41 8.62 -14.40 9.01
N LYS A 42 9.41 -15.45 8.88
CA LYS A 42 10.43 -15.55 7.87
C LYS A 42 9.75 -15.57 6.46
N LEU A 43 8.76 -16.43 6.28
CA LEU A 43 8.08 -16.51 5.01
C LEU A 43 7.31 -15.23 4.72
N ALA A 44 6.63 -14.68 5.73
CA ALA A 44 5.86 -13.50 5.48
C ALA A 44 6.75 -12.30 5.07
N HIS A 45 7.94 -12.18 5.65
CA HIS A 45 8.80 -11.11 5.20
C HIS A 45 9.34 -11.36 3.75
N PHE A 46 9.75 -12.58 3.49
CA PHE A 46 10.16 -13.00 2.14
C PHE A 46 9.07 -12.66 1.10
N ASP A 47 7.82 -12.94 1.46
CA ASP A 47 6.63 -12.69 0.64
C ASP A 47 6.38 -11.19 0.35
N ARG A 48 7.03 -10.34 1.12
CA ARG A 48 6.88 -8.89 0.99
C ARG A 48 8.20 -8.15 0.65
N GLU A 49 9.24 -8.85 0.06
CA GLU A 49 10.46 -8.17 -0.29
C GLU A 49 10.33 -7.12 -1.36
N ARG A 50 9.45 -7.34 -2.32
CA ARG A 50 9.46 -6.57 -3.54
C ARG A 50 8.57 -5.37 -3.44
N ILE A 51 9.06 -4.28 -3.98
CA ILE A 51 8.29 -3.02 -4.16
C ILE A 51 8.15 -2.73 -5.70
N PRO A 52 7.22 -1.90 -6.10
CA PRO A 52 7.10 -1.57 -7.55
C PRO A 52 8.39 -1.03 -8.13
N GLU A 53 8.72 -1.46 -9.36
CA GLU A 53 9.91 -0.97 -10.02
C GLU A 53 9.56 0.44 -10.56
N ARG A 54 10.58 1.21 -10.88
CA ARG A 54 10.32 2.56 -11.46
C ARG A 54 9.54 2.40 -12.74
N VAL A 55 8.61 3.32 -12.95
CA VAL A 55 7.71 3.24 -14.14
C VAL A 55 8.52 3.33 -15.43
N VAL A 56 9.61 4.09 -15.40
CA VAL A 56 10.64 4.01 -16.45
C VAL A 56 11.99 4.01 -15.74
N HIS A 57 13.05 3.69 -16.47
CA HIS A 57 14.43 3.60 -15.94
C HIS A 57 14.54 2.54 -14.86
N ALA A 58 13.78 1.49 -15.04
CA ALA A 58 13.72 0.43 -13.99
C ALA A 58 15.03 -0.29 -13.81
N ARG A 59 15.77 -0.50 -14.91
CA ARG A 59 17.08 -1.18 -14.89
C ARG A 59 18.19 -0.17 -14.68
N GLY A 60 19.00 -0.35 -13.66
CA GLY A 60 20.05 0.61 -13.36
C GLY A 60 20.99 0.21 -12.30
N ALA A 61 21.99 1.09 -12.09
CA ALA A 61 23.10 0.80 -11.17
C ALA A 61 23.57 2.12 -10.55
N GLY A 62 24.00 2.05 -9.30
CA GLY A 62 24.29 3.20 -8.47
C GLY A 62 25.71 3.21 -7.98
N ALA A 63 26.25 4.40 -7.77
CA ALA A 63 27.52 4.56 -7.03
C ALA A 63 27.60 5.88 -6.32
N TYR A 64 28.43 5.96 -5.28
CA TYR A 64 28.73 7.24 -4.64
C TYR A 64 30.05 7.85 -5.12
N GLY A 65 30.17 9.16 -4.92
CA GLY A 65 31.38 9.81 -5.24
C GLY A 65 31.46 11.19 -4.68
N VAL A 66 32.31 11.98 -5.33
CA VAL A 66 32.52 13.39 -4.97
C VAL A 66 32.53 14.26 -6.20
N PHE A 67 31.96 15.46 -6.07
CA PHE A 67 32.05 16.53 -7.03
C PHE A 67 32.93 17.66 -6.50
N GLU A 68 33.94 18.06 -7.28
CA GLU A 68 34.84 19.12 -6.85
C GLU A 68 34.81 20.29 -7.84
N VAL A 69 34.64 21.49 -7.31
CA VAL A 69 34.57 22.70 -8.12
C VAL A 69 35.97 23.08 -8.58
N GLU A 70 36.11 23.32 -9.87
CA GLU A 70 37.38 23.91 -10.45
C GLU A 70 37.26 25.42 -10.58
N ASN A 71 36.12 25.90 -11.06
CA ASN A 71 35.85 27.30 -11.25
C ASN A 71 34.60 27.72 -10.54
N SER A 72 34.70 28.65 -9.61
CA SER A 72 33.53 29.14 -8.87
C SER A 72 32.54 29.88 -9.78
N MET A 73 31.24 29.67 -9.53
CA MET A 73 30.22 30.10 -10.44
C MET A 73 29.42 31.22 -9.83
N GLU A 74 29.94 31.84 -8.77
CA GLU A 74 29.16 32.86 -8.02
C GLU A 74 28.71 34.05 -8.88
N LYS A 75 29.40 34.32 -9.97
CA LYS A 75 28.98 35.42 -10.86
C LYS A 75 27.64 35.10 -11.57
N HIS A 76 27.27 33.82 -11.65
CA HIS A 76 26.09 33.44 -12.40
C HIS A 76 25.04 32.73 -11.56
N THR A 77 25.44 32.12 -10.43
CA THR A 77 24.49 31.44 -9.54
C THR A 77 24.98 31.60 -8.07
N ARG A 78 24.04 31.84 -7.18
CA ARG A 78 24.36 31.80 -5.76
C ARG A 78 24.40 30.35 -5.19
N ALA A 79 24.32 29.32 -6.01
CA ALA A 79 24.34 27.91 -5.50
C ALA A 79 25.54 27.64 -4.62
N ALA A 80 25.26 27.27 -3.38
CA ALA A 80 26.34 27.12 -2.40
C ALA A 80 27.39 26.11 -2.84
N PHE A 81 26.97 24.98 -3.44
CA PHE A 81 27.96 23.94 -3.75
C PHE A 81 28.90 24.33 -4.88
N LEU A 82 28.58 25.45 -5.54
CA LEU A 82 29.44 25.92 -6.64
C LEU A 82 30.18 27.24 -6.31
N SER A 83 30.25 27.58 -5.04
CA SER A 83 30.60 28.93 -4.64
C SER A 83 32.11 29.17 -4.54
N GLU A 84 32.93 28.13 -4.47
CA GLU A 84 34.37 28.30 -4.24
C GLU A 84 35.15 27.23 -5.00
N GLU A 85 36.28 27.64 -5.55
CA GLU A 85 37.25 26.67 -6.06
C GLU A 85 37.63 25.66 -4.99
N GLY A 86 37.68 24.39 -5.37
CA GLY A 86 38.10 23.32 -4.47
C GLY A 86 36.99 22.74 -3.60
N LYS A 87 35.84 23.35 -3.61
CA LYS A 87 34.74 22.90 -2.77
C LYS A 87 34.24 21.54 -3.21
N GLN A 88 34.20 20.59 -2.27
CA GLN A 88 33.81 19.22 -2.53
C GLN A 88 32.43 18.96 -1.96
N THR A 89 31.60 18.27 -2.77
CA THR A 89 30.23 17.88 -2.39
C THR A 89 30.08 16.40 -2.69
N ASP A 90 29.58 15.62 -1.70
CA ASP A 90 29.26 14.22 -1.91
C ASP A 90 28.12 14.08 -2.93
N VAL A 91 28.17 13.00 -3.73
CA VAL A 91 27.12 12.67 -4.68
C VAL A 91 26.72 11.20 -4.50
N PHE A 92 25.47 10.92 -4.92
CA PHE A 92 25.00 9.63 -5.32
C PHE A 92 24.48 9.66 -6.73
N VAL A 93 24.93 8.72 -7.56
CA VAL A 93 24.58 8.67 -8.99
C VAL A 93 23.91 7.35 -9.33
N ARG A 94 22.82 7.41 -10.07
CA ARG A 94 22.20 6.21 -10.69
C ARG A 94 22.15 6.36 -12.21
N PHE A 95 22.73 5.39 -12.88
CA PHE A 95 22.65 5.20 -14.30
C PHE A 95 21.63 4.17 -14.65
N SER A 96 21.03 4.28 -15.82
CA SER A 96 19.91 3.35 -16.18
C SER A 96 19.69 3.28 -17.71
N THR A 97 18.94 2.26 -18.13
CA THR A 97 18.24 2.26 -19.37
C THR A 97 16.89 2.89 -19.15
N VAL A 98 15.97 2.76 -20.10
CA VAL A 98 14.69 3.44 -19.96
C VAL A 98 13.43 2.55 -19.97
N ILE A 99 13.25 1.79 -21.02
CA ILE A 99 11.96 1.26 -21.31
C ILE A 99 11.70 -0.11 -20.63
N HIS A 100 12.67 -0.99 -20.71
CA HIS A 100 12.35 -2.37 -20.29
C HIS A 100 12.49 -2.53 -18.81
N PRO A 101 11.94 -3.65 -18.26
CA PRO A 101 11.86 -3.74 -16.76
C PRO A 101 13.20 -4.04 -16.09
N LYS A 102 13.16 -4.22 -14.75
N LYS A 102 13.18 -4.14 -14.75
CA LYS A 102 14.25 -4.81 -13.99
CA LYS A 102 14.36 -4.30 -13.92
C LYS A 102 14.60 -6.14 -14.64
C LYS A 102 15.46 -5.25 -14.37
N GLY A 103 15.89 -6.46 -14.65
N GLY A 103 15.09 -6.42 -14.89
CA GLY A 103 16.32 -7.69 -15.20
CA GLY A 103 16.09 -7.48 -15.21
C GLY A 103 16.60 -7.59 -16.70
C GLY A 103 16.52 -7.55 -16.66
N SER A 104 16.17 -6.52 -17.39
CA SER A 104 16.34 -6.45 -18.86
C SER A 104 17.79 -6.20 -19.20
N PRO A 105 18.20 -6.56 -20.43
CA PRO A 105 19.59 -6.37 -20.82
C PRO A 105 20.02 -4.91 -20.97
N GLU A 106 21.29 -4.69 -20.74
CA GLU A 106 21.89 -3.40 -20.85
C GLU A 106 22.56 -3.10 -22.21
N THR A 107 22.23 -3.97 -23.15
CA THR A 107 22.66 -3.90 -24.56
C THR A 107 21.57 -3.41 -25.52
N LEU A 108 20.41 -3.01 -24.99
CA LEU A 108 19.31 -2.51 -25.80
C LEU A 108 19.49 -1.05 -26.19
N ARG A 109 18.89 -0.66 -27.29
CA ARG A 109 18.90 0.74 -27.68
C ARG A 109 17.94 1.56 -26.75
N ASP A 110 18.40 2.72 -26.26
CA ASP A 110 17.63 3.54 -25.35
C ASP A 110 18.53 4.72 -25.02
N PRO A 111 17.91 5.85 -24.62
CA PRO A 111 18.69 6.80 -23.81
C PRO A 111 19.17 6.09 -22.56
N ARG A 112 20.20 6.63 -21.92
CA ARG A 112 20.63 6.15 -20.64
C ARG A 112 20.39 7.31 -19.67
N GLY A 113 19.87 6.94 -18.53
CA GLY A 113 19.74 7.86 -17.41
C GLY A 113 21.04 8.13 -16.77
N PHE A 114 21.16 9.36 -16.26
CA PHE A 114 22.36 9.86 -15.65
C PHE A 114 21.88 10.81 -14.53
N ALA A 115 21.56 10.24 -13.39
CA ALA A 115 20.90 11.02 -12.31
C ALA A 115 21.90 11.25 -11.21
N VAL A 116 22.12 12.50 -10.84
CA VAL A 116 23.13 12.88 -9.85
C VAL A 116 22.47 13.65 -8.72
N LYS A 117 22.67 13.15 -7.51
CA LYS A 117 22.17 13.76 -6.27
C LYS A 117 23.36 14.36 -5.57
N PHE A 118 23.34 15.68 -5.42
CA PHE A 118 24.42 16.44 -4.74
C PHE A 118 23.93 16.77 -3.33
N TYR A 119 24.64 16.24 -2.34
CA TYR A 119 24.27 16.49 -0.94
C TYR A 119 24.86 17.84 -0.42
N THR A 120 24.19 18.97 -0.71
CA THR A 120 24.81 20.28 -0.50
C THR A 120 24.50 20.80 0.88
N GLU A 121 25.23 21.84 1.28
CA GLU A 121 24.95 22.46 2.56
C GLU A 121 23.62 23.21 2.61
N GLU A 122 23.02 23.53 1.46
CA GLU A 122 21.72 24.20 1.38
C GLU A 122 20.58 23.26 0.92
N GLY A 123 20.83 21.94 1.06
CA GLY A 123 19.84 20.93 0.75
C GLY A 123 20.32 20.05 -0.38
N ASN A 124 19.55 18.97 -0.64
CA ASN A 124 19.91 18.10 -1.76
C ASN A 124 19.53 18.74 -3.08
N TYR A 125 20.45 18.66 -4.06
CA TYR A 125 20.21 19.10 -5.42
C TYR A 125 20.27 17.89 -6.36
N ASP A 126 19.19 17.59 -7.08
CA ASP A 126 19.21 16.49 -8.06
C ASP A 126 19.26 17.04 -9.44
N LEU A 127 20.25 16.60 -10.21
CA LEU A 127 20.29 16.91 -11.61
C LEU A 127 19.98 15.58 -12.32
N VAL A 128 18.75 15.44 -12.83
CA VAL A 128 18.25 14.19 -13.35
C VAL A 128 18.35 14.20 -14.87
N GLY A 129 19.51 13.79 -15.33
CA GLY A 129 19.88 13.87 -16.75
C GLY A 129 19.70 12.55 -17.47
N ASN A 130 20.03 12.61 -18.76
CA ASN A 130 20.23 11.46 -19.62
C ASN A 130 21.57 11.63 -20.35
N ASN A 131 22.05 10.60 -21.03
CA ASN A 131 23.24 10.80 -21.87
C ASN A 131 22.98 11.74 -23.05
N LEU A 132 21.90 11.50 -23.80
CA LEU A 132 21.60 12.30 -24.98
C LEU A 132 21.05 13.67 -24.53
N PRO A 133 21.34 14.75 -25.29
CA PRO A 133 21.11 16.08 -24.74
C PRO A 133 19.75 16.73 -25.08
N ILE A 134 18.88 15.98 -25.76
CA ILE A 134 17.56 16.48 -26.12
C ILE A 134 16.53 15.40 -25.77
N PHE A 135 15.28 15.68 -26.07
CA PHE A 135 14.24 14.70 -25.89
C PHE A 135 13.29 14.60 -27.08
N PHE A 136 12.45 13.56 -27.05
CA PHE A 136 11.53 13.22 -28.11
C PHE A 136 10.37 14.23 -28.21
N ILE A 137 9.94 14.78 -27.06
CA ILE A 137 8.71 15.56 -26.91
C ILE A 137 9.05 16.83 -26.08
N ARG A 138 8.17 17.82 -26.10
CA ARG A 138 8.39 19.12 -25.45
C ARG A 138 7.32 19.51 -24.44
N ASP A 139 6.37 18.60 -24.15
CA ASP A 139 5.30 18.86 -23.23
C ASP A 139 5.01 17.56 -22.44
N ALA A 140 5.00 17.70 -21.11
CA ALA A 140 4.80 16.55 -20.22
C ALA A 140 3.46 15.83 -20.38
N LEU A 141 2.43 16.52 -20.90
CA LEU A 141 1.18 15.88 -21.16
C LEU A 141 1.33 14.67 -22.11
N LYS A 142 2.34 14.68 -23.00
CA LYS A 142 2.54 13.58 -23.94
C LYS A 142 3.35 12.41 -23.36
N PHE A 143 3.92 12.57 -22.19
CA PHE A 143 4.90 11.56 -21.73
C PHE A 143 4.25 10.22 -21.56
N PRO A 144 3.05 10.10 -20.97
CA PRO A 144 2.57 8.72 -20.82
C PRO A 144 2.23 8.07 -22.22
N ASP A 145 1.88 8.90 -23.19
CA ASP A 145 1.63 8.40 -24.54
C ASP A 145 2.92 7.89 -25.16
N MET A 146 3.98 8.70 -25.11
CA MET A 146 5.26 8.33 -25.64
C MET A 146 5.73 7.02 -25.02
N VAL A 147 5.73 7.00 -23.70
CA VAL A 147 6.13 5.78 -22.99
C VAL A 147 5.28 4.51 -23.36
N HIS A 148 3.95 4.62 -23.31
CA HIS A 148 3.09 3.56 -23.69
C HIS A 148 3.40 3.03 -25.11
N SER A 149 3.71 3.92 -26.02
CA SER A 149 4.08 3.50 -27.44
C SER A 149 5.41 2.72 -27.49
N LEU A 150 6.35 3.09 -26.67
CA LEU A 150 7.67 2.50 -26.64
C LEU A 150 7.74 1.25 -25.81
N LYS A 151 6.94 1.20 -24.78
CA LYS A 151 6.87 0.00 -23.89
C LYS A 151 6.38 -1.22 -24.65
N PRO A 152 6.75 -2.43 -24.14
CA PRO A 152 6.11 -3.61 -24.65
C PRO A 152 4.61 -3.45 -24.85
N ASP A 153 4.11 -3.99 -25.98
CA ASP A 153 2.73 -3.98 -26.31
C ASP A 153 1.91 -4.56 -25.19
N PRO A 154 0.74 -3.93 -24.88
CA PRO A 154 0.02 -4.28 -23.69
C PRO A 154 -0.69 -5.64 -23.81
N VAL A 155 -0.75 -6.18 -25.02
CA VAL A 155 -1.25 -7.57 -25.20
C VAL A 155 -0.11 -8.59 -25.20
N THR A 156 0.96 -8.36 -25.94
CA THR A 156 1.96 -9.35 -26.24
C THR A 156 3.13 -9.37 -25.28
N ASN A 157 3.32 -8.27 -24.56
CA ASN A 157 4.51 -8.05 -23.72
C ASN A 157 5.81 -8.03 -24.51
N ILE A 158 5.75 -7.62 -25.78
CA ILE A 158 6.93 -7.40 -26.62
C ILE A 158 6.89 -6.02 -27.23
N GLN A 159 8.02 -5.34 -27.16
CA GLN A 159 8.10 -4.03 -27.83
C GLN A 159 7.84 -4.15 -29.33
N ASP A 160 7.09 -3.18 -29.88
CA ASP A 160 6.72 -3.24 -31.31
C ASP A 160 7.04 -1.92 -31.95
N PRO A 161 8.01 -1.92 -32.87
CA PRO A 161 8.33 -0.67 -33.58
C PRO A 161 7.16 -0.06 -34.33
N ASP A 162 6.19 -0.86 -34.73
CA ASP A 162 5.03 -0.31 -35.39
C ASP A 162 4.24 0.62 -34.44
N ARG A 163 4.30 0.35 -33.13
CA ARG A 163 3.64 1.24 -32.17
C ARG A 163 4.36 2.55 -31.89
N TYR A 164 5.64 2.48 -31.59
CA TYR A 164 6.30 3.66 -31.30
C TYR A 164 6.55 4.47 -32.52
N TRP A 165 6.82 3.86 -33.68
CA TRP A 165 6.96 4.73 -34.83
C TRP A 165 5.64 5.40 -35.20
N ASP A 166 4.48 4.78 -34.90
CA ASP A 166 3.18 5.46 -35.09
C ASP A 166 3.15 6.77 -34.32
N PHE A 167 3.45 6.68 -33.04
CA PHE A 167 3.48 7.85 -32.19
C PHE A 167 4.52 8.86 -32.67
N MET A 168 5.75 8.41 -32.88
CA MET A 168 6.84 9.37 -33.21
C MET A 168 6.59 10.09 -34.49
N THR A 169 6.12 9.36 -35.54
CA THR A 169 5.88 9.99 -36.82
C THR A 169 4.83 11.10 -36.77
N LEU A 170 3.84 10.88 -35.93
CA LEU A 170 2.77 11.84 -35.67
C LEU A 170 3.14 12.93 -34.67
N THR A 171 4.39 12.88 -34.20
CA THR A 171 4.97 13.79 -33.19
C THR A 171 6.31 14.24 -33.75
N PRO A 172 6.27 15.08 -34.82
CA PRO A 172 7.48 15.34 -35.59
C PRO A 172 8.56 16.05 -34.79
N GLU A 173 8.22 16.67 -33.66
CA GLU A 173 9.29 17.23 -32.83
C GLU A 173 10.28 16.20 -32.32
N SER A 174 9.94 14.90 -32.47
CA SER A 174 10.83 13.83 -32.12
C SER A 174 12.00 13.59 -33.09
N THR A 175 12.00 14.28 -34.21
CA THR A 175 12.93 13.96 -35.31
C THR A 175 14.42 14.16 -34.89
N HIS A 176 14.72 15.26 -34.17
CA HIS A 176 16.08 15.49 -33.70
C HIS A 176 16.53 14.37 -32.75
N MET A 177 15.70 14.02 -31.79
CA MET A 177 16.05 12.95 -30.87
C MET A 177 16.35 11.66 -31.57
N LEU A 178 15.50 11.30 -32.52
CA LEU A 178 15.64 10.00 -33.19
C LEU A 178 16.93 10.00 -34.03
N THR A 179 17.35 11.17 -34.51
CA THR A 179 18.63 11.31 -35.29
C THR A 179 19.86 11.08 -34.39
N TRP A 180 19.72 11.31 -33.09
CA TRP A 180 20.72 10.87 -32.12
C TRP A 180 20.58 9.45 -31.63
N LEU A 181 19.36 9.03 -31.30
CA LEU A 181 19.11 7.71 -30.74
C LEU A 181 19.37 6.56 -31.71
N PHE A 182 19.18 6.79 -33.01
CA PHE A 182 19.54 5.79 -33.97
C PHE A 182 20.94 5.91 -34.57
N SER A 183 21.74 6.83 -34.07
CA SER A 183 23.22 6.69 -34.19
C SER A 183 23.65 5.56 -33.33
N ASP A 184 24.92 5.19 -33.36
CA ASP A 184 25.30 4.09 -32.48
C ASP A 184 25.33 4.54 -30.99
N GLU A 185 25.24 5.85 -30.75
CA GLU A 185 25.15 6.37 -29.39
C GLU A 185 23.86 5.92 -28.71
N GLY A 186 22.91 5.37 -29.48
CA GLY A 186 21.72 4.75 -28.85
C GLY A 186 22.07 3.52 -28.02
N ILE A 187 23.30 2.99 -28.15
CA ILE A 187 23.79 1.85 -27.33
C ILE A 187 25.18 2.23 -26.84
N PRO A 188 25.26 2.97 -25.76
CA PRO A 188 26.57 3.13 -25.13
C PRO A 188 27.25 1.84 -24.74
N ALA A 189 28.58 1.82 -24.80
CA ALA A 189 29.32 0.61 -24.45
C ALA A 189 29.16 0.17 -23.00
N ASN A 190 29.05 1.17 -22.12
CA ASN A 190 28.80 0.98 -20.72
C ASN A 190 28.42 2.31 -20.11
N TYR A 191 28.25 2.37 -18.79
CA TYR A 191 27.86 3.60 -18.15
C TYR A 191 29.01 4.62 -17.93
N ALA A 192 30.26 4.14 -17.96
CA ALA A 192 31.45 4.99 -17.79
C ALA A 192 31.84 5.73 -19.04
N GLU A 193 31.70 5.08 -20.20
CA GLU A 193 32.14 5.66 -21.47
C GLU A 193 31.01 6.31 -22.22
N MET A 194 30.42 7.30 -21.58
CA MET A 194 29.12 7.80 -21.90
C MET A 194 28.99 9.25 -21.54
N ARG A 195 28.30 9.98 -22.40
CA ARG A 195 28.00 11.41 -22.20
C ARG A 195 26.97 11.58 -21.11
N GLY A 196 26.91 12.78 -20.53
CA GLY A 196 25.75 13.16 -19.66
C GLY A 196 25.26 14.51 -20.02
N SER A 197 23.96 14.77 -19.83
CA SER A 197 23.34 16.02 -20.25
C SER A 197 22.23 16.36 -19.27
N GLY A 198 22.09 17.64 -18.89
CA GLY A 198 20.88 18.06 -18.17
C GLY A 198 19.61 18.09 -19.00
N VAL A 199 19.80 18.15 -20.32
CA VAL A 199 18.75 18.21 -21.33
C VAL A 199 18.05 19.57 -21.28
N HIS A 200 17.32 19.87 -20.23
CA HIS A 200 16.64 21.18 -20.15
C HIS A 200 17.55 22.33 -19.93
N THR A 201 17.07 23.49 -20.38
CA THR A 201 17.47 24.76 -19.90
C THR A 201 16.95 24.97 -18.49
N PHE A 202 17.85 25.40 -17.61
CA PHE A 202 17.47 25.86 -16.30
C PHE A 202 17.77 27.33 -16.17
N ARG A 203 17.32 27.91 -15.07
CA ARG A 203 17.67 29.31 -14.72
C ARG A 203 18.68 29.34 -13.57
N TRP A 204 19.76 30.07 -13.77
CA TRP A 204 20.69 30.35 -12.71
C TRP A 204 20.53 31.77 -12.25
N VAL A 205 20.47 31.96 -10.92
CA VAL A 205 20.18 33.23 -10.33
C VAL A 205 21.30 33.56 -9.35
N ASN A 206 21.92 34.73 -9.53
CA ASN A 206 23.04 35.10 -8.65
C ASN A 206 22.57 35.91 -7.43
N LYS A 207 23.51 36.29 -6.56
CA LYS A 207 23.15 36.99 -5.36
C LYS A 207 22.56 38.42 -5.57
N TYR A 208 22.75 39.00 -6.74
CA TYR A 208 22.12 40.28 -7.11
C TYR A 208 20.75 40.07 -7.74
N GLY A 209 20.33 38.82 -7.85
CA GLY A 209 19.01 38.50 -8.44
C GLY A 209 19.02 38.48 -9.95
N GLU A 210 20.18 38.47 -10.56
CA GLU A 210 20.29 38.40 -12.02
C GLU A 210 20.19 36.96 -12.49
N THR A 211 19.47 36.72 -13.58
CA THR A 211 19.18 35.38 -14.10
C THR A 211 19.79 35.17 -15.49
N LYS A 212 20.39 34.01 -15.66
CA LYS A 212 20.81 33.50 -16.97
C LYS A 212 20.14 32.15 -17.19
N TYR A 213 19.98 31.80 -18.46
CA TYR A 213 19.72 30.40 -18.83
C TYR A 213 21.00 29.57 -18.82
N VAL A 214 20.85 28.29 -18.40
CA VAL A 214 21.99 27.39 -18.31
C VAL A 214 21.63 26.05 -18.85
N LYS A 215 22.60 25.44 -19.50
CA LYS A 215 22.60 24.03 -19.82
C LYS A 215 23.83 23.34 -19.25
N TYR A 216 23.63 22.10 -18.82
CA TYR A 216 24.66 21.27 -18.20
C TYR A 216 25.15 20.09 -19.11
N HIS A 217 26.46 19.84 -19.08
CA HIS A 217 27.03 18.75 -19.87
C HIS A 217 28.07 18.00 -19.05
N TRP A 218 28.06 16.70 -19.06
CA TRP A 218 29.04 15.91 -18.42
C TRP A 218 29.87 15.26 -19.51
N ARG A 219 31.20 15.37 -19.41
CA ARG A 219 32.15 14.81 -20.39
C ARG A 219 32.99 13.71 -19.73
N PRO A 220 32.85 12.46 -20.17
CA PRO A 220 33.51 11.33 -19.53
C PRO A 220 35.03 11.34 -19.65
N SER A 221 35.72 11.12 -18.55
CA SER A 221 37.18 11.01 -18.56
C SER A 221 37.56 9.78 -19.32
N GLU A 222 36.68 8.77 -19.37
CA GLU A 222 36.95 7.56 -20.13
C GLU A 222 36.62 7.61 -21.63
N GLY A 223 36.13 8.75 -22.11
CA GLY A 223 35.75 8.95 -23.50
C GLY A 223 34.38 8.38 -23.74
N ILE A 224 33.74 8.77 -24.83
CA ILE A 224 32.47 8.22 -25.28
C ILE A 224 32.74 7.06 -26.22
N ARG A 225 32.20 5.89 -25.90
CA ARG A 225 32.31 4.70 -26.75
C ARG A 225 30.92 4.05 -26.87
N ASN A 226 30.59 3.58 -28.06
CA ASN A 226 29.27 3.07 -28.40
C ASN A 226 29.37 1.69 -28.95
N LEU A 227 28.23 1.01 -29.07
CA LEU A 227 28.20 -0.31 -29.68
C LEU A 227 27.35 -0.35 -30.93
N SER A 228 27.88 -0.96 -32.02
CA SER A 228 27.04 -1.27 -33.17
C SER A 228 25.96 -2.27 -32.75
N MET A 229 24.92 -2.46 -33.59
CA MET A 229 23.99 -3.49 -33.33
C MET A 229 24.63 -4.87 -33.19
N GLU A 230 25.62 -5.17 -34.03
CA GLU A 230 26.34 -6.44 -33.94
C GLU A 230 27.18 -6.58 -32.69
N GLU A 231 27.83 -5.50 -32.26
CA GLU A 231 28.66 -5.54 -31.03
C GLU A 231 27.75 -5.71 -29.81
N ALA A 232 26.61 -5.05 -29.84
CA ALA A 232 25.60 -5.21 -28.73
C ALA A 232 25.09 -6.63 -28.62
N ALA A 233 24.78 -7.26 -29.77
CA ALA A 233 24.29 -8.64 -29.78
C ALA A 233 25.36 -9.58 -29.28
N GLU A 234 26.61 -9.41 -29.67
CA GLU A 234 27.70 -10.24 -29.12
C GLU A 234 27.83 -10.21 -27.58
N ILE A 235 27.70 -9.01 -27.02
CA ILE A 235 27.72 -8.83 -25.56
C ILE A 235 26.46 -9.49 -24.98
N GLN A 236 25.32 -9.22 -25.59
CA GLN A 236 24.04 -9.69 -25.02
C GLN A 236 24.01 -11.22 -24.90
N ALA A 237 24.69 -11.93 -25.83
CA ALA A 237 24.71 -13.35 -25.78
C ALA A 237 25.23 -13.90 -24.48
N ASN A 238 26.22 -13.21 -23.89
CA ASN A 238 26.91 -13.74 -22.72
C ASN A 238 26.67 -12.96 -21.43
N ASP A 239 26.14 -11.76 -21.50
CA ASP A 239 25.88 -10.98 -20.27
C ASP A 239 24.73 -10.01 -20.49
N PHE A 240 23.69 -10.16 -19.71
CA PHE A 240 22.57 -9.18 -19.78
C PHE A 240 22.66 -8.06 -18.72
N GLN A 241 23.75 -7.97 -17.99
CA GLN A 241 23.98 -6.92 -17.03
C GLN A 241 25.42 -6.39 -17.11
N HIS A 242 25.90 -6.24 -18.35
CA HIS A 242 27.32 -5.91 -18.57
C HIS A 242 27.69 -4.52 -18.05
N ALA A 243 26.77 -3.55 -18.09
CA ALA A 243 27.08 -2.21 -17.69
C ALA A 243 27.07 -2.05 -16.17
N THR A 244 26.10 -2.72 -15.51
CA THR A 244 26.10 -2.83 -14.06
C THR A 244 27.41 -3.48 -13.58
N ARG A 245 27.79 -4.58 -14.23
CA ARG A 245 29.02 -5.28 -13.86
C ARG A 245 30.25 -4.40 -14.01
N ASP A 246 30.32 -3.76 -15.16
CA ASP A 246 31.46 -2.90 -15.48
C ASP A 246 31.62 -1.81 -14.43
N LEU A 247 30.50 -1.13 -14.09
CA LEU A 247 30.59 -0.02 -13.13
C LEU A 247 31.11 -0.47 -11.77
N TYR A 248 30.54 -1.57 -11.26
CA TYR A 248 30.91 -2.07 -9.99
C TYR A 248 32.38 -2.42 -10.02
N ASP A 249 32.77 -3.12 -11.07
CA ASP A 249 34.15 -3.66 -11.18
CA ASP A 249 34.14 -3.67 -11.17
C ASP A 249 35.20 -2.60 -11.30
N ARG A 250 34.91 -1.54 -12.07
CA ARG A 250 35.82 -0.35 -12.11
C ARG A 250 36.08 0.24 -10.72
N ILE A 251 35.01 0.46 -9.97
CA ILE A 251 35.13 1.05 -8.68
C ILE A 251 35.79 0.08 -7.67
N GLU A 252 35.44 -1.19 -7.71
CA GLU A 252 36.03 -2.14 -6.77
C GLU A 252 37.57 -2.24 -7.05
N LYS A 253 37.99 -2.12 -8.32
CA LYS A 253 39.43 -2.17 -8.65
C LYS A 253 40.20 -0.88 -8.44
N GLY A 254 39.49 0.21 -8.15
CA GLY A 254 40.14 1.52 -7.96
C GLY A 254 40.32 2.30 -9.22
N ASN A 255 39.69 1.85 -10.29
CA ASN A 255 39.73 2.56 -11.54
C ASN A 255 38.51 3.51 -11.67
N TYR A 256 38.51 4.61 -10.92
CA TYR A 256 37.26 5.32 -10.69
C TYR A 256 36.90 6.11 -11.96
N PRO A 257 35.66 5.96 -12.48
CA PRO A 257 35.24 6.79 -13.62
C PRO A 257 34.89 8.19 -13.21
N ALA A 258 35.12 9.14 -14.10
CA ALA A 258 34.91 10.52 -13.76
C ALA A 258 34.29 11.26 -14.93
N TRP A 259 33.67 12.39 -14.63
CA TRP A 259 33.12 13.26 -15.69
C TRP A 259 33.38 14.68 -15.33
N ASP A 260 33.80 15.46 -16.33
CA ASP A 260 33.90 16.88 -16.14
C ASP A 260 32.58 17.56 -16.41
N LEU A 261 32.17 18.49 -15.53
CA LEU A 261 30.98 19.25 -15.72
C LEU A 261 31.29 20.55 -16.42
N TYR A 262 30.60 20.80 -17.54
CA TYR A 262 30.62 22.07 -18.23
C TYR A 262 29.24 22.67 -18.27
N VAL A 263 29.15 23.99 -18.36
CA VAL A 263 27.88 24.65 -18.65
C VAL A 263 27.96 25.57 -19.84
N GLN A 264 26.81 25.78 -20.48
CA GLN A 264 26.63 26.89 -21.41
C GLN A 264 25.71 27.86 -20.74
N LEU A 265 25.97 29.15 -20.98
CA LEU A 265 25.20 30.23 -20.40
C LEU A 265 24.68 31.18 -21.48
N MET A 266 23.40 31.49 -21.41
CA MET A 266 22.72 32.30 -22.38
C MET A 266 21.90 33.35 -21.66
N PRO A 267 21.99 34.62 -22.08
CA PRO A 267 21.09 35.61 -21.58
C PRO A 267 19.63 35.39 -21.93
N LEU A 268 18.73 35.72 -20.99
CA LEU A 268 17.27 35.54 -21.21
C LEU A 268 16.85 36.25 -22.49
N SER A 269 17.53 37.36 -22.77
CA SER A 269 17.18 38.21 -23.89
C SER A 269 17.52 37.57 -25.23
N ASP A 270 18.36 36.51 -25.25
CA ASP A 270 18.64 35.88 -26.52
C ASP A 270 17.46 35.10 -27.07
N TYR A 271 16.39 34.84 -26.27
CA TYR A 271 15.19 34.17 -26.81
C TYR A 271 14.86 34.81 -28.12
N ASP A 272 14.84 36.13 -28.10
CA ASP A 272 13.99 36.81 -29.06
C ASP A 272 14.59 36.82 -30.46
N GLU A 273 15.90 36.63 -30.55
CA GLU A 273 16.57 36.60 -31.82
C GLU A 273 17.02 35.23 -32.35
N LEU A 274 16.76 34.12 -31.63
CA LEU A 274 17.03 32.75 -32.06
C LEU A 274 15.87 32.30 -32.92
N ASP A 275 16.10 31.32 -33.81
CA ASP A 275 15.01 30.75 -34.64
C ASP A 275 14.36 29.46 -34.05
N TYR A 276 14.64 29.25 -32.75
CA TYR A 276 14.02 28.19 -31.96
C TYR A 276 13.86 28.77 -30.58
N ASP A 277 13.11 28.04 -29.75
CA ASP A 277 12.85 28.42 -28.36
C ASP A 277 13.95 27.82 -27.54
N PRO A 278 14.72 28.64 -26.81
CA PRO A 278 15.85 28.08 -26.09
C PRO A 278 15.44 27.13 -24.94
N CYS A 279 14.18 27.19 -24.52
CA CYS A 279 13.58 26.22 -23.55
C CYS A 279 12.73 25.13 -24.19
N ASP A 280 12.95 24.84 -25.47
CA ASP A 280 12.36 23.66 -26.13
C ASP A 280 13.39 22.56 -25.97
N PRO A 281 13.08 21.49 -25.20
CA PRO A 281 14.07 20.42 -24.93
C PRO A 281 14.30 19.48 -26.13
N THR A 282 13.67 19.75 -27.29
CA THR A 282 14.04 19.08 -28.55
C THR A 282 15.21 19.83 -29.24
N LYS A 283 15.75 20.91 -28.62
CA LYS A 283 16.79 21.79 -29.19
C LYS A 283 18.06 21.75 -28.37
N THR A 284 19.22 21.73 -29.02
CA THR A 284 20.46 22.07 -28.37
C THR A 284 20.82 23.53 -28.66
N TRP A 285 21.86 24.02 -27.98
CA TRP A 285 22.43 25.35 -28.22
C TRP A 285 23.79 25.20 -28.84
N SER A 286 24.08 26.06 -29.82
CA SER A 286 25.35 26.00 -30.50
C SER A 286 26.53 26.15 -29.50
N GLU A 287 27.51 25.24 -29.54
CA GLU A 287 28.77 25.35 -28.75
C GLU A 287 29.73 26.40 -29.32
N GLU A 288 29.53 26.78 -30.57
CA GLU A 288 30.26 27.99 -31.09
C GLU A 288 29.71 29.25 -30.47
N ASP A 289 28.37 29.44 -30.51
CA ASP A 289 27.74 30.67 -30.03
C ASP A 289 27.64 30.77 -28.49
N TYR A 290 27.59 29.61 -27.83
CA TYR A 290 27.49 29.56 -26.36
C TYR A 290 28.52 28.47 -25.98
N PRO A 291 29.77 28.86 -25.79
CA PRO A 291 30.80 27.91 -25.52
C PRO A 291 30.68 27.20 -24.18
N LEU A 292 31.20 25.97 -24.16
CA LEU A 292 31.22 25.24 -22.90
C LEU A 292 32.21 25.88 -21.94
N GLN A 293 31.80 26.03 -20.70
CA GLN A 293 32.59 26.61 -19.61
C GLN A 293 32.77 25.57 -18.52
N LYS A 294 34.02 25.21 -18.22
CA LYS A 294 34.32 24.22 -17.21
C LYS A 294 33.89 24.67 -15.81
N VAL A 295 33.25 23.73 -15.08
CA VAL A 295 32.82 23.96 -13.71
C VAL A 295 33.56 23.13 -12.72
N GLY A 296 33.63 21.83 -12.96
CA GLY A 296 34.32 20.94 -12.08
C GLY A 296 34.26 19.49 -12.51
N ARG A 297 34.53 18.59 -11.59
CA ARG A 297 34.73 17.18 -11.92
C ARG A 297 34.09 16.32 -10.85
N MET A 298 33.37 15.32 -11.33
CA MET A 298 32.72 14.34 -10.46
C MET A 298 33.44 13.00 -10.63
N THR A 299 33.86 12.41 -9.54
CA THR A 299 34.55 11.14 -9.55
C THR A 299 33.70 10.14 -8.75
N LEU A 300 33.40 8.98 -9.30
CA LEU A 300 32.64 7.95 -8.59
C LEU A 300 33.64 6.93 -8.02
N ASN A 301 33.63 6.82 -6.70
CA ASN A 301 34.66 6.06 -6.01
C ASN A 301 34.17 5.09 -4.94
N ARG A 302 32.85 4.85 -4.84
CA ARG A 302 32.37 3.95 -3.81
C ARG A 302 31.09 3.22 -4.24
N ASN A 303 31.10 1.89 -4.17
CA ASN A 303 29.92 1.13 -4.47
C ASN A 303 29.01 1.13 -3.24
N PRO A 304 27.70 0.94 -3.44
CA PRO A 304 26.77 0.91 -2.29
C PRO A 304 26.98 -0.32 -1.49
N GLU A 305 26.54 -0.30 -0.26
CA GLU A 305 26.59 -1.52 0.58
C GLU A 305 25.47 -2.51 0.29
N ASN A 306 24.31 -2.03 -0.19
CA ASN A 306 23.15 -2.87 -0.41
C ASN A 306 22.36 -2.31 -1.56
N PHE A 307 22.24 -3.11 -2.61
CA PHE A 307 21.63 -2.60 -3.85
C PHE A 307 20.16 -2.17 -3.64
N PHE A 308 19.38 -3.01 -2.98
CA PHE A 308 18.00 -2.62 -2.75
C PHE A 308 17.87 -1.34 -1.92
N ALA A 309 18.53 -1.28 -0.75
CA ALA A 309 18.23 -0.21 0.18
C ALA A 309 18.68 1.17 -0.41
N GLU A 310 19.76 1.14 -1.21
CA GLU A 310 20.44 2.37 -1.70
C GLU A 310 20.12 2.61 -3.16
N THR A 311 20.41 1.71 -4.06
CA THR A 311 20.10 1.98 -5.45
C THR A 311 18.65 1.82 -5.84
N GLU A 312 18.02 0.75 -5.40
CA GLU A 312 16.60 0.55 -5.82
C GLU A 312 15.72 1.59 -5.16
N GLN A 313 16.00 1.98 -3.93
CA GLN A 313 15.14 2.92 -3.24
C GLN A 313 15.55 4.42 -3.47
N ALA A 314 16.58 4.69 -4.27
CA ALA A 314 16.98 6.07 -4.55
C ALA A 314 15.93 6.81 -5.23
N ALA A 315 15.76 8.05 -4.83
CA ALA A 315 14.69 8.86 -5.38
C ALA A 315 15.34 10.17 -5.81
N PHE A 316 15.19 10.51 -7.11
CA PHE A 316 15.70 11.79 -7.65
C PHE A 316 14.52 12.53 -8.18
N THR A 317 14.54 13.87 -8.09
CA THR A 317 13.55 14.69 -8.78
C THR A 317 14.14 15.93 -9.34
N PRO A 318 13.75 16.29 -10.56
CA PRO A 318 14.23 17.63 -11.07
C PRO A 318 13.79 18.83 -10.24
N SER A 319 12.69 18.69 -9.46
CA SER A 319 12.21 19.76 -8.59
C SER A 319 13.02 19.88 -7.27
N ALA A 320 14.04 19.02 -7.06
CA ALA A 320 14.94 19.16 -5.91
C ALA A 320 16.05 20.16 -6.26
N LEU A 321 15.62 21.40 -6.26
CA LEU A 321 16.46 22.53 -6.67
C LEU A 321 16.96 23.21 -5.39
N VAL A 322 18.07 23.95 -5.50
CA VAL A 322 18.68 24.62 -4.37
C VAL A 322 18.74 26.09 -4.71
N PRO A 323 18.86 26.94 -3.69
CA PRO A 323 18.92 28.39 -3.98
C PRO A 323 19.96 28.76 -5.01
N GLY A 324 19.50 29.57 -5.99
CA GLY A 324 20.33 29.93 -7.14
C GLY A 324 20.15 29.14 -8.38
N ILE A 325 19.42 28.02 -8.29
CA ILE A 325 19.13 27.17 -9.45
C ILE A 325 17.64 26.89 -9.47
N GLU A 326 17.02 27.25 -10.59
CA GLU A 326 15.55 27.27 -10.73
C GLU A 326 15.14 26.57 -12.00
N ALA A 327 13.87 26.15 -12.09
CA ALA A 327 13.33 25.61 -13.31
C ALA A 327 13.30 26.70 -14.37
N SER A 328 13.39 26.31 -15.62
CA SER A 328 12.86 27.21 -16.67
C SER A 328 11.41 26.86 -16.96
N GLU A 329 10.89 27.60 -17.91
CA GLU A 329 9.54 27.45 -18.39
C GLU A 329 9.29 26.22 -19.29
N ASP A 330 10.35 25.45 -19.60
CA ASP A 330 10.26 24.28 -20.44
C ASP A 330 9.09 23.38 -19.97
N LYS A 331 8.12 23.06 -20.87
CA LYS A 331 6.84 22.50 -20.42
C LYS A 331 7.04 21.03 -20.13
N LEU A 332 8.09 20.47 -20.67
CA LEU A 332 8.44 19.11 -20.39
C LEU A 332 8.95 19.05 -18.93
N LEU A 333 9.87 19.94 -18.63
CA LEU A 333 10.42 20.03 -17.27
C LEU A 333 9.31 20.30 -16.27
N GLN A 334 8.40 21.19 -16.60
CA GLN A 334 7.42 21.59 -15.64
C GLN A 334 6.61 20.38 -15.13
N GLY A 335 6.26 19.45 -16.02
CA GLY A 335 5.57 18.22 -15.57
C GLY A 335 6.42 17.29 -14.72
N ARG A 336 7.69 17.18 -15.06
CA ARG A 336 8.68 16.43 -14.25
C ARG A 336 8.76 16.91 -12.83
N LEU A 337 8.58 18.22 -12.63
CA LEU A 337 8.64 18.75 -11.28
C LEU A 337 7.62 18.01 -10.36
N PHE A 338 6.45 17.70 -10.90
CA PHE A 338 5.37 17.06 -10.19
C PHE A 338 5.54 15.52 -10.17
N SER A 339 5.84 14.93 -11.33
CA SER A 339 5.76 13.47 -11.51
C SER A 339 6.71 12.67 -10.67
N TYR A 340 7.91 13.17 -10.42
CA TYR A 340 8.93 12.37 -9.69
C TYR A 340 8.50 12.18 -8.21
N PRO A 341 8.22 13.25 -7.45
CA PRO A 341 7.89 13.06 -6.04
C PRO A 341 6.57 12.29 -5.99
N ASP A 342 5.71 12.50 -6.98
CA ASP A 342 4.43 11.85 -7.01
C ASP A 342 4.59 10.33 -7.13
N THR A 343 5.39 9.90 -8.11
CA THR A 343 5.59 8.45 -8.32
C THR A 343 6.32 7.88 -7.12
N GLN A 344 7.25 8.64 -6.54
CA GLN A 344 8.06 8.15 -5.37
C GLN A 344 7.29 7.90 -4.10
N ARG A 345 6.29 8.73 -3.84
CA ARG A 345 5.33 8.52 -2.76
C ARG A 345 4.60 7.20 -2.89
N HIS A 346 4.22 6.84 -4.11
CA HIS A 346 3.70 5.52 -4.44
C HIS A 346 4.70 4.40 -4.36
N ARG A 347 5.83 4.56 -5.07
CA ARG A 347 6.83 3.51 -5.18
C ARG A 347 7.49 3.14 -3.85
N LEU A 348 7.70 4.16 -3.01
CA LEU A 348 8.60 4.04 -1.83
C LEU A 348 7.94 4.34 -0.48
N GLY A 349 6.78 5.02 -0.47
CA GLY A 349 6.12 5.46 0.70
C GLY A 349 6.08 6.97 0.88
N ALA A 350 5.11 7.42 1.63
CA ALA A 350 5.02 8.84 1.98
C ALA A 350 6.31 9.43 2.60
N ASN A 351 6.98 8.61 3.39
CA ASN A 351 8.24 8.98 4.08
C ASN A 351 9.52 8.59 3.38
N TYR A 352 9.47 8.55 2.04
CA TYR A 352 10.60 8.04 1.28
C TYR A 352 11.83 8.93 1.43
N MET A 353 11.59 10.21 1.77
CA MET A 353 12.71 11.15 2.01
C MET A 353 13.47 10.91 3.30
N ARG A 354 13.02 9.96 4.15
CA ARG A 354 13.75 9.52 5.28
C ARG A 354 14.61 8.22 5.01
N ILE A 355 14.48 7.62 3.84
CA ILE A 355 15.32 6.48 3.51
C ILE A 355 16.76 7.02 3.39
N PRO A 356 17.74 6.33 4.00
CA PRO A 356 19.08 6.94 4.10
C PRO A 356 19.63 7.61 2.84
N VAL A 357 19.65 6.92 1.71
CA VAL A 357 20.22 7.47 0.52
C VAL A 357 19.54 8.77 0.06
N ASN A 358 18.28 8.95 0.41
CA ASN A 358 17.52 10.17 0.05
C ASN A 358 17.60 11.34 1.03
N CYS A 359 18.15 11.07 2.20
CA CYS A 359 18.20 12.04 3.29
C CYS A 359 19.20 13.13 2.90
N PRO A 360 18.84 14.36 3.13
CA PRO A 360 19.84 15.43 3.02
C PRO A 360 20.88 15.42 4.12
N TYR A 361 22.01 16.10 3.84
CA TYR A 361 23.00 16.38 4.85
C TYR A 361 22.63 17.62 5.64
N ALA A 362 22.00 18.56 5.00
CA ALA A 362 21.43 19.72 5.65
C ALA A 362 20.28 19.31 6.59
N PRO A 363 20.10 20.03 7.69
CA PRO A 363 19.04 19.74 8.61
C PRO A 363 17.66 19.88 7.99
N VAL A 364 16.77 19.00 8.39
CA VAL A 364 15.37 19.10 8.00
C VAL A 364 14.54 19.47 9.26
N HIS A 365 13.77 20.53 9.19
CA HIS A 365 12.92 20.93 10.29
C HIS A 365 11.64 21.44 9.67
N ASN A 366 10.53 20.75 9.93
CA ASN A 366 9.24 21.24 9.44
C ASN A 366 8.10 20.70 10.22
N ASN A 367 6.87 21.05 9.82
CA ASN A 367 5.66 20.68 10.54
C ASN A 367 4.89 19.49 9.94
N GLN A 368 5.57 18.74 9.06
CA GLN A 368 4.93 17.52 8.52
C GLN A 368 4.98 16.46 9.58
N GLN A 369 4.10 15.53 9.48
CA GLN A 369 4.04 14.46 10.46
C GLN A 369 3.47 13.20 9.87
N ASP A 370 3.78 12.10 10.58
CA ASP A 370 3.04 10.80 10.52
C ASP A 370 3.32 10.17 9.12
N GLY A 371 2.32 9.49 8.59
CA GLY A 371 2.54 8.68 7.40
C GLY A 371 3.14 7.30 7.71
N PHE A 372 2.94 6.37 6.75
N PHE A 372 2.95 6.40 6.76
CA PHE A 372 3.40 4.96 6.89
CA PHE A 372 3.43 5.05 6.80
C PHE A 372 4.87 4.98 7.26
C PHE A 372 4.88 4.98 7.22
N MET A 373 5.18 4.11 8.18
CA MET A 373 6.56 3.84 8.59
C MET A 373 7.24 5.07 9.08
N THR A 374 6.64 5.67 10.10
CA THR A 374 7.30 6.74 10.86
C THR A 374 8.38 6.18 11.79
N THR A 375 9.65 6.39 11.41
CA THR A 375 10.74 5.81 12.17
C THR A 375 11.63 6.86 12.84
N THR A 376 11.31 8.15 12.72
CA THR A 376 12.23 9.26 13.10
C THR A 376 12.11 9.77 14.57
N ARG A 377 11.35 9.10 15.42
CA ARG A 377 11.24 9.49 16.82
C ARG A 377 10.85 10.98 16.98
N PRO A 378 9.73 11.34 16.42
CA PRO A 378 9.25 12.69 16.60
C PRO A 378 8.90 13.04 18.03
N SER A 379 8.94 14.33 18.31
CA SER A 379 8.56 14.86 19.62
C SER A 379 8.08 16.25 19.53
N GLY A 380 7.48 16.73 20.63
CA GLY A 380 7.03 18.12 20.72
C GLY A 380 5.55 18.29 20.42
N HIS A 381 4.97 19.39 20.94
CA HIS A 381 3.56 19.69 20.78
C HIS A 381 3.19 20.53 19.58
N ILE A 382 4.19 21.11 18.92
CA ILE A 382 3.92 22.23 18.01
C ILE A 382 4.25 21.74 16.59
N ASN A 383 3.17 21.57 15.82
CA ASN A 383 3.27 21.08 14.45
C ASN A 383 2.52 21.97 13.46
N TYR A 384 2.54 23.26 13.73
CA TYR A 384 1.80 24.27 12.96
C TYR A 384 2.55 25.60 13.04
N GLU A 385 2.41 26.40 11.97
CA GLU A 385 3.03 27.73 11.89
C GLU A 385 2.07 28.55 11.12
N PRO A 386 1.86 29.84 11.50
CA PRO A 386 2.48 30.55 12.64
C PRO A 386 2.13 30.00 14.01
N ASN A 387 3.08 30.19 14.93
CA ASN A 387 2.90 29.88 16.31
C ASN A 387 3.65 30.95 17.13
N ARG A 388 3.40 30.91 18.42
CA ARG A 388 3.95 31.92 19.34
C ARG A 388 5.34 31.65 19.85
N TYR A 389 6.01 30.66 19.30
CA TYR A 389 7.24 30.14 19.88
C TYR A 389 8.42 30.52 18.99
N ASP A 390 9.31 31.32 19.54
CA ASP A 390 10.44 31.83 18.74
C ASP A 390 11.47 30.81 18.32
N ASP A 391 11.55 29.73 19.08
CA ASP A 391 12.48 28.61 18.93
C ASP A 391 12.00 27.56 17.87
N GLN A 392 10.72 27.61 17.48
CA GLN A 392 10.18 26.68 16.50
C GLN A 392 10.63 27.14 15.11
N PRO A 393 10.67 26.24 14.14
CA PRO A 393 11.12 26.60 12.81
C PRO A 393 10.34 27.73 12.17
N LYS A 394 11.04 28.68 11.58
CA LYS A 394 10.43 29.80 10.88
C LYS A 394 10.95 29.91 9.48
N GLU A 395 10.12 30.47 8.63
CA GLU A 395 10.54 30.81 7.27
C GLU A 395 11.74 31.77 7.31
N ASN A 396 12.54 31.75 6.27
CA ASN A 396 13.70 32.59 6.15
C ASN A 396 13.72 33.29 4.77
N PRO A 397 13.38 34.57 4.73
CA PRO A 397 13.24 35.28 3.47
C PRO A 397 14.50 35.37 2.59
N HIS A 398 15.68 35.21 3.18
CA HIS A 398 16.95 35.14 2.39
C HIS A 398 16.90 34.04 1.36
N TYR A 399 15.98 33.08 1.54
CA TYR A 399 15.95 31.90 0.65
C TYR A 399 14.78 31.91 -0.29
N LYS A 400 14.11 33.04 -0.47
CA LYS A 400 13.08 33.12 -1.49
C LYS A 400 13.63 32.88 -2.91
N GLU A 401 12.76 32.37 -3.77
CA GLU A 401 13.18 32.15 -5.15
C GLU A 401 12.99 33.46 -5.91
N SER A 402 13.53 33.50 -7.11
CA SER A 402 13.29 34.63 -8.01
C SER A 402 11.81 34.74 -8.40
N GLU A 403 11.49 35.85 -9.07
CA GLU A 403 10.17 36.08 -9.66
C GLU A 403 10.15 36.20 -11.21
N PRO A 404 10.15 35.09 -11.91
CA PRO A 404 10.28 35.17 -13.37
C PRO A 404 9.17 36.00 -14.00
N VAL A 405 9.55 36.75 -15.03
CA VAL A 405 8.62 37.49 -15.78
C VAL A 405 7.79 36.54 -16.66
N LEU A 406 6.47 36.76 -16.67
CA LEU A 406 5.56 36.04 -17.53
C LEU A 406 5.29 36.85 -18.82
N HIS A 407 5.41 36.21 -19.96
CA HIS A 407 5.22 36.92 -21.22
C HIS A 407 3.78 36.78 -21.70
N GLY A 408 3.09 35.77 -21.25
CA GLY A 408 1.67 35.61 -21.62
C GLY A 408 0.69 36.25 -20.68
N ASP A 409 -0.51 36.52 -21.19
CA ASP A 409 -1.51 37.23 -20.44
C ASP A 409 -2.81 36.42 -20.25
N ARG A 410 -2.83 35.18 -20.75
CA ARG A 410 -3.95 34.26 -20.56
C ARG A 410 -3.46 32.86 -20.19
N MET A 411 -4.34 32.14 -19.52
CA MET A 411 -4.15 30.70 -19.31
C MET A 411 -4.52 30.00 -20.58
N VAL A 412 -3.53 29.38 -21.21
CA VAL A 412 -3.75 28.75 -22.52
CA VAL A 412 -3.74 28.75 -22.51
C VAL A 412 -3.21 27.33 -22.61
N ARG A 413 -3.76 26.59 -23.55
CA ARG A 413 -3.16 25.35 -24.06
C ARG A 413 -2.79 25.55 -25.50
N GLN A 414 -1.52 25.76 -25.74
CA GLN A 414 -1.08 26.16 -27.04
C GLN A 414 0.37 25.80 -27.23
N LYS A 415 0.70 25.30 -28.40
CA LYS A 415 2.10 24.98 -28.67
C LYS A 415 2.99 26.21 -28.63
N ILE A 416 4.25 26.02 -28.25
CA ILE A 416 5.19 27.11 -28.30
C ILE A 416 5.30 27.66 -29.75
N GLU A 417 5.66 28.93 -29.82
CA GLU A 417 6.07 29.48 -31.10
C GLU A 417 7.47 29.02 -31.47
N LYS A 418 7.81 29.16 -32.75
CA LYS A 418 9.06 28.64 -33.31
C LYS A 418 9.39 27.17 -32.99
N PRO A 419 8.46 26.26 -33.23
CA PRO A 419 8.76 24.84 -32.90
C PRO A 419 9.93 24.31 -33.75
N ASN A 420 10.01 24.73 -35.04
CA ASN A 420 11.21 24.45 -35.86
C ASN A 420 11.65 22.99 -35.72
N ASP A 421 10.79 22.10 -36.14
CA ASP A 421 10.93 20.65 -35.78
C ASP A 421 12.04 19.92 -36.49
N PHE A 422 12.54 20.47 -37.61
CA PHE A 422 13.41 19.71 -38.52
C PHE A 422 14.82 20.23 -38.70
N LYS A 423 15.06 21.50 -38.34
CA LYS A 423 16.31 22.11 -38.71
C LYS A 423 17.50 21.52 -37.98
N GLN A 424 17.39 21.34 -36.65
CA GLN A 424 18.55 20.81 -35.91
C GLN A 424 18.76 19.30 -36.20
N ALA A 425 17.72 18.55 -36.54
CA ALA A 425 17.89 17.17 -36.97
C ALA A 425 18.75 17.13 -38.23
N GLY A 426 18.50 18.04 -39.14
CA GLY A 426 19.32 18.16 -40.36
C GLY A 426 20.78 18.52 -40.04
N GLU A 427 20.97 19.45 -39.12
CA GLU A 427 22.31 19.87 -38.73
C GLU A 427 23.08 18.74 -38.10
N LYS A 428 22.40 17.96 -37.25
CA LYS A 428 23.06 16.83 -36.64
C LYS A 428 23.45 15.81 -37.71
N TYR A 429 22.53 15.53 -38.63
CA TYR A 429 22.80 14.54 -39.68
C TYR A 429 24.06 14.92 -40.40
N ARG A 430 24.12 16.17 -40.79
CA ARG A 430 25.25 16.64 -41.57
C ARG A 430 26.56 16.64 -40.80
N SER A 431 26.48 16.75 -39.48
CA SER A 431 27.68 16.70 -38.63
C SER A 431 28.26 15.30 -38.47
N TYR A 432 27.49 14.27 -38.85
CA TYR A 432 27.97 12.92 -38.78
C TYR A 432 29.06 12.67 -39.88
N SER A 433 30.03 11.82 -39.55
CA SER A 433 30.93 11.24 -40.53
C SER A 433 30.17 10.31 -41.44
N GLU A 434 30.75 9.94 -42.60
CA GLU A 434 30.06 9.06 -43.50
C GLU A 434 29.75 7.71 -42.81
N GLU A 435 30.70 7.21 -42.04
CA GLU A 435 30.55 5.96 -41.34
C GLU A 435 29.37 6.11 -40.37
N GLU A 436 29.30 7.23 -39.67
CA GLU A 436 28.24 7.44 -38.69
C GLU A 436 26.90 7.57 -39.41
N LYS A 437 26.87 8.23 -40.57
CA LYS A 437 25.64 8.27 -41.35
C LYS A 437 25.19 6.88 -41.79
N GLN A 438 26.12 6.06 -42.22
CA GLN A 438 25.79 4.71 -42.64
C GLN A 438 25.18 3.94 -41.48
N ALA A 439 25.73 4.14 -40.29
CA ALA A 439 25.26 3.36 -39.10
C ALA A 439 23.82 3.79 -38.81
N LEU A 440 23.59 5.07 -38.91
CA LEU A 440 22.28 5.67 -38.65
C LEU A 440 21.25 5.11 -39.58
N ILE A 441 21.58 5.12 -40.87
CA ILE A 441 20.62 4.62 -41.85
C ILE A 441 20.39 3.12 -41.66
N LYS A 442 21.43 2.39 -41.34
CA LYS A 442 21.36 0.91 -41.07
C LYS A 442 20.44 0.63 -39.88
N ASN A 443 20.64 1.42 -38.81
CA ASN A 443 19.89 1.21 -37.57
C ASN A 443 18.43 1.57 -37.77
N LEU A 444 18.19 2.68 -38.47
CA LEU A 444 16.81 3.09 -38.80
C LEU A 444 16.11 2.07 -39.67
N THR A 445 16.81 1.56 -40.67
CA THR A 445 16.21 0.63 -41.63
C THR A 445 15.79 -0.67 -40.86
N ALA A 446 16.66 -1.17 -39.99
CA ALA A 446 16.37 -2.38 -39.27
C ALA A 446 15.11 -2.19 -38.38
N ASP A 447 14.91 -0.98 -37.93
CA ASP A 447 13.81 -0.69 -37.04
C ASP A 447 12.51 -0.47 -37.79
N LEU A 448 12.61 0.12 -38.98
CA LEU A 448 11.44 0.55 -39.73
C LEU A 448 10.92 -0.47 -40.72
N LYS A 449 11.72 -1.48 -41.00
CA LYS A 449 11.40 -2.30 -42.19
C LYS A 449 10.10 -3.07 -42.04
N GLY A 450 9.69 -3.37 -40.80
CA GLY A 450 8.44 -4.08 -40.55
C GLY A 450 7.24 -3.26 -40.19
N VAL A 451 7.34 -1.92 -40.23
CA VAL A 451 6.22 -1.09 -39.79
C VAL A 451 5.22 -0.89 -40.91
N ASN A 452 3.99 -0.53 -40.54
CA ASN A 452 2.92 -0.13 -41.43
C ASN A 452 3.45 0.82 -42.50
N GLU A 453 3.07 0.57 -43.76
CA GLU A 453 3.65 1.38 -44.87
C GLU A 453 3.41 2.87 -44.80
N LYS A 454 2.23 3.27 -44.38
CA LYS A 454 1.90 4.64 -44.24
C LYS A 454 2.78 5.33 -43.16
N THR A 455 2.92 4.68 -42.01
CA THR A 455 3.83 5.16 -40.95
C THR A 455 5.30 5.21 -41.40
N LYS A 456 5.72 4.20 -42.12
CA LYS A 456 7.07 4.14 -42.68
C LYS A 456 7.30 5.34 -43.61
N LEU A 457 6.31 5.64 -44.42
CA LEU A 457 6.44 6.79 -45.33
C LEU A 457 6.51 8.13 -44.58
N LEU A 458 5.69 8.29 -43.55
CA LEU A 458 5.71 9.52 -42.78
C LEU A 458 7.05 9.70 -42.02
N ALA A 459 7.64 8.60 -41.54
CA ALA A 459 9.02 8.64 -41.00
C ALA A 459 10.01 9.18 -41.99
N ILE A 460 9.95 8.62 -43.20
CA ILE A 460 10.84 9.07 -44.27
C ILE A 460 10.64 10.55 -44.57
N CYS A 461 9.40 10.98 -44.66
CA CYS A 461 9.06 12.37 -44.90
CA CYS A 461 9.06 12.39 -44.88
C CYS A 461 9.66 13.29 -43.81
N ASN A 462 9.56 12.88 -42.54
CA ASN A 462 10.10 13.70 -41.47
C ASN A 462 11.62 13.80 -41.62
N PHE A 463 12.29 12.68 -41.87
CA PHE A 463 13.75 12.74 -41.98
C PHE A 463 14.16 13.52 -43.24
N TYR A 464 13.38 13.38 -44.28
CA TYR A 464 13.62 14.18 -45.51
C TYR A 464 13.53 15.70 -45.31
N ARG A 465 12.53 16.13 -44.52
CA ARG A 465 12.39 17.50 -44.14
C ARG A 465 13.57 18.02 -43.30
N ALA A 466 14.16 17.17 -42.50
CA ALA A 466 15.41 17.47 -41.82
C ALA A 466 16.55 17.66 -42.82
N ASP A 467 16.74 16.69 -43.71
CA ASP A 467 17.80 16.78 -44.73
C ASP A 467 17.42 15.85 -45.91
N GLU A 468 17.42 16.39 -47.13
CA GLU A 468 16.95 15.62 -48.31
C GLU A 468 17.80 14.37 -48.56
N ASP A 469 19.13 14.44 -48.31
CA ASP A 469 19.98 13.28 -48.41
C ASP A 469 19.68 12.20 -47.36
N TYR A 470 19.50 12.62 -46.10
CA TYR A 470 19.04 11.72 -45.04
C TYR A 470 17.78 10.99 -45.42
N GLY A 471 16.73 11.74 -45.79
CA GLY A 471 15.47 11.09 -46.15
C GLY A 471 15.56 10.16 -47.40
N GLN A 472 16.21 10.67 -48.43
CA GLN A 472 16.36 9.84 -49.66
C GLN A 472 17.18 8.55 -49.41
N ARG A 473 18.32 8.64 -48.70
CA ARG A 473 19.07 7.45 -48.31
C ARG A 473 18.23 6.44 -47.51
N LEU A 474 17.45 6.92 -46.57
CA LEU A 474 16.59 6.02 -45.83
C LEU A 474 15.54 5.35 -46.72
N ALA A 475 14.89 6.15 -47.58
CA ALA A 475 13.89 5.62 -48.54
C ALA A 475 14.52 4.53 -49.42
N ASP A 476 15.72 4.77 -49.90
CA ASP A 476 16.41 3.80 -50.75
C ASP A 476 16.67 2.55 -49.97
N SER A 477 17.13 2.71 -48.73
CA SER A 477 17.52 1.55 -47.90
C SER A 477 16.29 0.68 -47.51
N LEU A 478 15.16 1.33 -47.31
CA LEU A 478 13.89 0.63 -47.05
C LEU A 478 13.12 0.15 -48.34
N GLY A 479 13.60 0.52 -49.54
CA GLY A 479 12.90 0.14 -50.76
C GLY A 479 11.58 0.90 -50.99
N VAL A 480 11.49 2.13 -50.49
CA VAL A 480 10.30 2.96 -50.67
C VAL A 480 10.53 4.04 -51.71
N ASP A 481 9.68 4.02 -52.72
CA ASP A 481 9.70 4.97 -53.82
C ASP A 481 8.99 6.24 -53.40
N ILE A 482 9.71 7.36 -53.35
CA ILE A 482 9.14 8.61 -52.89
C ILE A 482 8.94 9.66 -53.98
N ARG A 483 9.13 9.26 -55.23
CA ARG A 483 8.96 10.15 -56.38
C ARG A 483 7.66 10.97 -56.42
N SER A 484 6.51 10.32 -56.23
CA SER A 484 5.24 11.06 -56.36
C SER A 484 5.16 12.25 -55.38
N TYR A 485 5.92 12.22 -54.29
CA TYR A 485 5.91 13.31 -53.29
C TYR A 485 6.94 14.41 -53.56
N LEU A 486 7.93 14.19 -54.44
CA LEU A 486 9.09 15.14 -54.46
C LEU A 486 9.03 16.53 -55.15
N HIS B 6 -31.62 -21.01 -0.30
CA HIS B 6 -30.45 -21.60 0.41
C HIS B 6 -29.17 -21.61 -0.40
N LYS B 7 -28.06 -21.34 0.28
CA LYS B 7 -26.80 -21.04 -0.38
C LYS B 7 -25.72 -21.69 0.45
N ASN B 8 -24.67 -22.13 -0.20
CA ASN B 8 -23.44 -22.51 0.50
C ASN B 8 -22.57 -21.33 0.88
N LEU B 9 -22.05 -21.38 2.10
CA LEU B 9 -20.90 -20.61 2.47
C LEU B 9 -19.70 -21.16 1.72
N THR B 10 -18.92 -20.30 1.07
CA THR B 10 -17.81 -20.73 0.24
C THR B 10 -16.51 -20.00 0.62
N THR B 11 -15.37 -20.56 0.19
CA THR B 11 -14.16 -19.77 0.17
C THR B 11 -14.21 -18.76 -0.99
N ASN B 12 -13.18 -17.92 -1.07
CA ASN B 12 -13.07 -17.00 -2.24
C ASN B 12 -12.74 -17.70 -3.56
N GLN B 13 -12.36 -18.98 -3.44
CA GLN B 13 -12.09 -19.82 -4.61
C GLN B 13 -13.37 -20.47 -5.05
N GLY B 14 -14.48 -20.29 -4.34
CA GLY B 14 -15.78 -20.85 -4.77
C GLY B 14 -15.93 -22.29 -4.32
N VAL B 15 -15.08 -22.71 -3.39
CA VAL B 15 -15.25 -24.04 -2.76
C VAL B 15 -16.21 -23.97 -1.58
N PRO B 16 -17.29 -24.80 -1.59
CA PRO B 16 -18.14 -24.79 -0.36
C PRO B 16 -17.42 -25.22 0.96
N VAL B 17 -17.74 -24.54 2.05
CA VAL B 17 -17.08 -24.69 3.32
C VAL B 17 -17.84 -25.79 4.08
N GLY B 18 -17.12 -26.85 4.43
CA GLY B 18 -17.75 -27.96 5.22
C GLY B 18 -18.04 -27.63 6.69
N ASP B 19 -17.23 -26.76 7.27
CA ASP B 19 -17.31 -26.47 8.74
C ASP B 19 -16.80 -25.03 8.95
N ASN B 20 -17.73 -24.13 9.28
CA ASN B 20 -17.38 -22.75 9.58
C ASN B 20 -17.31 -22.46 11.08
N GLN B 21 -17.30 -23.53 11.92
CA GLN B 21 -17.25 -23.41 13.36
C GLN B 21 -15.88 -23.76 13.96
N ASN B 22 -15.21 -24.80 13.41
CA ASN B 22 -14.05 -25.36 14.02
C ASN B 22 -12.85 -25.22 13.13
N SER B 23 -11.77 -24.74 13.73
CA SER B 23 -10.44 -24.86 13.09
C SER B 23 -10.01 -26.31 12.89
N ARG B 24 -9.06 -26.53 11.98
CA ARG B 24 -8.44 -27.85 11.83
C ARG B 24 -7.31 -28.07 12.80
N THR B 25 -7.41 -29.14 13.60
CA THR B 25 -6.52 -29.31 14.75
C THR B 25 -6.05 -30.76 14.92
N ALA B 26 -5.02 -30.96 15.74
CA ALA B 26 -4.58 -32.32 16.12
C ALA B 26 -5.45 -32.98 17.18
N GLY B 27 -6.49 -33.72 16.74
CA GLY B 27 -7.64 -34.10 17.60
C GLY B 27 -8.50 -32.94 18.06
N HIS B 28 -9.53 -33.26 18.85
CA HIS B 28 -10.54 -32.24 19.17
C HIS B 28 -10.00 -31.12 20.10
N ARG B 29 -8.84 -31.31 20.76
CA ARG B 29 -8.35 -30.29 21.66
C ARG B 29 -6.91 -29.92 21.41
N GLY B 30 -6.36 -30.34 20.29
CA GLY B 30 -4.91 -30.08 20.06
C GLY B 30 -4.72 -28.75 19.38
N PRO B 31 -3.48 -28.42 19.13
CA PRO B 31 -3.15 -27.22 18.44
C PRO B 31 -3.57 -27.24 16.97
N SER B 32 -3.52 -26.06 16.33
CA SER B 32 -4.06 -25.87 14.99
C SER B 32 -3.01 -26.06 13.88
N PHE B 33 -3.49 -26.56 12.77
CA PHE B 33 -2.68 -26.82 11.58
C PHE B 33 -2.65 -25.64 10.62
N LEU B 34 -1.48 -25.46 10.01
CA LEU B 34 -1.28 -24.47 8.94
C LEU B 34 -2.13 -24.77 7.68
N ASP B 35 -2.35 -26.05 7.36
CA ASP B 35 -3.23 -26.46 6.22
C ASP B 35 -4.69 -26.32 6.64
N ASP B 36 -5.13 -25.07 6.72
CA ASP B 36 -6.55 -24.76 6.95
C ASP B 36 -6.84 -23.52 6.16
N TYR B 37 -7.08 -23.73 4.85
CA TYR B 37 -7.14 -22.60 3.94
C TYR B 37 -8.28 -21.70 4.35
N HIS B 38 -9.43 -22.28 4.74
CA HIS B 38 -10.58 -21.41 5.09
C HIS B 38 -10.29 -20.50 6.26
N LEU B 39 -9.66 -21.05 7.29
CA LEU B 39 -9.27 -20.22 8.51
C LEU B 39 -8.38 -19.08 8.07
N ILE B 40 -7.32 -19.41 7.29
CA ILE B 40 -6.30 -18.43 6.96
C ILE B 40 -6.85 -17.37 6.01
N GLU B 41 -7.61 -17.79 5.01
CA GLU B 41 -8.23 -16.84 4.12
C GLU B 41 -9.21 -15.88 4.82
N LYS B 42 -10.03 -16.44 5.71
CA LYS B 42 -11.06 -15.66 6.47
C LYS B 42 -10.42 -14.68 7.45
N LEU B 43 -9.41 -15.11 8.17
CA LEU B 43 -8.67 -14.24 9.09
C LEU B 43 -7.80 -13.24 8.38
N ALA B 44 -7.21 -13.67 7.26
CA ALA B 44 -6.36 -12.73 6.48
C ALA B 44 -7.19 -11.61 5.86
N HIS B 45 -8.37 -11.94 5.39
CA HIS B 45 -9.24 -10.85 4.85
C HIS B 45 -9.74 -9.93 5.93
N PHE B 46 -10.22 -10.51 7.03
CA PHE B 46 -10.61 -9.72 8.24
C PHE B 46 -9.48 -8.79 8.67
N ASP B 47 -8.25 -9.28 8.63
CA ASP B 47 -6.99 -8.55 9.07
C ASP B 47 -6.71 -7.37 8.15
N ARG B 48 -7.37 -7.33 6.97
CA ARG B 48 -7.21 -6.28 5.98
C ARG B 48 -8.44 -5.45 5.63
N GLU B 49 -9.46 -5.50 6.47
CA GLU B 49 -10.65 -4.74 6.17
C GLU B 49 -10.50 -3.23 6.09
N ARG B 50 -9.60 -2.68 6.91
CA ARG B 50 -9.57 -1.26 7.15
C ARG B 50 -8.67 -0.58 6.15
N ILE B 51 -9.12 0.59 5.69
CA ILE B 51 -8.32 1.50 4.89
C ILE B 51 -8.14 2.80 5.71
N PRO B 52 -7.15 3.64 5.36
CA PRO B 52 -7.03 4.92 6.07
C PRO B 52 -8.32 5.73 6.04
N GLU B 53 -8.68 6.41 7.13
CA GLU B 53 -9.79 7.37 7.09
C GLU B 53 -9.37 8.63 6.39
N ARG B 54 -10.37 9.45 6.01
CA ARG B 54 -10.08 10.76 5.39
C ARG B 54 -9.22 11.56 6.37
N VAL B 55 -8.28 12.30 5.85
CA VAL B 55 -7.41 13.11 6.72
C VAL B 55 -8.15 14.22 7.49
N VAL B 56 -9.22 14.78 6.87
CA VAL B 56 -10.25 15.54 7.60
C VAL B 56 -11.60 15.07 7.12
N HIS B 57 -12.63 15.40 7.84
CA HIS B 57 -13.98 14.96 7.49
C HIS B 57 -14.16 13.43 7.57
N ALA B 58 -13.43 12.85 8.47
CA ALA B 58 -13.45 11.39 8.62
C ALA B 58 -14.80 10.83 9.06
N ARG B 59 -15.53 11.55 9.87
CA ARG B 59 -16.86 11.16 10.37
C ARG B 59 -17.92 11.73 9.45
N GLY B 60 -18.74 10.87 8.88
CA GLY B 60 -19.77 11.32 7.96
C GLY B 60 -20.73 10.28 7.55
N ALA B 61 -21.71 10.74 6.77
CA ALA B 61 -22.82 9.87 6.36
C ALA B 61 -23.31 10.27 4.98
N GLY B 62 -23.76 9.27 4.20
CA GLY B 62 -24.02 9.40 2.78
C GLY B 62 -25.46 9.07 2.40
N ALA B 63 -25.94 9.69 1.35
CA ALA B 63 -27.24 9.29 0.77
C ALA B 63 -27.22 9.63 -0.69
N TYR B 64 -28.09 8.95 -1.43
CA TYR B 64 -28.37 9.31 -2.82
C TYR B 64 -29.67 10.07 -3.00
N GLY B 65 -29.75 10.80 -4.10
CA GLY B 65 -30.96 11.55 -4.42
C GLY B 65 -31.00 12.01 -5.85
N VAL B 66 -31.76 13.09 -6.07
CA VAL B 66 -31.94 13.67 -7.39
C VAL B 66 -31.96 15.16 -7.28
N PHE B 67 -31.34 15.81 -8.22
CA PHE B 67 -31.38 17.26 -8.40
C PHE B 67 -32.26 17.61 -9.61
N GLU B 68 -33.20 18.56 -9.42
CA GLU B 68 -34.08 18.97 -10.56
C GLU B 68 -33.99 20.44 -10.80
N VAL B 69 -33.80 20.82 -12.04
CA VAL B 69 -33.68 22.23 -12.45
C VAL B 69 -35.06 22.84 -12.41
N GLU B 70 -35.20 23.96 -11.72
CA GLU B 70 -36.35 24.87 -11.87
C GLU B 70 -36.16 25.96 -12.91
N ASN B 71 -35.00 26.60 -12.93
CA ASN B 71 -34.73 27.64 -13.88
C ASN B 71 -33.48 27.31 -14.62
N SER B 72 -33.57 27.20 -15.93
CA SER B 72 -32.37 26.90 -16.72
C SER B 72 -31.36 28.01 -16.62
N MET B 73 -30.08 27.66 -16.60
CA MET B 73 -29.00 28.61 -16.40
C MET B 73 -28.12 28.81 -17.65
N GLU B 74 -28.64 28.44 -18.83
CA GLU B 74 -27.85 28.54 -20.08
C GLU B 74 -27.32 29.96 -20.47
N LYS B 75 -27.97 31.01 -19.96
CA LYS B 75 -27.48 32.39 -20.24
C LYS B 75 -26.14 32.62 -19.58
N HIS B 76 -25.85 31.89 -18.50
CA HIS B 76 -24.67 32.12 -17.68
C HIS B 76 -23.61 31.03 -17.72
N THR B 77 -24.08 29.79 -17.96
CA THR B 77 -23.20 28.61 -18.00
C THR B 77 -23.73 27.57 -19.01
N ARG B 78 -22.78 26.96 -19.72
CA ARG B 78 -23.09 25.91 -20.63
C ARG B 78 -23.27 24.56 -19.93
N ALA B 79 -23.20 24.53 -18.59
CA ALA B 79 -23.25 23.24 -17.86
C ALA B 79 -24.47 22.45 -18.27
N ALA B 80 -24.20 21.24 -18.78
CA ALA B 80 -25.30 20.45 -19.35
C ALA B 80 -26.43 20.16 -18.36
N PHE B 81 -26.07 19.83 -17.13
CA PHE B 81 -27.07 19.45 -16.15
C PHE B 81 -28.01 20.62 -15.75
N LEU B 82 -27.67 21.84 -16.14
CA LEU B 82 -28.49 23.02 -15.79
C LEU B 82 -29.20 23.65 -16.99
N SER B 83 -29.28 22.91 -18.09
CA SER B 83 -29.59 23.47 -19.36
C SER B 83 -31.10 23.60 -19.65
N GLU B 84 -31.98 22.87 -18.95
CA GLU B 84 -33.40 22.86 -19.24
C GLU B 84 -34.20 22.76 -17.92
N GLU B 85 -35.33 23.48 -17.88
CA GLU B 85 -36.30 23.32 -16.81
C GLU B 85 -36.77 21.86 -16.71
N GLY B 86 -36.83 21.32 -15.51
CA GLY B 86 -37.29 19.97 -15.25
C GLY B 86 -36.19 18.88 -15.33
N LYS B 87 -34.99 19.24 -15.78
CA LYS B 87 -33.96 18.27 -16.05
C LYS B 87 -33.48 17.71 -14.70
N GLN B 88 -33.47 16.36 -14.60
CA GLN B 88 -33.11 15.67 -13.39
C GLN B 88 -31.74 15.05 -13.53
N THR B 89 -30.94 15.20 -12.48
CA THR B 89 -29.56 14.58 -12.41
C THR B 89 -29.45 13.84 -11.08
N ASP B 90 -28.96 12.60 -11.15
CA ASP B 90 -28.74 11.79 -9.94
C ASP B 90 -27.57 12.37 -9.13
N VAL B 91 -27.68 12.30 -7.81
CA VAL B 91 -26.63 12.83 -6.95
C VAL B 91 -26.29 11.78 -5.90
N PHE B 92 -25.04 11.88 -5.45
CA PHE B 92 -24.62 11.25 -4.17
C PHE B 92 -24.03 12.32 -3.27
N VAL B 93 -24.48 12.36 -2.04
CA VAL B 93 -24.08 13.36 -1.06
C VAL B 93 -23.45 12.72 0.20
N ARG B 94 -22.31 13.26 0.69
CA ARG B 94 -21.79 12.92 1.98
C ARG B 94 -21.73 14.20 2.81
N PHE B 95 -22.31 14.10 3.98
CA PHE B 95 -22.20 15.11 5.09
C PHE B 95 -21.21 14.66 6.10
N SER B 96 -20.61 15.59 6.83
CA SER B 96 -19.55 15.22 7.73
C SER B 96 -19.28 16.29 8.78
N THR B 97 -18.50 15.91 9.80
CA THR B 97 -17.82 16.84 10.64
C THR B 97 -16.43 16.99 10.04
N VAL B 98 -15.52 17.65 10.77
CA VAL B 98 -14.25 17.97 10.19
C VAL B 98 -13.05 17.36 10.89
N ILE B 99 -12.89 17.63 12.19
CA ILE B 99 -11.58 17.45 12.79
C ILE B 99 -11.34 16.02 13.41
N HIS B 100 -12.31 15.51 14.11
CA HIS B 100 -12.05 14.31 14.87
C HIS B 100 -12.22 13.06 13.98
N PRO B 101 -11.66 11.91 14.44
CA PRO B 101 -11.67 10.72 13.61
C PRO B 101 -13.05 10.04 13.37
N LYS B 102 -13.04 8.96 12.56
N LYS B 102 -13.01 8.90 12.65
CA LYS B 102 -14.24 8.29 12.11
CA LYS B 102 -14.13 7.99 12.60
C LYS B 102 -15.36 8.04 13.10
C LYS B 102 -14.53 7.64 14.02
N GLY B 103 -15.01 7.69 14.33
N GLY B 103 -15.83 7.50 14.22
CA GLY B 103 -16.04 7.28 15.34
CA GLY B 103 -16.31 7.14 15.50
C GLY B 103 -16.44 8.33 16.35
C GLY B 103 -16.51 8.33 16.40
N SER B 104 -16.04 9.54 16.05
CA SER B 104 -16.19 10.70 16.97
C SER B 104 -17.61 11.22 16.98
N PRO B 105 -18.00 11.98 18.01
CA PRO B 105 -19.42 12.40 18.14
C PRO B 105 -19.80 13.44 17.14
N GLU B 106 -21.08 13.43 16.80
CA GLU B 106 -21.60 14.43 15.79
C GLU B 106 -22.22 15.70 16.48
N THR B 107 -21.93 15.85 17.80
CA THR B 107 -22.32 16.93 18.63
C THR B 107 -21.18 17.91 18.94
N LEU B 108 -20.03 17.73 18.33
CA LEU B 108 -18.87 18.65 18.45
C LEU B 108 -18.98 19.88 17.58
N ARG B 109 -18.42 20.97 18.04
CA ARG B 109 -18.34 22.22 17.23
C ARG B 109 -17.40 22.02 16.05
N ASP B 110 -17.83 22.42 14.86
CA ASP B 110 -17.03 22.18 13.60
C ASP B 110 -17.89 22.72 12.49
N PRO B 111 -17.29 23.24 11.40
CA PRO B 111 -18.03 23.24 10.14
C PRO B 111 -18.55 21.85 9.85
N ARG B 112 -19.58 21.75 9.02
CA ARG B 112 -20.05 20.48 8.53
C ARG B 112 -19.82 20.45 6.99
N GLY B 113 -19.29 19.35 6.53
CA GLY B 113 -19.13 19.06 5.12
C GLY B 113 -20.45 18.79 4.43
N PHE B 114 -20.54 19.25 3.17
CA PHE B 114 -21.72 19.17 2.39
C PHE B 114 -21.30 18.89 0.93
N ALA B 115 -20.96 17.65 0.64
CA ALA B 115 -20.27 17.30 -0.62
C ALA B 115 -21.30 16.62 -1.53
N VAL B 116 -21.52 17.21 -2.70
CA VAL B 116 -22.52 16.75 -3.67
C VAL B 116 -21.87 16.34 -4.97
N LYS B 117 -22.12 15.13 -5.38
CA LYS B 117 -21.60 14.55 -6.66
C LYS B 117 -22.77 14.43 -7.59
N PHE B 118 -22.71 15.18 -8.66
CA PHE B 118 -23.75 15.18 -9.70
C PHE B 118 -23.26 14.27 -10.87
N TYR B 119 -24.00 13.20 -11.14
CA TYR B 119 -23.67 12.29 -12.23
C TYR B 119 -24.17 12.79 -13.63
N THR B 120 -23.47 13.79 -14.19
CA THR B 120 -24.05 14.47 -15.37
C THR B 120 -23.74 13.79 -16.66
N GLU B 121 -24.44 14.21 -17.75
CA GLU B 121 -24.17 13.66 -19.05
C GLU B 121 -22.76 14.03 -19.63
N GLU B 122 -22.11 15.10 -19.11
CA GLU B 122 -20.80 15.51 -19.53
C GLU B 122 -19.73 15.23 -18.50
N GLY B 123 -20.03 14.28 -17.58
CA GLY B 123 -19.06 13.86 -16.56
C GLY B 123 -19.60 14.16 -15.16
N ASN B 124 -18.93 13.60 -14.17
CA ASN B 124 -19.27 13.87 -12.77
C ASN B 124 -18.80 15.27 -12.37
N TYR B 125 -19.69 16.00 -11.73
CA TYR B 125 -19.42 17.32 -11.16
C TYR B 125 -19.53 17.25 -9.64
N ASP B 126 -18.45 17.54 -8.95
CA ASP B 126 -18.47 17.54 -7.48
C ASP B 126 -18.44 18.96 -6.96
N LEU B 127 -19.42 19.30 -6.14
CA LEU B 127 -19.46 20.61 -5.51
C LEU B 127 -19.19 20.24 -4.04
N VAL B 128 -17.97 20.44 -3.62
CA VAL B 128 -17.49 20.06 -2.31
C VAL B 128 -17.58 21.21 -1.30
N GLY B 129 -18.75 21.31 -0.66
CA GLY B 129 -19.14 22.45 0.11
C GLY B 129 -19.02 22.18 1.61
N ASN B 130 -19.27 23.22 2.37
CA ASN B 130 -19.46 23.13 3.83
C ASN B 130 -20.81 23.85 4.15
N ASN B 131 -21.31 23.72 5.37
CA ASN B 131 -22.48 24.53 5.74
C ASN B 131 -22.17 26.02 5.80
N LEU B 132 -21.10 26.40 6.45
CA LEU B 132 -20.74 27.80 6.62
C LEU B 132 -20.17 28.33 5.27
N PRO B 133 -20.44 29.60 4.91
CA PRO B 133 -20.17 30.07 3.58
C PRO B 133 -18.73 30.66 3.35
N ILE B 134 -17.92 30.70 4.42
CA ILE B 134 -16.57 31.27 4.33
CA ILE B 134 -16.57 31.26 4.34
C ILE B 134 -15.60 30.27 4.93
N PHE B 135 -14.31 30.61 4.90
CA PHE B 135 -13.33 29.74 5.49
C PHE B 135 -12.35 30.56 6.39
N PHE B 136 -11.52 29.86 7.14
CA PHE B 136 -10.58 30.40 8.11
C PHE B 136 -9.35 31.08 7.45
N ILE B 137 -8.96 30.56 6.27
CA ILE B 137 -7.70 30.92 5.61
C ILE B 137 -8.03 31.16 4.14
N ARG B 138 -7.09 31.74 3.40
CA ARG B 138 -7.27 32.06 2.03
C ARG B 138 -6.17 31.55 1.08
N ASP B 139 -5.26 30.71 1.61
CA ASP B 139 -4.19 30.08 0.81
C ASP B 139 -3.98 28.62 1.28
N ALA B 140 -4.00 27.67 0.31
CA ALA B 140 -3.89 26.27 0.64
C ALA B 140 -2.61 25.94 1.40
N LEU B 141 -1.57 26.74 1.22
CA LEU B 141 -0.27 26.50 1.84
C LEU B 141 -0.42 26.48 3.34
N LYS B 142 -1.45 27.16 3.87
CA LYS B 142 -1.70 27.16 5.31
C LYS B 142 -2.57 26.00 5.80
N PHE B 143 -3.15 25.21 4.91
CA PHE B 143 -4.14 24.23 5.39
C PHE B 143 -3.56 23.19 6.35
N PRO B 144 -2.40 22.58 6.02
CA PRO B 144 -1.88 21.60 7.01
C PRO B 144 -1.59 22.23 8.38
N ASP B 145 -1.19 23.48 8.41
CA ASP B 145 -0.93 24.17 9.68
C ASP B 145 -2.24 24.38 10.44
N MET B 146 -3.24 24.89 9.75
CA MET B 146 -4.57 25.13 10.35
C MET B 146 -5.08 23.80 10.93
N VAL B 147 -5.06 22.76 10.11
CA VAL B 147 -5.58 21.48 10.56
C VAL B 147 -4.78 20.92 11.77
N HIS B 148 -3.46 20.94 11.69
CA HIS B 148 -2.62 20.45 12.76
C HIS B 148 -2.95 21.20 14.09
N SER B 149 -3.26 22.50 14.01
CA SER B 149 -3.56 23.26 15.17
C SER B 149 -4.88 22.86 15.80
N LEU B 150 -5.82 22.48 14.98
CA LEU B 150 -7.19 22.13 15.40
C LEU B 150 -7.31 20.67 15.82
N LYS B 151 -6.51 19.84 15.19
CA LYS B 151 -6.47 18.39 15.53
C LYS B 151 -6.04 18.13 16.99
N PRO B 152 -6.45 16.99 17.56
CA PRO B 152 -5.81 16.56 18.80
C PRO B 152 -4.32 16.80 18.83
N ASP B 153 -3.85 17.29 19.97
CA ASP B 153 -2.44 17.49 20.20
C ASP B 153 -1.64 16.25 19.89
N PRO B 154 -0.52 16.37 19.16
CA PRO B 154 0.24 15.18 18.77
C PRO B 154 0.88 14.37 19.82
N VAL B 155 0.94 14.90 21.06
CA VAL B 155 1.42 14.13 22.22
C VAL B 155 0.28 13.53 23.03
N THR B 156 -0.75 14.32 23.33
CA THR B 156 -1.85 13.89 24.19
C THR B 156 -3.03 13.18 23.57
N ASN B 157 -3.20 13.34 22.26
CA ASN B 157 -4.38 12.93 21.54
C ASN B 157 -5.66 13.60 22.00
N ILE B 158 -5.57 14.86 22.48
CA ILE B 158 -6.73 15.65 22.86
C ILE B 158 -6.63 17.04 22.22
N GLN B 159 -7.75 17.47 21.65
CA GLN B 159 -7.82 18.82 21.10
C GLN B 159 -7.54 19.88 22.18
N ASP B 160 -6.79 20.91 21.80
CA ASP B 160 -6.37 21.91 22.80
C ASP B 160 -6.65 23.29 22.20
N PRO B 161 -7.61 24.00 22.80
CA PRO B 161 -7.85 25.42 22.30
C PRO B 161 -6.66 26.30 22.32
N ASP B 162 -5.70 26.06 23.22
CA ASP B 162 -4.52 26.89 23.26
C ASP B 162 -3.73 26.76 21.97
N ARG B 163 -3.75 25.59 21.33
CA ARG B 163 -3.01 25.37 20.07
C ARG B 163 -3.74 26.01 18.89
N TYR B 164 -5.02 25.75 18.71
CA TYR B 164 -5.70 26.36 17.59
C TYR B 164 -5.94 27.86 17.71
N TRP B 165 -6.12 28.36 18.94
CA TRP B 165 -6.22 29.85 19.04
C TRP B 165 -4.91 30.50 18.79
N ASP B 166 -3.80 29.87 19.11
CA ASP B 166 -2.48 30.37 18.76
C ASP B 166 -2.36 30.60 17.23
N PHE B 167 -2.68 29.54 16.47
CA PHE B 167 -2.70 29.66 15.05
C PHE B 167 -3.70 30.72 14.54
N MET B 168 -4.97 30.66 15.01
CA MET B 168 -5.98 31.58 14.50
C MET B 168 -5.71 33.01 14.80
N THR B 169 -5.29 33.32 16.04
CA THR B 169 -4.98 34.72 16.40
C THR B 169 -3.86 35.33 15.54
N LEU B 170 -2.88 34.53 15.19
CA LEU B 170 -1.74 34.92 14.32
C LEU B 170 -2.11 34.90 12.81
N THR B 171 -3.36 34.55 12.53
CA THR B 171 -3.94 34.38 11.19
C THR B 171 -5.24 35.14 11.18
N PRO B 172 -5.13 36.50 11.24
CA PRO B 172 -6.31 37.33 11.47
C PRO B 172 -7.36 37.27 10.39
N GLU B 173 -7.01 36.79 9.19
CA GLU B 173 -8.05 36.53 8.22
C GLU B 173 -9.11 35.45 8.68
N SER B 174 -8.83 34.74 9.76
CA SER B 174 -9.77 33.83 10.36
C SER B 174 -10.94 34.44 11.11
N THR B 175 -10.92 35.76 11.26
CA THR B 175 -11.82 36.42 12.19
C THR B 175 -13.30 36.33 11.75
N HIS B 176 -13.57 36.46 10.48
CA HIS B 176 -14.93 36.26 9.96
C HIS B 176 -15.45 34.85 10.24
N MET B 177 -14.69 33.86 9.82
CA MET B 177 -15.09 32.45 10.07
C MET B 177 -15.41 32.19 11.51
N LEU B 178 -14.53 32.66 12.39
CA LEU B 178 -14.72 32.36 13.81
C LEU B 178 -16.04 32.99 14.34
N THR B 179 -16.38 34.18 13.81
CA THR B 179 -17.64 34.88 14.13
C THR B 179 -18.86 34.08 13.74
N TRP B 180 -18.75 33.23 12.72
CA TRP B 180 -19.80 32.28 12.40
C TRP B 180 -19.69 30.99 13.19
N LEU B 181 -18.50 30.39 13.28
CA LEU B 181 -18.31 29.10 13.94
C LEU B 181 -18.67 29.11 15.43
N PHE B 182 -18.47 30.23 16.07
CA PHE B 182 -18.79 30.32 17.48
C PHE B 182 -20.19 30.83 17.77
N SER B 183 -20.96 31.14 16.74
CA SER B 183 -22.43 31.21 16.87
C SER B 183 -22.93 29.82 17.20
N ASP B 184 -24.21 29.64 17.48
CA ASP B 184 -24.64 28.22 17.69
C ASP B 184 -24.70 27.40 16.38
N GLU B 185 -24.49 28.06 15.24
CA GLU B 185 -24.41 27.34 13.96
C GLU B 185 -23.16 26.55 13.85
N GLY B 186 -22.20 26.76 14.77
CA GLY B 186 -21.04 25.79 14.88
C GLY B 186 -21.43 24.37 15.29
N ILE B 187 -22.67 24.15 15.80
CA ILE B 187 -23.23 22.82 16.09
C ILE B 187 -24.60 22.72 15.46
N PRO B 188 -24.69 22.43 14.14
CA PRO B 188 -25.99 22.12 13.60
C PRO B 188 -26.75 21.02 14.34
N ALA B 189 -28.11 21.08 14.34
CA ALA B 189 -28.87 20.05 15.05
C ALA B 189 -28.73 18.66 14.44
N ASN B 190 -28.56 18.65 13.13
CA ASN B 190 -28.32 17.42 12.36
C ASN B 190 -27.96 17.84 10.95
N TYR B 191 -27.83 16.89 10.04
CA TYR B 191 -27.37 17.18 8.69
C TYR B 191 -28.48 17.72 7.77
N ALA B 192 -29.74 17.49 8.16
CA ALA B 192 -30.89 17.94 7.37
C ALA B 192 -31.24 19.36 7.62
N GLU B 193 -31.10 19.80 8.88
CA GLU B 193 -31.54 21.16 9.24
C GLU B 193 -30.36 22.07 9.25
N MET B 194 -29.75 22.22 8.08
CA MET B 194 -28.41 22.76 7.94
C MET B 194 -28.27 23.46 6.59
N ARG B 195 -27.53 24.57 6.57
CA ARG B 195 -27.15 25.30 5.43
C ARG B 195 -26.14 24.56 4.58
N GLY B 196 -26.06 24.90 3.29
CA GLY B 196 -24.96 24.43 2.44
C GLY B 196 -24.38 25.59 1.66
N SER B 197 -23.09 25.57 1.38
CA SER B 197 -22.43 26.69 0.65
C SER B 197 -21.33 26.13 -0.20
N GLY B 198 -21.16 26.66 -1.41
CA GLY B 198 -19.95 26.36 -2.18
C GLY B 198 -18.66 26.93 -1.61
N VAL B 199 -18.81 28.00 -0.83
CA VAL B 199 -17.71 28.76 -0.19
C VAL B 199 -16.94 29.59 -1.19
N HIS B 200 -16.22 28.93 -2.12
CA HIS B 200 -15.47 29.65 -3.09
C HIS B 200 -16.35 30.29 -4.11
N THR B 201 -15.84 31.37 -4.65
CA THR B 201 -16.21 31.84 -5.97
C THR B 201 -15.73 30.88 -7.03
N PHE B 202 -16.62 30.50 -7.95
CA PHE B 202 -16.25 29.79 -9.17
C PHE B 202 -16.46 30.69 -10.39
N ARG B 203 -16.09 30.17 -11.56
CA ARG B 203 -16.34 30.87 -12.83
C ARG B 203 -17.37 30.05 -13.60
N TRP B 204 -18.45 30.72 -14.00
CA TRP B 204 -19.36 30.14 -14.97
C TRP B 204 -19.10 30.70 -16.35
N VAL B 205 -19.10 29.82 -17.34
CA VAL B 205 -18.76 30.21 -18.71
C VAL B 205 -19.89 29.73 -19.59
N ASN B 206 -20.43 30.64 -20.40
CA ASN B 206 -21.53 30.27 -21.26
C ASN B 206 -21.06 29.87 -22.63
N LYS B 207 -22.00 29.52 -23.51
CA LYS B 207 -21.57 29.01 -24.80
C LYS B 207 -20.88 30.05 -25.72
N TYR B 208 -21.02 31.33 -25.40
CA TYR B 208 -20.33 32.39 -26.11
C TYR B 208 -18.98 32.66 -25.53
N GLY B 209 -18.64 31.95 -24.47
CA GLY B 209 -17.33 32.10 -23.81
C GLY B 209 -17.34 33.27 -22.85
N GLU B 210 -18.51 33.80 -22.52
CA GLU B 210 -18.59 34.89 -21.51
C GLU B 210 -18.53 34.32 -20.13
N THR B 211 -17.78 34.97 -19.23
CA THR B 211 -17.55 34.45 -17.88
C THR B 211 -18.18 35.37 -16.86
N LYS B 212 -18.79 34.77 -15.85
CA LYS B 212 -19.24 35.43 -14.60
C LYS B 212 -18.70 34.71 -13.40
N TYR B 213 -18.44 35.44 -12.31
CA TYR B 213 -18.24 34.79 -11.01
C TYR B 213 -19.53 34.31 -10.44
N VAL B 214 -19.48 33.15 -9.77
CA VAL B 214 -20.68 32.59 -9.17
C VAL B 214 -20.38 32.07 -7.76
N LYS B 215 -21.38 32.23 -6.90
CA LYS B 215 -21.42 31.55 -5.61
C LYS B 215 -22.64 30.70 -5.51
N TYR B 216 -22.48 29.55 -4.86
CA TYR B 216 -23.57 28.60 -4.66
C TYR B 216 -24.05 28.55 -3.20
N HIS B 217 -25.37 28.41 -3.03
CA HIS B 217 -25.99 28.30 -1.68
C HIS B 217 -27.07 27.23 -1.63
N TRP B 218 -27.10 26.37 -0.63
CA TRP B 218 -28.14 25.39 -0.48
C TRP B 218 -28.99 25.81 0.74
N ARG B 219 -30.30 25.88 0.55
CA ARG B 219 -31.25 26.28 1.60
C ARG B 219 -32.13 25.10 1.99
N PRO B 220 -32.02 24.63 3.21
CA PRO B 220 -32.74 23.42 3.65
C PRO B 220 -34.26 23.57 3.70
N SER B 221 -34.98 22.62 3.13
CA SER B 221 -36.47 22.67 3.19
C SER B 221 -36.88 22.50 4.62
N GLU B 222 -36.04 21.85 5.45
CA GLU B 222 -36.35 21.59 6.86
C GLU B 222 -35.96 22.78 7.77
N GLY B 223 -35.37 23.86 7.20
CA GLY B 223 -34.97 25.06 7.94
C GLY B 223 -33.66 24.80 8.62
N ILE B 224 -33.03 25.86 9.10
CA ILE B 224 -31.75 25.78 9.82
C ILE B 224 -32.07 25.70 11.29
N ARG B 225 -31.53 24.67 11.97
CA ARG B 225 -31.66 24.55 13.41
C ARG B 225 -30.30 24.15 14.01
N ASN B 226 -29.92 24.78 15.12
CA ASN B 226 -28.65 24.63 15.76
C ASN B 226 -28.81 24.15 17.20
N LEU B 227 -27.70 23.79 17.80
CA LEU B 227 -27.65 23.38 19.19
C LEU B 227 -26.80 24.26 20.00
N SER B 228 -27.31 24.65 21.16
CA SER B 228 -26.42 25.30 22.16
C SER B 228 -25.39 24.30 22.67
N MET B 229 -24.36 24.77 23.36
CA MET B 229 -23.43 23.87 24.00
CA MET B 229 -23.42 23.87 23.99
C MET B 229 -24.13 22.89 24.93
N GLU B 230 -25.10 23.39 25.69
CA GLU B 230 -25.81 22.53 26.58
C GLU B 230 -26.71 21.50 25.87
N GLU B 231 -27.37 21.89 24.78
CA GLU B 231 -28.22 20.97 24.04
C GLU B 231 -27.36 19.90 23.40
N ALA B 232 -26.18 20.32 22.92
CA ALA B 232 -25.27 19.34 22.30
C ALA B 232 -24.79 18.30 23.32
N ALA B 233 -24.47 18.76 24.55
CA ALA B 233 -24.04 17.84 25.61
C ALA B 233 -25.12 16.86 25.98
N GLU B 234 -26.40 17.31 26.05
CA GLU B 234 -27.52 16.43 26.34
C GLU B 234 -27.68 15.31 25.31
N ILE B 235 -27.53 15.67 24.04
CA ILE B 235 -27.58 14.67 22.95
C ILE B 235 -26.35 13.75 23.11
N GLN B 236 -25.19 14.34 23.36
CA GLN B 236 -23.92 13.52 23.31
C GLN B 236 -23.96 12.42 24.38
N ALA B 237 -24.66 12.71 25.52
CA ALA B 237 -24.69 11.80 26.62
C ALA B 237 -25.25 10.44 26.18
N ASN B 238 -26.19 10.45 25.24
CA ASN B 238 -26.91 9.25 24.84
C ASN B 238 -26.61 8.77 23.42
N ASP B 239 -26.04 9.61 22.55
CA ASP B 239 -25.84 9.19 21.16
C ASP B 239 -24.67 9.94 20.56
N PHE B 240 -23.66 9.21 20.19
CA PHE B 240 -22.50 9.85 19.55
C PHE B 240 -22.57 9.77 18.01
N GLN B 241 -23.68 9.29 17.43
CA GLN B 241 -23.86 9.31 16.00
C GLN B 241 -25.28 9.74 15.65
N HIS B 242 -25.74 10.79 16.34
CA HIS B 242 -27.12 11.25 16.19
C HIS B 242 -27.45 11.76 14.81
N ALA B 243 -26.50 12.41 14.15
CA ALA B 243 -26.77 13.01 12.85
C ALA B 243 -26.81 11.92 11.73
N THR B 244 -25.91 10.93 11.81
CA THR B 244 -25.92 9.75 10.99
C THR B 244 -27.25 8.98 11.14
N ARG B 245 -27.66 8.82 12.38
CA ARG B 245 -28.91 8.14 12.66
C ARG B 245 -30.08 8.88 12.06
N ASP B 246 -30.10 10.19 12.32
CA ASP B 246 -31.21 11.06 11.85
C ASP B 246 -31.37 11.05 10.34
N LEU B 247 -30.26 11.15 9.61
CA LEU B 247 -30.32 11.12 8.15
C LEU B 247 -30.88 9.82 7.61
N TYR B 248 -30.34 8.70 8.10
CA TYR B 248 -30.76 7.36 7.65
C TYR B 248 -32.25 7.19 7.95
N ASP B 249 -32.64 7.57 9.18
CA ASP B 249 -34.06 7.35 9.61
C ASP B 249 -35.06 8.19 8.81
N ARG B 250 -34.71 9.45 8.53
CA ARG B 250 -35.58 10.31 7.68
C ARG B 250 -35.88 9.63 6.37
N ILE B 251 -34.83 9.14 5.74
CA ILE B 251 -34.93 8.60 4.40
C ILE B 251 -35.67 7.26 4.51
N GLU B 252 -35.35 6.42 5.51
CA GLU B 252 -36.01 5.14 5.63
C GLU B 252 -37.53 5.31 5.81
N LYS B 253 -37.95 6.36 6.52
CA LYS B 253 -39.40 6.56 6.75
C LYS B 253 -40.09 7.40 5.67
N GLY B 254 -39.34 7.81 4.65
CA GLY B 254 -39.92 8.55 3.51
C GLY B 254 -40.01 10.04 3.71
N ASN B 255 -39.35 10.56 4.76
CA ASN B 255 -39.37 11.95 5.05
C ASN B 255 -38.12 12.59 4.44
N TYR B 256 -38.09 12.76 3.14
CA TYR B 256 -36.82 12.99 2.46
C TYR B 256 -36.40 14.47 2.63
N PRO B 257 -35.17 14.73 3.12
CA PRO B 257 -34.72 16.08 3.26
C PRO B 257 -34.37 16.67 1.89
N ALA B 258 -34.59 17.97 1.74
CA ALA B 258 -34.33 18.61 0.49
C ALA B 258 -33.69 19.95 0.70
N TRP B 259 -33.02 20.43 -0.33
CA TRP B 259 -32.43 21.73 -0.35
C TRP B 259 -32.68 22.39 -1.67
N ASP B 260 -33.00 23.68 -1.61
CA ASP B 260 -33.02 24.50 -2.79
C ASP B 260 -31.67 25.14 -3.09
N LEU B 261 -31.23 25.09 -4.34
CA LEU B 261 -29.97 25.59 -4.78
C LEU B 261 -30.22 26.98 -5.36
N TYR B 262 -29.50 27.96 -4.81
CA TYR B 262 -29.50 29.36 -5.30
C TYR B 262 -28.08 29.73 -5.70
N VAL B 263 -27.95 30.69 -6.61
CA VAL B 263 -26.65 31.22 -6.93
C VAL B 263 -26.68 32.73 -6.85
N GLN B 264 -25.53 33.29 -6.57
CA GLN B 264 -25.27 34.71 -6.80
C GLN B 264 -24.29 34.85 -7.97
N LEU B 265 -24.51 35.87 -8.80
CA LEU B 265 -23.67 36.09 -9.97
C LEU B 265 -23.07 37.51 -9.97
N MET B 266 -21.80 37.62 -10.29
CA MET B 266 -21.07 38.88 -10.26
C MET B 266 -20.22 38.97 -11.51
N PRO B 267 -20.26 40.13 -12.21
CA PRO B 267 -19.29 40.37 -13.28
C PRO B 267 -17.83 40.43 -12.82
N LEU B 268 -16.91 39.87 -13.59
CA LEU B 268 -15.48 39.95 -13.28
C LEU B 268 -15.04 41.45 -13.09
N SER B 269 -15.72 42.36 -13.83
CA SER B 269 -15.40 43.78 -13.81
C SER B 269 -15.79 44.45 -12.49
N ASP B 270 -16.51 43.78 -11.61
CA ASP B 270 -16.76 44.35 -10.27
C ASP B 270 -15.58 44.34 -9.29
N TYR B 271 -14.48 43.72 -9.68
CA TYR B 271 -13.32 43.66 -8.77
C TYR B 271 -12.98 45.06 -8.19
N ASP B 272 -12.88 46.12 -9.02
CA ASP B 272 -12.49 47.43 -8.49
C ASP B 272 -13.59 48.20 -7.81
N GLU B 273 -14.82 47.68 -7.92
CA GLU B 273 -15.97 48.25 -7.23
C GLU B 273 -16.01 47.92 -5.77
N LEU B 274 -15.25 46.88 -5.36
CA LEU B 274 -15.35 46.36 -4.04
C LEU B 274 -14.14 46.66 -3.14
N ASP B 275 -14.38 46.68 -1.83
CA ASP B 275 -13.27 46.88 -0.87
C ASP B 275 -12.69 45.56 -0.29
N TYR B 276 -13.01 44.45 -0.99
CA TYR B 276 -12.46 43.13 -0.71
C TYR B 276 -12.32 42.46 -2.10
N ASP B 277 -11.56 41.36 -2.11
CA ASP B 277 -11.31 40.56 -3.31
C ASP B 277 -12.43 39.55 -3.41
N PRO B 278 -13.18 39.60 -4.53
CA PRO B 278 -14.38 38.71 -4.57
C PRO B 278 -14.04 37.23 -4.54
N CYS B 279 -12.77 36.90 -4.82
CA CYS B 279 -12.28 35.50 -4.70
C CYS B 279 -11.49 35.20 -3.39
N ASP B 280 -11.64 36.03 -2.38
CA ASP B 280 -11.09 35.75 -1.07
C ASP B 280 -12.15 34.96 -0.33
N PRO B 281 -11.86 33.67 0.03
CA PRO B 281 -12.89 32.81 0.58
C PRO B 281 -13.18 33.09 2.09
N THR B 282 -12.54 34.13 2.63
CA THR B 282 -12.91 34.67 3.93
C THR B 282 -14.04 35.69 3.81
N LYS B 283 -14.57 35.92 2.60
CA LYS B 283 -15.53 36.97 2.31
C LYS B 283 -16.82 36.35 1.76
N THR B 284 -17.96 36.87 2.18
CA THR B 284 -19.19 36.67 1.44
C THR B 284 -19.43 37.84 0.48
N TRP B 285 -20.45 37.66 -0.34
CA TRP B 285 -20.99 38.73 -1.18
C TRP B 285 -22.36 39.17 -0.67
N SER B 286 -22.62 40.51 -0.73
CA SER B 286 -23.90 41.06 -0.26
C SER B 286 -25.07 40.45 -1.05
N GLU B 287 -26.11 39.96 -0.35
CA GLU B 287 -27.31 39.42 -0.97
C GLU B 287 -28.19 40.55 -1.49
N GLU B 288 -27.98 41.74 -0.95
CA GLU B 288 -28.66 42.96 -1.46
C GLU B 288 -28.09 43.28 -2.84
N ASP B 289 -26.76 43.40 -2.92
CA ASP B 289 -26.10 43.79 -4.17
C ASP B 289 -26.01 42.69 -5.27
N TYR B 290 -25.97 41.42 -4.82
CA TYR B 290 -25.87 40.27 -5.69
C TYR B 290 -26.94 39.29 -5.20
N PRO B 291 -28.18 39.48 -5.64
CA PRO B 291 -29.30 38.69 -5.10
C PRO B 291 -29.23 37.21 -5.40
N LEU B 292 -29.81 36.44 -4.51
CA LEU B 292 -29.87 35.00 -4.71
C LEU B 292 -30.85 34.70 -5.83
N GLN B 293 -30.44 33.82 -6.72
CA GLN B 293 -31.23 33.41 -7.88
C GLN B 293 -31.48 31.92 -7.79
N LYS B 294 -32.75 31.52 -7.75
CA LYS B 294 -33.12 30.10 -7.65
C LYS B 294 -32.75 29.31 -8.89
N VAL B 295 -32.14 28.13 -8.64
CA VAL B 295 -31.74 27.25 -9.71
C VAL B 295 -32.55 26.00 -9.73
N GLY B 296 -32.64 25.32 -8.60
CA GLY B 296 -33.37 24.05 -8.55
C GLY B 296 -33.36 23.43 -7.18
N ARG B 297 -33.73 22.15 -7.06
CA ARG B 297 -33.94 21.51 -5.76
C ARG B 297 -33.36 20.09 -5.78
N MET B 298 -32.66 19.75 -4.69
CA MET B 298 -32.06 18.44 -4.50
C MET B 298 -32.81 17.73 -3.42
N THR B 299 -33.26 16.52 -3.70
CA THR B 299 -33.99 15.72 -2.69
C THR B 299 -33.18 14.46 -2.45
N LEU B 300 -32.90 14.10 -1.19
CA LEU B 300 -32.19 12.89 -0.86
C LEU B 300 -33.20 11.81 -0.43
N ASN B 301 -33.20 10.70 -1.16
CA ASN B 301 -34.31 9.74 -1.08
C ASN B 301 -33.91 8.27 -1.00
N ARG B 302 -32.61 7.99 -0.91
CA ARG B 302 -32.16 6.62 -0.95
C ARG B 302 -30.90 6.45 -0.06
N ASN B 303 -30.97 5.56 0.92
CA ASN B 303 -29.74 5.20 1.67
C ASN B 303 -28.88 4.25 0.86
N PRO B 304 -27.56 4.22 1.13
CA PRO B 304 -26.70 3.31 0.44
C PRO B 304 -26.95 1.89 0.85
N GLU B 305 -26.53 0.97 0.02
CA GLU B 305 -26.62 -0.49 0.39
C GLU B 305 -25.52 -0.96 1.31
N ASN B 306 -24.33 -0.31 1.26
CA ASN B 306 -23.21 -0.72 2.10
C ASN B 306 -22.43 0.50 2.43
N PHE B 307 -22.33 0.79 3.73
CA PHE B 307 -21.63 2.01 4.15
C PHE B 307 -20.16 2.07 3.75
N PHE B 308 -19.40 1.01 3.97
CA PHE B 308 -18.00 1.03 3.53
C PHE B 308 -17.80 1.25 2.04
N ALA B 309 -18.51 0.49 1.22
CA ALA B 309 -18.23 0.48 -0.23
C ALA B 309 -18.67 1.75 -0.92
N GLU B 310 -19.72 2.38 -0.38
CA GLU B 310 -20.34 3.57 -0.98
C GLU B 310 -19.99 4.85 -0.20
N THR B 311 -20.24 4.94 1.10
CA THR B 311 -19.98 6.20 1.83
C THR B 311 -18.49 6.32 2.20
N GLU B 312 -17.94 5.28 2.74
CA GLU B 312 -16.50 5.38 3.15
C GLU B 312 -15.56 5.55 1.96
N GLN B 313 -15.80 4.89 0.86
CA GLN B 313 -14.95 4.91 -0.32
C GLN B 313 -15.31 6.05 -1.32
N ALA B 314 -16.35 6.83 -1.03
CA ALA B 314 -16.71 8.01 -1.88
C ALA B 314 -15.58 8.98 -1.97
N ALA B 315 -15.36 9.54 -3.14
CA ALA B 315 -14.29 10.45 -3.46
C ALA B 315 -14.82 11.64 -4.18
N PHE B 316 -14.75 12.82 -3.53
CA PHE B 316 -15.18 14.04 -4.15
C PHE B 316 -13.93 14.87 -4.38
N THR B 317 -13.96 15.73 -5.41
CA THR B 317 -12.86 16.72 -5.58
C THR B 317 -13.40 18.03 -6.20
N PRO B 318 -13.00 19.17 -5.66
CA PRO B 318 -13.37 20.40 -6.34
C PRO B 318 -12.90 20.57 -7.78
N SER B 319 -11.87 19.79 -8.16
CA SER B 319 -11.40 19.77 -9.56
C SER B 319 -12.25 18.90 -10.48
N ALA B 320 -13.29 18.26 -9.96
CA ALA B 320 -14.20 17.45 -10.84
C ALA B 320 -15.20 18.46 -11.37
N LEU B 321 -14.74 19.25 -12.33
CA LEU B 321 -15.51 20.32 -12.95
C LEU B 321 -16.02 19.86 -14.31
N VAL B 322 -17.15 20.42 -14.76
CA VAL B 322 -17.77 20.04 -16.02
C VAL B 322 -17.76 21.23 -16.92
N PRO B 323 -17.92 21.02 -18.24
CA PRO B 323 -17.83 22.17 -19.15
C PRO B 323 -18.84 23.23 -18.80
N GLY B 324 -18.34 24.48 -18.74
CA GLY B 324 -19.11 25.60 -18.33
C GLY B 324 -18.97 26.03 -16.85
N ILE B 325 -18.30 25.17 -16.07
CA ILE B 325 -18.05 25.48 -14.66
C ILE B 325 -16.58 25.25 -14.40
N GLU B 326 -15.88 26.35 -13.99
CA GLU B 326 -14.43 26.39 -13.89
C GLU B 326 -14.00 26.95 -12.52
N ALA B 327 -12.75 26.69 -12.16
CA ALA B 327 -12.20 27.22 -10.92
C ALA B 327 -12.12 28.71 -11.04
N SER B 328 -12.23 29.43 -9.92
CA SER B 328 -11.69 30.77 -9.88
C SER B 328 -10.24 30.71 -9.42
N GLU B 329 -9.65 31.88 -9.41
CA GLU B 329 -8.28 32.09 -8.94
C GLU B 329 -8.04 32.01 -7.43
N ASP B 330 -9.10 31.89 -6.65
CA ASP B 330 -9.06 31.70 -5.18
C ASP B 330 -7.91 30.74 -4.83
N LYS B 331 -6.90 31.24 -4.09
CA LYS B 331 -5.69 30.46 -3.88
C LYS B 331 -5.94 29.25 -2.95
N LEU B 332 -6.98 29.33 -2.16
CA LEU B 332 -7.41 28.19 -1.32
C LEU B 332 -7.99 27.09 -2.18
N LEU B 333 -8.89 27.51 -3.07
CA LEU B 333 -9.44 26.58 -4.08
C LEU B 333 -8.40 25.96 -4.95
N GLN B 334 -7.43 26.77 -5.37
CA GLN B 334 -6.41 26.23 -6.29
C GLN B 334 -5.68 25.02 -5.68
N GLY B 335 -5.34 25.11 -4.41
CA GLY B 335 -4.70 23.92 -3.75
C GLY B 335 -5.60 22.72 -3.58
N ARG B 336 -6.90 22.94 -3.33
CA ARG B 336 -7.89 21.84 -3.24
C ARG B 336 -7.92 21.07 -4.55
N LEU B 337 -7.71 21.76 -5.67
CA LEU B 337 -7.81 21.07 -6.95
C LEU B 337 -6.83 19.90 -6.98
N PHE B 338 -5.63 20.13 -6.41
CA PHE B 338 -4.66 19.11 -6.28
C PHE B 338 -4.89 18.07 -5.16
N SER B 339 -5.15 18.56 -3.93
CA SER B 339 -5.11 17.75 -2.72
C SER B 339 -6.11 16.59 -2.72
N TYR B 340 -7.29 16.77 -3.28
CA TYR B 340 -8.32 15.72 -3.16
C TYR B 340 -7.97 14.46 -3.97
N PRO B 341 -7.68 14.57 -5.29
CA PRO B 341 -7.33 13.39 -6.03
C PRO B 341 -6.03 12.80 -5.47
N ASP B 342 -5.12 13.66 -5.00
CA ASP B 342 -3.87 13.21 -4.42
C ASP B 342 -4.09 12.28 -3.21
N THR B 343 -4.89 12.78 -2.26
CA THR B 343 -5.11 11.99 -1.05
C THR B 343 -5.95 10.73 -1.39
N GLN B 344 -6.82 10.80 -2.39
CA GLN B 344 -7.67 9.68 -2.73
C GLN B 344 -6.86 8.50 -3.34
N ARG B 345 -5.86 8.82 -4.15
CA ARG B 345 -4.96 7.79 -4.68
C ARG B 345 -4.27 7.04 -3.59
N HIS B 346 -3.89 7.71 -2.50
CA HIS B 346 -3.38 7.08 -1.28
C HIS B 346 -4.46 6.34 -0.53
N ARG B 347 -5.57 7.01 -0.28
CA ARG B 347 -6.56 6.42 0.64
C ARG B 347 -7.25 5.21 0.00
N LEU B 348 -7.48 5.27 -1.29
CA LEU B 348 -8.44 4.36 -1.95
C LEU B 348 -7.77 3.50 -3.06
N GLY B 349 -6.60 3.95 -3.57
CA GLY B 349 -5.92 3.29 -4.66
C GLY B 349 -5.86 4.12 -5.92
N ALA B 350 -4.85 3.84 -6.76
CA ALA B 350 -4.72 4.51 -8.07
C ALA B 350 -5.98 4.43 -8.92
N ASN B 351 -6.71 3.29 -8.80
CA ASN B 351 -7.92 3.07 -9.57
C ASN B 351 -9.20 3.39 -8.84
N TYR B 352 -9.14 4.34 -7.93
CA TYR B 352 -10.33 4.68 -7.08
C TYR B 352 -11.55 5.16 -7.91
N MET B 353 -11.29 5.70 -9.07
CA MET B 353 -12.33 6.19 -9.97
C MET B 353 -13.16 5.06 -10.60
N ARG B 354 -12.75 3.80 -10.41
CA ARG B 354 -13.54 2.65 -10.80
C ARG B 354 -14.38 2.06 -9.69
N ILE B 355 -14.30 2.60 -8.46
CA ILE B 355 -15.17 2.15 -7.39
C ILE B 355 -16.55 2.62 -7.77
N PRO B 356 -17.56 1.75 -7.64
CA PRO B 356 -18.87 2.12 -8.21
C PRO B 356 -19.42 3.52 -7.92
N VAL B 357 -19.42 3.96 -6.65
CA VAL B 357 -19.97 5.25 -6.31
C VAL B 357 -19.25 6.38 -7.00
N ASN B 358 -17.98 6.16 -7.32
CA ASN B 358 -17.19 7.20 -7.98
C ASN B 358 -17.24 7.24 -9.52
N CYS B 359 -17.85 6.21 -10.09
CA CYS B 359 -17.83 5.99 -11.54
C CYS B 359 -18.79 7.10 -12.11
N PRO B 360 -18.38 7.71 -13.21
CA PRO B 360 -19.32 8.51 -13.97
C PRO B 360 -20.42 7.71 -14.64
N TYR B 361 -21.50 8.42 -14.96
CA TYR B 361 -22.52 7.86 -15.85
C TYR B 361 -22.06 8.00 -17.32
N ALA B 362 -21.41 9.12 -17.62
CA ALA B 362 -20.84 9.40 -18.92
C ALA B 362 -19.75 8.42 -19.26
N PRO B 363 -19.61 8.11 -20.53
CA PRO B 363 -18.59 7.12 -20.89
C PRO B 363 -17.18 7.62 -20.53
N VAL B 364 -16.31 6.69 -20.15
CA VAL B 364 -14.92 6.99 -19.94
C VAL B 364 -14.12 6.21 -21.00
N HIS B 365 -13.21 6.90 -21.73
CA HIS B 365 -12.32 6.27 -22.68
C HIS B 365 -11.03 7.07 -22.69
N ASN B 366 -9.95 6.45 -22.28
CA ASN B 366 -8.66 7.07 -22.35
C ASN B 366 -7.55 6.05 -22.41
N ASN B 367 -6.32 6.52 -22.36
CA ASN B 367 -5.17 5.68 -22.58
C ASN B 367 -4.42 5.30 -21.29
N GLN B 368 -5.05 5.57 -20.16
CA GLN B 368 -4.46 5.19 -18.88
C GLN B 368 -4.58 3.70 -18.75
N GLN B 369 -3.69 3.07 -18.00
CA GLN B 369 -3.69 1.64 -17.82
C GLN B 369 -3.13 1.24 -16.48
N ASP B 370 -3.50 -0.01 -16.09
CA ASP B 370 -2.82 -0.80 -15.08
C ASP B 370 -3.10 -0.11 -13.70
N GLY B 371 -2.15 -0.25 -12.77
CA GLY B 371 -2.38 0.15 -11.37
C GLY B 371 -2.97 -0.96 -10.54
N PHE B 372 -2.79 -0.87 -9.22
CA PHE B 372 -3.26 -1.91 -8.29
CA PHE B 372 -3.27 -1.84 -8.25
C PHE B 372 -4.74 -2.11 -8.54
N MET B 373 -5.13 -3.34 -8.45
CA MET B 373 -6.52 -3.75 -8.52
C MET B 373 -7.19 -3.30 -9.81
N THR B 374 -6.56 -3.68 -10.92
CA THR B 374 -7.21 -3.57 -12.26
C THR B 374 -8.29 -4.60 -12.46
N THR B 375 -9.52 -4.15 -12.42
CA THR B 375 -10.70 -5.05 -12.41
C THR B 375 -11.57 -4.90 -13.63
N THR B 376 -11.22 -3.97 -14.55
CA THR B 376 -12.06 -3.52 -15.68
C THR B 376 -11.95 -4.27 -17.07
N ARG B 377 -11.24 -5.37 -17.14
CA ARG B 377 -11.15 -6.18 -18.40
C ARG B 377 -10.69 -5.38 -19.61
N PRO B 378 -9.53 -4.78 -19.51
CA PRO B 378 -9.04 -3.98 -20.58
C PRO B 378 -8.68 -4.82 -21.78
N SER B 379 -8.67 -4.18 -22.95
CA SER B 379 -8.29 -4.86 -24.19
C SER B 379 -7.80 -3.87 -25.21
N GLY B 380 -7.19 -4.41 -26.30
CA GLY B 380 -6.67 -3.56 -27.35
C GLY B 380 -5.17 -3.30 -27.27
N HIS B 381 -4.57 -2.97 -28.43
CA HIS B 381 -3.11 -2.75 -28.55
C HIS B 381 -2.69 -1.31 -28.37
N ILE B 382 -3.68 -0.40 -28.42
CA ILE B 382 -3.39 1.04 -28.62
C ILE B 382 -3.72 1.78 -27.33
N ASN B 383 -2.67 2.23 -26.66
CA ASN B 383 -2.76 2.90 -25.40
C ASN B 383 -1.97 4.23 -25.42
N TYR B 384 -1.91 4.83 -26.61
CA TYR B 384 -1.12 6.06 -26.82
C TYR B 384 -1.84 6.87 -27.87
N GLU B 385 -1.69 8.21 -27.76
CA GLU B 385 -2.24 9.15 -28.70
C GLU B 385 -1.23 10.30 -28.80
N PRO B 386 -0.95 10.79 -30.03
CA PRO B 386 -1.61 10.43 -31.31
C PRO B 386 -1.34 9.04 -31.83
N ASN B 387 -2.30 8.52 -32.59
CA ASN B 387 -2.13 7.27 -33.24
C ASN B 387 -2.83 7.35 -34.60
N ARG B 388 -2.64 6.29 -35.39
CA ARG B 388 -3.12 6.32 -36.80
C ARG B 388 -4.57 5.86 -36.97
N TYR B 389 -5.27 5.56 -35.89
CA TYR B 389 -6.50 4.82 -35.92
C TYR B 389 -7.66 5.70 -35.61
N ASP B 390 -8.60 5.80 -36.55
CA ASP B 390 -9.63 6.86 -36.44
C ASP B 390 -10.71 6.55 -35.37
N ASP B 391 -10.80 5.29 -35.06
CA ASP B 391 -11.77 4.70 -34.14
C ASP B 391 -11.30 4.82 -32.65
N GLN B 392 -10.01 5.14 -32.43
CA GLN B 392 -9.48 5.23 -31.08
C GLN B 392 -9.91 6.59 -30.52
N PRO B 393 -9.98 6.70 -29.17
CA PRO B 393 -10.42 7.99 -28.59
C PRO B 393 -9.57 9.21 -28.98
N LYS B 394 -10.22 10.29 -29.31
CA LYS B 394 -9.55 11.54 -29.74
C LYS B 394 -10.04 12.71 -28.93
N GLU B 395 -9.16 13.71 -28.81
CA GLU B 395 -9.56 14.97 -28.17
C GLU B 395 -10.76 15.60 -28.96
N ASN B 396 -11.57 16.36 -28.26
CA ASN B 396 -12.69 17.05 -28.83
C ASN B 396 -12.65 18.55 -28.49
N PRO B 397 -12.21 19.36 -29.45
CA PRO B 397 -12.03 20.81 -29.17
C PRO B 397 -13.26 21.61 -28.73
N HIS B 398 -14.46 21.13 -29.01
CA HIS B 398 -15.66 21.69 -28.45
C HIS B 398 -15.66 21.77 -26.90
N TYR B 399 -14.84 20.93 -26.26
CA TYR B 399 -14.81 20.85 -24.81
C TYR B 399 -13.60 21.53 -24.20
N LYS B 400 -12.92 22.41 -24.92
CA LYS B 400 -11.88 23.23 -24.30
C LYS B 400 -12.41 24.15 -23.21
N GLU B 401 -11.59 24.40 -22.22
CA GLU B 401 -11.95 25.28 -21.15
C GLU B 401 -11.68 26.70 -21.60
N SER B 402 -12.22 27.64 -20.85
CA SER B 402 -11.92 29.05 -21.16
C SER B 402 -10.45 29.39 -20.94
N GLU B 403 -10.08 30.61 -21.33
CA GLU B 403 -8.68 31.14 -21.16
C GLU B 403 -8.61 32.39 -20.25
N PRO B 404 -8.66 32.19 -18.94
CA PRO B 404 -8.74 33.38 -18.04
C PRO B 404 -7.57 34.32 -18.23
N VAL B 405 -7.88 35.61 -18.14
CA VAL B 405 -6.86 36.63 -18.28
C VAL B 405 -6.05 36.72 -17.05
N LEU B 406 -4.73 36.78 -17.22
CA LEU B 406 -3.81 36.93 -16.11
C LEU B 406 -3.51 38.47 -15.98
N HIS B 407 -3.60 38.99 -14.80
CA HIS B 407 -3.28 40.38 -14.58
C HIS B 407 -1.84 40.53 -14.10
N GLY B 408 -1.27 39.51 -13.49
CA GLY B 408 0.08 39.66 -13.01
C GLY B 408 1.05 39.35 -14.13
N ASP B 409 2.23 39.92 -13.99
CA ASP B 409 3.27 39.78 -14.98
C ASP B 409 4.50 39.02 -14.42
N ARG B 410 4.44 38.54 -13.16
CA ARG B 410 5.54 37.77 -12.53
C ARG B 410 5.01 36.62 -11.71
N MET B 411 5.83 35.59 -11.57
CA MET B 411 5.57 34.50 -10.63
C MET B 411 5.97 34.99 -9.24
N VAL B 412 4.98 35.07 -8.35
CA VAL B 412 5.16 35.69 -7.04
C VAL B 412 4.55 34.86 -5.91
N ARG B 413 5.10 35.07 -4.72
CA ARG B 413 4.48 34.68 -3.48
C ARG B 413 4.15 35.92 -2.65
N GLN B 414 2.91 36.31 -2.71
CA GLN B 414 2.47 37.53 -2.14
C GLN B 414 1.01 37.46 -1.74
N LYS B 415 0.69 38.04 -0.60
CA LYS B 415 -0.72 38.11 -0.16
C LYS B 415 -1.54 38.93 -1.16
N ILE B 416 -2.80 38.57 -1.33
CA ILE B 416 -3.67 39.42 -2.11
C ILE B 416 -3.70 40.84 -1.60
N GLU B 417 -3.95 41.77 -2.50
CA GLU B 417 -4.34 43.12 -2.07
C GLU B 417 -5.75 43.13 -1.46
N LYS B 418 -6.05 44.20 -0.70
CA LYS B 418 -7.28 44.38 0.05
C LYS B 418 -7.76 43.10 0.80
N PRO B 419 -6.86 42.53 1.60
CA PRO B 419 -7.25 41.42 2.49
C PRO B 419 -8.38 41.78 3.42
N ASN B 420 -8.43 43.04 3.92
CA ASN B 420 -9.59 43.51 4.68
C ASN B 420 -10.12 42.48 5.72
N ASP B 421 -9.29 42.16 6.69
CA ASP B 421 -9.48 40.96 7.51
C ASP B 421 -10.64 41.13 8.51
N PHE B 422 -11.04 42.37 8.80
CA PHE B 422 -11.96 42.61 9.95
C PHE B 422 -13.35 43.09 9.62
N LYS B 423 -13.53 43.69 8.49
CA LYS B 423 -14.76 44.44 8.26
C LYS B 423 -15.99 43.56 8.19
N GLN B 424 -15.91 42.47 7.42
CA GLN B 424 -17.09 41.61 7.31
C GLN B 424 -17.36 40.88 8.61
N ALA B 425 -16.32 40.61 9.41
CA ALA B 425 -16.59 40.00 10.73
C ALA B 425 -17.45 40.93 11.57
N GLY B 426 -17.15 42.23 11.49
CA GLY B 426 -17.93 43.26 12.20
C GLY B 426 -19.35 43.36 11.67
N GLU B 427 -19.50 43.35 10.36
CA GLU B 427 -20.81 43.33 9.74
C GLU B 427 -21.63 42.13 10.16
N LYS B 428 -21.03 40.95 10.21
CA LYS B 428 -21.78 39.80 10.68
C LYS B 428 -22.20 39.92 12.14
N TYR B 429 -21.27 40.35 12.97
CA TYR B 429 -21.55 40.51 14.40
C TYR B 429 -22.77 41.39 14.56
N ARG B 430 -22.75 42.51 13.88
CA ARG B 430 -23.87 43.47 14.01
C ARG B 430 -25.18 42.97 13.46
N SER B 431 -25.10 42.05 12.49
CA SER B 431 -26.29 41.42 11.91
C SER B 431 -27.00 40.47 12.87
N TYR B 432 -26.28 40.00 13.89
CA TYR B 432 -26.80 39.03 14.85
C TYR B 432 -27.85 39.71 15.74
N SER B 433 -28.86 38.94 16.13
CA SER B 433 -29.79 39.37 17.17
C SER B 433 -29.07 39.43 18.49
N GLU B 434 -29.68 40.05 19.50
CA GLU B 434 -29.03 40.10 20.81
C GLU B 434 -28.81 38.73 21.42
N GLU B 435 -29.81 37.85 21.29
CA GLU B 435 -29.72 36.49 21.75
C GLU B 435 -28.55 35.78 21.04
N GLU B 436 -28.42 35.99 19.74
CA GLU B 436 -27.34 35.35 18.96
C GLU B 436 -25.98 35.93 19.39
N LYS B 437 -25.92 37.24 19.66
CA LYS B 437 -24.67 37.85 20.14
C LYS B 437 -24.29 37.31 21.51
N GLN B 438 -25.28 37.09 22.37
CA GLN B 438 -25.00 36.51 23.67
C GLN B 438 -24.45 35.09 23.54
N ALA B 439 -25.00 34.33 22.62
CA ALA B 439 -24.53 32.93 22.43
C ALA B 439 -23.09 32.93 21.94
N LEU B 440 -22.82 33.84 21.05
CA LEU B 440 -21.49 33.94 20.43
C LEU B 440 -20.47 34.26 21.53
N ILE B 441 -20.76 35.28 22.34
CA ILE B 441 -19.82 35.69 23.38
C ILE B 441 -19.65 34.56 24.41
N LYS B 442 -20.74 33.89 24.77
CA LYS B 442 -20.72 32.75 25.67
C LYS B 442 -19.79 31.64 25.13
N ASN B 443 -20.01 31.31 23.87
CA ASN B 443 -19.28 30.22 23.24
C ASN B 443 -17.79 30.55 23.12
N LEU B 444 -17.49 31.79 22.73
CA LEU B 444 -16.10 32.22 22.66
C LEU B 444 -15.41 32.21 24.03
N THR B 445 -16.15 32.66 25.05
CA THR B 445 -15.60 32.76 26.37
C THR B 445 -15.24 31.36 26.91
N ALA B 446 -16.13 30.41 26.72
CA ALA B 446 -15.87 29.04 27.20
C ALA B 446 -14.59 28.46 26.53
N ASP B 447 -14.37 28.83 25.28
CA ASP B 447 -13.31 28.31 24.47
C ASP B 447 -12.00 29.01 24.81
N LEU B 448 -12.07 30.33 25.13
CA LEU B 448 -10.87 31.15 25.34
C LEU B 448 -10.39 31.23 26.77
N LYS B 449 -11.21 30.84 27.72
CA LYS B 449 -10.93 31.18 29.13
C LYS B 449 -9.67 30.49 29.65
N GLY B 450 -9.29 29.34 29.07
CA GLY B 450 -8.06 28.69 29.48
C GLY B 450 -6.81 28.91 28.67
N VAL B 451 -6.86 29.74 27.64
CA VAL B 451 -5.71 29.84 26.73
C VAL B 451 -4.71 30.84 27.28
N ASN B 452 -3.48 30.74 26.79
CA ASN B 452 -2.35 31.60 27.12
C ASN B 452 -2.83 33.06 27.09
N GLU B 453 -2.44 33.85 28.09
CA GLU B 453 -2.98 35.22 28.20
C GLU B 453 -2.69 36.12 27.02
N LYS B 454 -1.49 36.04 26.50
CA LYS B 454 -1.11 36.80 25.35
C LYS B 454 -1.99 36.44 24.11
N THR B 455 -2.24 35.15 23.89
CA THR B 455 -3.10 34.70 22.80
C THR B 455 -4.52 35.14 23.02
N LYS B 456 -4.99 35.13 24.28
CA LYS B 456 -6.31 35.56 24.64
C LYS B 456 -6.50 37.06 24.33
N LEU B 457 -5.49 37.85 24.66
CA LEU B 457 -5.54 39.27 24.33
C LEU B 457 -5.55 39.53 22.81
N LEU B 458 -4.77 38.79 22.04
CA LEU B 458 -4.74 38.97 20.60
C LEU B 458 -6.07 38.57 20.01
N ALA B 459 -6.72 37.55 20.54
CA ALA B 459 -8.10 37.21 20.11
C ALA B 459 -9.05 38.38 20.31
N ILE B 460 -9.00 38.92 21.51
CA ILE B 460 -9.83 40.05 21.84
C ILE B 460 -9.55 41.24 20.92
N CYS B 461 -8.28 41.52 20.67
CA CYS B 461 -7.88 42.57 19.73
C CYS B 461 -8.45 42.34 18.34
N ASN B 462 -8.35 41.11 17.82
CA ASN B 462 -8.88 40.86 16.48
C ASN B 462 -10.40 41.09 16.44
N PHE B 463 -11.14 40.59 17.44
CA PHE B 463 -12.59 40.83 17.47
C PHE B 463 -12.92 42.28 17.69
N TYR B 464 -12.14 42.97 18.52
CA TYR B 464 -12.33 44.43 18.71
C TYR B 464 -12.16 45.21 17.40
N ARG B 465 -11.17 44.83 16.58
CA ARG B 465 -10.98 45.42 15.27
C ARG B 465 -12.11 45.16 14.31
N ALA B 466 -12.76 44.01 14.42
CA ALA B 466 -14.01 43.76 13.75
C ALA B 466 -15.14 44.65 14.22
N ASP B 467 -15.38 44.66 15.51
CA ASP B 467 -16.39 45.61 16.07
C ASP B 467 -16.02 45.93 17.51
N GLU B 468 -16.01 47.20 17.89
CA GLU B 468 -15.63 47.56 19.27
C GLU B 468 -16.48 46.94 20.35
N ASP B 469 -17.79 46.86 20.13
CA ASP B 469 -18.72 46.28 21.07
C ASP B 469 -18.48 44.77 21.22
N TYR B 470 -18.30 44.09 20.10
CA TYR B 470 -17.92 42.64 20.09
C TYR B 470 -16.69 42.43 20.97
N GLY B 471 -15.62 43.17 20.68
CA GLY B 471 -14.35 43.00 21.36
C GLY B 471 -14.49 43.34 22.84
N GLN B 472 -15.11 44.48 23.11
CA GLN B 472 -15.29 44.86 24.54
C GLN B 472 -16.15 43.85 25.34
N ARG B 473 -17.30 43.42 24.80
CA ARG B 473 -18.09 42.37 25.42
C ARG B 473 -17.28 41.12 25.72
N LEU B 474 -16.49 40.68 24.75
CA LEU B 474 -15.69 39.49 25.01
C LEU B 474 -14.65 39.71 26.07
N ALA B 475 -13.99 40.86 26.05
CA ALA B 475 -13.04 41.19 27.08
C ALA B 475 -13.73 41.18 28.49
N ASP B 476 -14.90 41.78 28.56
CA ASP B 476 -15.68 41.87 29.84
C ASP B 476 -16.02 40.47 30.33
N SER B 477 -16.44 39.59 29.39
CA SER B 477 -16.85 38.22 29.77
C SER B 477 -15.65 37.40 30.22
N LEU B 478 -14.49 37.64 29.64
CA LEU B 478 -13.26 36.92 30.05
C LEU B 478 -12.52 37.58 31.24
N GLY B 479 -12.98 38.76 31.67
CA GLY B 479 -12.28 39.46 32.77
C GLY B 479 -10.94 40.07 32.36
N VAL B 480 -10.78 40.44 31.09
CA VAL B 480 -9.55 41.05 30.62
C VAL B 480 -9.72 42.53 30.42
N ASP B 481 -8.91 43.30 31.15
CA ASP B 481 -9.00 44.75 31.12
C ASP B 481 -8.24 45.27 29.95
N ILE B 482 -8.94 45.92 29.03
CA ILE B 482 -8.29 46.39 27.84
C ILE B 482 -8.13 47.91 27.80
N ARG B 483 -8.47 48.60 28.89
CA ARG B 483 -8.32 50.04 28.98
C ARG B 483 -6.96 50.57 28.52
N SER B 484 -5.89 49.97 29.01
CA SER B 484 -4.57 50.53 28.66
C SER B 484 -4.32 50.58 27.14
N TYR B 485 -5.00 49.76 26.35
CA TYR B 485 -4.86 49.75 24.89
C TYR B 485 -5.84 50.69 24.15
N LEU B 486 -6.84 51.23 24.84
CA LEU B 486 -7.83 52.13 24.25
C LEU B 486 -7.52 53.51 24.87
N HIS C 6 16.88 29.04 17.54
CA HIS C 6 16.24 29.40 16.22
C HIS C 6 16.58 28.40 15.11
N LYS C 7 15.59 28.10 14.29
CA LYS C 7 15.70 27.06 13.28
C LYS C 7 15.02 27.58 12.03
N ASN C 8 15.56 27.19 10.85
CA ASN C 8 14.82 27.31 9.58
C ASN C 8 13.77 26.22 9.41
N LEU C 9 12.59 26.65 9.00
CA LEU C 9 11.65 25.77 8.34
CA LEU C 9 11.64 25.78 8.34
C LEU C 9 12.26 25.32 7.00
N THR C 10 12.26 24.02 6.73
CA THR C 10 12.90 23.51 5.51
C THR C 10 11.92 22.59 4.76
N THR C 11 12.20 22.36 3.51
CA THR C 11 11.57 21.24 2.81
C THR C 11 12.20 19.94 3.31
N ASN C 12 11.63 18.80 2.85
CA ASN C 12 12.28 17.53 3.11
C ASN C 12 13.62 17.29 2.41
N GLN C 13 13.97 18.17 1.48
CA GLN C 13 15.26 18.12 0.85
C GLN C 13 16.29 18.91 1.65
N GLY C 14 15.88 19.53 2.77
CA GLY C 14 16.83 20.32 3.59
C GLY C 14 17.00 21.74 3.03
N VAL C 15 16.17 22.19 2.10
CA VAL C 15 16.27 23.60 1.63
C VAL C 15 15.41 24.55 2.48
N PRO C 16 15.99 25.65 3.00
CA PRO C 16 15.18 26.49 3.83
C PRO C 16 14.03 27.10 3.04
N VAL C 17 12.89 27.25 3.68
CA VAL C 17 11.66 27.77 3.05
C VAL C 17 11.64 29.30 3.16
N GLY C 18 11.57 29.98 2.02
CA GLY C 18 11.51 31.45 2.01
C GLY C 18 10.15 32.07 2.43
N ASP C 19 9.07 31.33 2.19
CA ASP C 19 7.76 31.85 2.44
C ASP C 19 6.85 30.66 2.74
N ASN C 20 6.43 30.53 3.99
CA ASN C 20 5.51 29.46 4.38
C ASN C 20 4.02 29.95 4.44
N GLN C 21 3.75 31.14 3.88
CA GLN C 21 2.41 31.75 3.92
C GLN C 21 1.67 31.73 2.58
N ASN C 22 2.40 31.97 1.50
CA ASN C 22 1.82 32.27 0.21
C ASN C 22 2.26 31.22 -0.79
N SER C 23 1.29 30.66 -1.46
CA SER C 23 1.50 29.89 -2.75
C SER C 23 2.11 30.76 -3.84
N ARG C 24 2.70 30.07 -4.82
CA ARG C 24 3.29 30.76 -5.95
C ARG C 24 2.28 30.94 -7.09
N THR C 25 2.05 32.18 -7.49
CA THR C 25 0.89 32.56 -8.29
C THR C 25 1.28 33.56 -9.36
N ALA C 26 0.42 33.66 -10.35
CA ALA C 26 0.53 34.71 -11.42
C ALA C 26 0.07 36.09 -10.91
N GLY C 27 1.01 36.86 -10.39
CA GLY C 27 0.69 38.10 -9.65
C GLY C 27 0.02 37.83 -8.32
N HIS C 28 -0.38 38.90 -7.65
CA HIS C 28 -0.77 38.77 -6.27
C HIS C 28 -2.11 38.02 -6.06
N ARG C 29 -2.93 37.94 -7.12
CA ARG C 29 -4.21 37.27 -6.96
C ARG C 29 -4.48 36.18 -7.97
N GLY C 30 -3.48 35.80 -8.75
CA GLY C 30 -3.75 34.97 -9.94
C GLY C 30 -3.71 33.49 -9.55
N PRO C 31 -3.96 32.62 -10.55
CA PRO C 31 -3.95 31.20 -10.30
C PRO C 31 -2.53 30.69 -9.97
N SER C 32 -2.50 29.49 -9.40
CA SER C 32 -1.31 28.94 -8.84
C SER C 32 -0.50 28.16 -9.85
N PHE C 33 0.80 28.20 -9.66
CA PHE C 33 1.70 27.49 -10.49
C PHE C 33 2.00 26.07 -10.00
N LEU C 34 2.23 25.18 -10.98
CA LEU C 34 2.70 23.86 -10.67
C LEU C 34 4.12 23.82 -10.05
N ASP C 35 5.00 24.76 -10.45
CA ASP C 35 6.37 24.84 -9.92
C ASP C 35 6.35 25.54 -8.56
N ASP C 36 5.80 24.86 -7.59
CA ASP C 36 5.78 25.29 -6.17
C ASP C 36 6.05 24.04 -5.33
N TYR C 37 7.32 23.68 -5.24
CA TYR C 37 7.72 22.40 -4.65
C TYR C 37 7.27 22.38 -3.20
N HIS C 38 7.47 23.48 -2.47
CA HIS C 38 7.10 23.49 -1.07
C HIS C 38 5.62 23.23 -0.87
N LEU C 39 4.76 23.89 -1.66
CA LEU C 39 3.29 23.67 -1.57
C LEU C 39 2.95 22.17 -1.80
N ILE C 40 3.45 21.62 -2.94
CA ILE C 40 3.13 20.27 -3.31
C ILE C 40 3.68 19.24 -2.30
N GLU C 41 4.94 19.41 -1.86
CA GLU C 41 5.48 18.48 -0.90
C GLU C 41 4.71 18.50 0.40
N LYS C 42 4.37 19.68 0.87
CA LYS C 42 3.66 19.89 2.13
C LYS C 42 2.22 19.34 2.07
N LEU C 43 1.50 19.64 1.02
CA LEU C 43 0.14 19.10 0.83
C LEU C 43 0.20 17.57 0.65
N ALA C 44 1.15 17.07 -0.16
CA ALA C 44 1.19 15.68 -0.46
C ALA C 44 1.47 14.88 0.79
N HIS C 45 2.36 15.37 1.65
CA HIS C 45 2.60 14.65 2.88
C HIS C 45 1.39 14.70 3.84
N PHE C 46 0.76 15.84 3.98
CA PHE C 46 -0.51 15.97 4.69
C PHE C 46 -1.49 14.98 4.21
N ASP C 47 -1.60 14.84 2.89
CA ASP C 47 -2.57 14.00 2.21
C ASP C 47 -2.34 12.49 2.52
N ARG C 48 -1.14 12.18 2.98
CA ARG C 48 -0.73 10.81 3.33
C ARG C 48 -0.47 10.55 4.83
N GLU C 49 -0.95 11.39 5.71
CA GLU C 49 -0.72 11.17 7.16
C GLU C 49 -1.33 9.89 7.74
N ARG C 50 -2.52 9.51 7.25
CA ARG C 50 -3.33 8.54 7.90
C ARG C 50 -2.97 7.15 7.42
N ILE C 51 -2.94 6.20 8.37
CA ILE C 51 -2.76 4.78 8.10
C ILE C 51 -4.02 4.08 8.60
N PRO C 52 -4.28 2.82 8.16
CA PRO C 52 -5.52 2.12 8.66
C PRO C 52 -5.50 2.02 10.17
N GLU C 53 -6.65 2.19 10.79
CA GLU C 53 -6.74 2.00 12.23
C GLU C 53 -6.75 0.50 12.46
N ARG C 54 -6.49 0.08 13.68
CA ARG C 54 -6.60 -1.35 14.08
C ARG C 54 -8.05 -1.87 13.82
N VAL C 55 -8.17 -3.08 13.28
CA VAL C 55 -9.45 -3.68 12.91
C VAL C 55 -10.37 -3.84 14.10
N VAL C 56 -9.79 -4.12 15.28
CA VAL C 56 -10.43 -3.96 16.55
C VAL C 56 -9.47 -3.27 17.51
N HIS C 57 -9.98 -2.74 18.62
CA HIS C 57 -9.21 -1.99 19.59
C HIS C 57 -8.56 -0.71 18.97
N ALA C 58 -9.33 -0.10 18.08
CA ALA C 58 -8.83 1.10 17.37
C ALA C 58 -8.62 2.32 18.28
N ARG C 59 -9.49 2.48 19.28
CA ARG C 59 -9.42 3.57 20.27
C ARG C 59 -8.55 3.13 21.45
N GLY C 60 -7.46 3.84 21.71
CA GLY C 60 -6.61 3.51 22.84
C GLY C 60 -5.55 4.49 23.23
N ALA C 61 -4.79 4.16 24.28
CA ALA C 61 -3.80 5.05 24.86
C ALA C 61 -2.66 4.23 25.42
N GLY C 62 -1.45 4.81 25.31
CA GLY C 62 -0.16 4.13 25.57
C GLY C 62 0.64 4.82 26.65
N ALA C 63 1.43 4.05 27.36
CA ALA C 63 2.37 4.62 28.25
C ALA C 63 3.53 3.63 28.47
N TYR C 64 4.65 4.16 28.89
CA TYR C 64 5.80 3.31 29.22
C TYR C 64 5.98 3.16 30.71
N GLY C 65 6.70 2.12 31.11
CA GLY C 65 6.96 1.94 32.53
C GLY C 65 7.99 0.87 32.81
N VAL C 66 7.92 0.30 34.00
CA VAL C 66 8.85 -0.76 34.41
C VAL C 66 8.08 -1.84 35.13
N PHE C 67 8.47 -3.11 34.90
CA PHE C 67 8.00 -4.29 35.66
C PHE C 67 9.13 -4.80 36.52
N GLU C 68 8.83 -4.95 37.81
CA GLU C 68 9.84 -5.46 38.76
C GLU C 68 9.37 -6.77 39.37
N VAL C 69 10.28 -7.75 39.36
CA VAL C 69 9.95 -9.08 39.92
C VAL C 69 10.03 -9.02 41.45
N GLU C 70 9.01 -9.53 42.13
CA GLU C 70 9.05 -9.74 43.59
C GLU C 70 9.46 -11.16 43.95
N ASN C 71 8.91 -12.16 43.25
CA ASN C 71 9.24 -13.56 43.50
C ASN C 71 9.72 -14.18 42.24
N SER C 72 10.94 -14.72 42.27
CA SER C 72 11.40 -15.47 41.06
C SER C 72 10.46 -16.61 40.69
N MET C 73 10.30 -16.84 39.39
CA MET C 73 9.41 -17.88 38.93
C MET C 73 10.19 -19.09 38.41
N GLU C 74 11.51 -19.19 38.72
CA GLU C 74 12.34 -20.22 38.13
C GLU C 74 11.89 -21.66 38.42
N LYS C 75 11.10 -21.88 39.43
CA LYS C 75 10.56 -23.25 39.67
C LYS C 75 9.62 -23.70 38.52
N HIS C 76 9.03 -22.70 37.85
CA HIS C 76 7.99 -22.97 36.90
C HIS C 76 8.25 -22.54 35.44
N THR C 77 9.10 -21.55 35.26
CA THR C 77 9.49 -21.08 33.95
C THR C 77 10.94 -20.59 33.99
N ARG C 78 11.62 -20.85 32.88
CA ARG C 78 12.97 -20.36 32.68
CA ARG C 78 12.99 -20.37 32.65
C ARG C 78 13.01 -18.97 32.05
N ALA C 79 11.85 -18.33 31.90
CA ALA C 79 11.80 -16.99 31.34
C ALA C 79 12.77 -16.02 32.02
N ALA C 80 13.63 -15.41 31.20
CA ALA C 80 14.64 -14.61 31.77
C ALA C 80 14.16 -13.45 32.61
N PHE C 81 13.15 -12.72 32.09
CA PHE C 81 12.66 -11.54 32.79
C PHE C 81 12.02 -11.84 34.14
N LEU C 82 11.78 -13.13 34.43
CA LEU C 82 11.13 -13.51 35.71
C LEU C 82 12.08 -14.33 36.64
N SER C 83 13.38 -14.26 36.37
CA SER C 83 14.28 -15.23 36.93
C SER C 83 14.74 -14.88 38.35
N GLU C 84 14.72 -13.60 38.74
CA GLU C 84 15.39 -13.14 39.98
C GLU C 84 14.56 -12.05 40.61
N GLU C 85 14.48 -12.10 41.93
CA GLU C 85 13.91 -11.03 42.73
C GLU C 85 14.62 -9.75 42.40
N GLY C 86 13.84 -8.70 42.19
CA GLY C 86 14.39 -7.40 41.88
C GLY C 86 14.60 -7.03 40.43
N LYS C 87 14.50 -8.01 39.55
CA LYS C 87 14.87 -7.82 38.15
C LYS C 87 13.82 -6.92 37.48
N GLN C 88 14.30 -5.82 36.89
CA GLN C 88 13.44 -4.80 36.24
C GLN C 88 13.50 -4.93 34.72
N THR C 89 12.34 -4.83 34.08
CA THR C 89 12.20 -4.90 32.64
C THR C 89 11.32 -3.73 32.23
N ASP C 90 11.80 -2.99 31.25
CA ASP C 90 11.02 -1.88 30.65
C ASP C 90 9.78 -2.48 29.93
N VAL C 91 8.67 -1.76 30.03
CA VAL C 91 7.47 -2.12 29.32
C VAL C 91 6.95 -0.96 28.52
N PHE C 92 6.22 -1.30 27.43
CA PHE C 92 5.26 -0.39 26.83
C PHE C 92 3.87 -1.01 26.86
N VAL C 93 2.86 -0.25 27.24
CA VAL C 93 1.51 -0.73 27.46
C VAL C 93 0.52 0.11 26.66
N ARG C 94 -0.40 -0.54 25.97
CA ARG C 94 -1.52 0.14 25.36
C ARG C 94 -2.80 -0.41 25.92
N PHE C 95 -3.70 0.51 26.27
CA PHE C 95 -5.04 0.21 26.74
C PHE C 95 -6.00 0.63 25.67
N SER C 96 -7.16 0.02 25.62
CA SER C 96 -8.10 0.28 24.53
C SER C 96 -9.50 -0.17 24.81
N THR C 97 -10.45 0.31 24.04
CA THR C 97 -11.77 -0.26 23.94
C THR C 97 -11.69 -1.29 22.81
N VAL C 98 -12.81 -1.79 22.33
CA VAL C 98 -12.73 -2.89 21.33
C VAL C 98 -13.39 -2.56 19.97
N ILE C 99 -14.69 -2.19 19.99
CA ILE C 99 -15.49 -2.28 18.79
C ILE C 99 -15.46 -1.02 17.92
N HIS C 100 -15.66 0.16 18.52
CA HIS C 100 -15.81 1.35 17.73
C HIS C 100 -14.49 1.92 17.20
N PRO C 101 -14.56 2.89 16.25
CA PRO C 101 -13.34 3.34 15.61
C PRO C 101 -12.50 4.29 16.48
N LYS C 102 -11.42 4.78 15.90
N LYS C 102 -11.38 4.71 15.94
CA LYS C 102 -10.67 5.89 16.45
CA LYS C 102 -10.38 5.49 16.66
C LYS C 102 -11.67 7.01 16.62
C LYS C 102 -10.87 6.64 17.50
N GLY C 103 -11.50 7.77 17.66
N GLY C 103 -11.89 7.35 17.02
CA GLY C 103 -12.35 8.88 17.90
CA GLY C 103 -12.35 8.58 17.71
C GLY C 103 -13.58 8.50 18.68
C GLY C 103 -13.57 8.44 18.59
N SER C 104 -13.90 7.21 18.87
CA SER C 104 -15.09 6.85 19.53
C SER C 104 -14.97 7.09 21.04
N PRO C 105 -16.14 7.22 21.71
CA PRO C 105 -16.09 7.47 23.16
C PRO C 105 -15.49 6.31 24.00
N GLU C 106 -14.89 6.67 25.11
CA GLU C 106 -14.36 5.65 26.05
C GLU C 106 -15.35 5.29 27.22
N THR C 107 -16.61 5.71 27.03
CA THR C 107 -17.73 5.46 27.92
C THR C 107 -18.65 4.29 27.49
N LEU C 108 -18.32 3.61 26.41
CA LEU C 108 -19.12 2.51 25.88
C LEU C 108 -18.85 1.18 26.56
N ARG C 109 -19.86 0.32 26.62
CA ARG C 109 -19.68 -1.04 27.14
C ARG C 109 -18.79 -1.86 26.21
N ASP C 110 -17.79 -2.53 26.75
CA ASP C 110 -16.84 -3.28 25.90
C ASP C 110 -15.89 -3.90 26.90
N PRO C 111 -15.29 -5.04 26.57
CA PRO C 111 -13.95 -5.32 27.19
C PRO C 111 -12.99 -4.18 26.96
N ARG C 112 -11.93 -4.08 27.79
CA ARG C 112 -10.85 -3.14 27.54
C ARG C 112 -9.57 -3.94 27.33
N GLY C 113 -8.81 -3.52 26.30
CA GLY C 113 -7.56 -4.12 26.08
C GLY C 113 -6.53 -3.70 27.10
N PHE C 114 -5.56 -4.59 27.31
CA PHE C 114 -4.55 -4.42 28.31
C PHE C 114 -3.27 -5.13 27.76
N ALA C 115 -2.56 -4.48 26.85
CA ALA C 115 -1.49 -5.10 26.07
C ALA C 115 -0.17 -4.63 26.61
N VAL C 116 0.69 -5.54 27.05
CA VAL C 116 1.93 -5.25 27.65
C VAL C 116 3.09 -5.83 26.86
N LYS C 117 4.03 -4.98 26.47
CA LYS C 117 5.24 -5.41 25.78
C LYS C 117 6.41 -5.27 26.73
N PHE C 118 7.04 -6.40 27.00
CA PHE C 118 8.20 -6.46 27.90
C PHE C 118 9.45 -6.55 27.06
N TYR C 119 10.32 -5.62 27.24
CA TYR C 119 11.58 -5.57 26.44
C TYR C 119 12.68 -6.41 27.11
N THR C 120 12.59 -7.72 26.98
CA THR C 120 13.43 -8.60 27.80
C THR C 120 14.79 -8.88 27.16
N GLU C 121 15.72 -9.44 27.95
CA GLU C 121 17.06 -9.73 27.47
C GLU C 121 17.06 -10.85 26.46
N GLU C 122 15.97 -11.67 26.41
CA GLU C 122 15.89 -12.74 25.43
C GLU C 122 14.80 -12.47 24.33
N GLY C 123 14.44 -11.20 24.16
CA GLY C 123 13.54 -10.78 23.10
C GLY C 123 12.32 -10.09 23.72
N ASN C 124 11.50 -9.51 22.86
CA ASN C 124 10.24 -8.88 23.33
C ASN C 124 9.21 -9.98 23.60
N TYR C 125 8.56 -9.86 24.73
CA TYR C 125 7.44 -10.68 25.16
C TYR C 125 6.21 -9.86 25.22
N ASP C 126 5.20 -10.15 24.40
CA ASP C 126 3.95 -9.44 24.44
C ASP C 126 2.91 -10.27 25.18
N LEU C 127 2.27 -9.68 26.19
CA LEU C 127 1.14 -10.31 26.87
C LEU C 127 -0.08 -9.47 26.53
N VAL C 128 -0.87 -9.93 25.57
CA VAL C 128 -1.87 -9.15 24.92
C VAL C 128 -3.21 -9.55 25.57
N GLY C 129 -3.50 -8.82 26.66
CA GLY C 129 -4.63 -9.20 27.52
C GLY C 129 -5.84 -8.28 27.34
N ASN C 130 -6.88 -8.59 28.11
CA ASN C 130 -8.07 -7.73 28.27
C ASN C 130 -8.32 -7.58 29.78
N ASN C 131 -9.18 -6.65 30.17
CA ASN C 131 -9.53 -6.61 31.60
C ASN C 131 -10.29 -7.88 32.04
N LEU C 132 -11.29 -8.33 31.26
CA LEU C 132 -12.11 -9.48 31.64
C LEU C 132 -11.36 -10.76 31.39
N PRO C 133 -11.58 -11.78 32.22
CA PRO C 133 -10.61 -12.93 32.19
C PRO C 133 -10.97 -14.07 31.25
N ILE C 134 -12.10 -13.92 30.55
CA ILE C 134 -12.62 -14.97 29.66
CA ILE C 134 -12.62 -14.96 29.65
C ILE C 134 -13.00 -14.30 28.34
N PHE C 135 -13.42 -15.09 27.38
CA PHE C 135 -13.85 -14.57 26.11
C PHE C 135 -15.18 -15.17 25.67
N PHE C 136 -15.75 -14.61 24.62
CA PHE C 136 -17.06 -14.96 24.12
C PHE C 136 -17.09 -16.28 23.35
N ILE C 137 -15.97 -16.62 22.75
CA ILE C 137 -15.85 -17.71 21.74
C ILE C 137 -14.56 -18.46 22.10
N ARG C 138 -14.39 -19.65 21.53
CA ARG C 138 -13.29 -20.57 21.88
C ARG C 138 -12.54 -21.09 20.64
N ASP C 139 -12.87 -20.57 19.47
CA ASP C 139 -12.17 -20.92 18.22
C ASP C 139 -12.01 -19.67 17.37
N ALA C 140 -10.78 -19.39 16.94
CA ALA C 140 -10.48 -18.20 16.11
C ALA C 140 -11.29 -18.15 14.82
N LEU C 141 -11.75 -19.30 14.33
CA LEU C 141 -12.51 -19.31 13.09
C LEU C 141 -13.75 -18.44 13.24
N LYS C 142 -14.27 -18.28 14.49
CA LYS C 142 -15.44 -17.46 14.70
C LYS C 142 -15.22 -15.99 14.92
N PHE C 143 -13.97 -15.56 15.02
CA PHE C 143 -13.72 -14.18 15.42
C PHE C 143 -14.27 -13.18 14.41
N PRO C 144 -14.08 -13.40 13.10
CA PRO C 144 -14.59 -12.33 12.23
C PRO C 144 -16.12 -12.27 12.33
N ASP C 145 -16.76 -13.42 12.57
CA ASP C 145 -18.21 -13.41 12.72
C ASP C 145 -18.67 -12.67 13.96
N MET C 146 -18.00 -12.97 15.07
CA MET C 146 -18.29 -12.29 16.35
C MET C 146 -18.13 -10.77 16.17
N VAL C 147 -16.96 -10.38 15.68
CA VAL C 147 -16.67 -8.94 15.44
C VAL C 147 -17.67 -8.28 14.53
N HIS C 148 -17.99 -8.88 13.38
CA HIS C 148 -18.96 -8.35 12.50
C HIS C 148 -20.36 -8.14 13.15
N SER C 149 -20.73 -9.02 14.01
CA SER C 149 -21.99 -8.96 14.73
C SER C 149 -22.06 -7.78 15.69
N LEU C 150 -20.94 -7.52 16.35
CA LEU C 150 -20.80 -6.47 17.34
C LEU C 150 -20.57 -5.11 16.71
N LYS C 151 -19.81 -5.08 15.61
CA LYS C 151 -19.54 -3.82 14.87
C LYS C 151 -20.79 -3.10 14.43
N PRO C 152 -20.71 -1.79 14.19
CA PRO C 152 -21.79 -1.12 13.54
C PRO C 152 -22.31 -1.91 12.31
N ASP C 153 -23.62 -1.94 12.16
CA ASP C 153 -24.26 -2.55 11.02
C ASP C 153 -23.65 -2.06 9.73
N PRO C 154 -23.46 -2.96 8.73
CA PRO C 154 -22.72 -2.57 7.54
C PRO C 154 -23.50 -1.68 6.60
N VAL C 155 -24.78 -1.47 6.89
CA VAL C 155 -25.62 -0.54 6.12
C VAL C 155 -25.72 0.78 6.82
N THR C 156 -26.06 0.77 8.10
CA THR C 156 -26.42 1.96 8.82
C THR C 156 -25.24 2.65 9.51
N ASN C 157 -24.16 1.93 9.74
CA ASN C 157 -23.04 2.44 10.58
C ASN C 157 -23.42 2.71 12.00
N ILE C 158 -24.36 1.90 12.56
CA ILE C 158 -24.74 2.01 13.96
C ILE C 158 -24.79 0.60 14.52
N GLN C 159 -24.19 0.42 15.69
CA GLN C 159 -24.24 -0.85 16.39
C GLN C 159 -25.67 -1.22 16.71
N ASP C 160 -26.01 -2.52 16.57
CA ASP C 160 -27.37 -2.98 16.68
C ASP C 160 -27.42 -4.24 17.56
N PRO C 161 -27.95 -4.12 18.78
CA PRO C 161 -28.02 -5.32 19.66
C PRO C 161 -28.76 -6.48 19.05
N ASP C 162 -29.69 -6.22 18.10
CA ASP C 162 -30.36 -7.34 17.46
C ASP C 162 -29.36 -8.22 16.66
N ARG C 163 -28.31 -7.59 16.13
CA ARG C 163 -27.29 -8.34 15.40
C ARG C 163 -26.41 -9.16 16.35
N TYR C 164 -25.79 -8.50 17.34
CA TYR C 164 -24.84 -9.23 18.18
C TYR C 164 -25.54 -10.24 19.08
N TRP C 165 -26.76 -9.94 19.54
CA TRP C 165 -27.47 -10.95 20.33
C TRP C 165 -27.86 -12.11 19.46
N ASP C 166 -28.13 -11.91 18.17
CA ASP C 166 -28.37 -13.06 17.24
C ASP C 166 -27.18 -14.00 17.26
N PHE C 167 -26.00 -13.43 17.00
CA PHE C 167 -24.81 -14.25 17.08
C PHE C 167 -24.60 -14.91 18.45
N MET C 168 -24.60 -14.11 19.52
CA MET C 168 -24.28 -14.63 20.84
C MET C 168 -25.24 -15.70 21.29
N THR C 169 -26.54 -15.51 21.05
CA THR C 169 -27.53 -16.53 21.48
C THR C 169 -27.32 -17.87 20.80
N LEU C 170 -26.91 -17.83 19.53
CA LEU C 170 -26.62 -19.04 18.72
C LEU C 170 -25.19 -19.61 18.95
N THR C 171 -24.48 -18.97 19.87
CA THR C 171 -23.10 -19.28 20.27
C THR C 171 -23.06 -19.32 21.78
N PRO C 172 -23.66 -20.37 22.38
CA PRO C 172 -23.98 -20.34 23.80
C PRO C 172 -22.74 -20.40 24.65
N GLU C 173 -21.58 -20.74 24.09
CA GLU C 173 -20.37 -20.63 24.85
C GLU C 173 -20.07 -19.19 25.27
N SER C 174 -20.78 -18.19 24.72
CA SER C 174 -20.64 -16.82 25.10
C SER C 174 -21.27 -16.45 26.47
N THR C 175 -22.01 -17.36 27.09
CA THR C 175 -22.86 -17.04 28.18
C THR C 175 -22.05 -16.57 29.42
N HIS C 176 -20.95 -17.23 29.72
CA HIS C 176 -20.07 -16.79 30.78
C HIS C 176 -19.57 -15.33 30.51
N MET C 177 -18.97 -15.09 29.36
CA MET C 177 -18.49 -13.73 29.06
C MET C 177 -19.54 -12.68 29.25
N LEU C 178 -20.75 -12.99 28.76
CA LEU C 178 -21.83 -11.97 28.83
C LEU C 178 -22.19 -11.67 30.31
N THR C 179 -22.09 -12.68 31.17
CA THR C 179 -22.37 -12.56 32.62
C THR C 179 -21.35 -11.67 33.36
N TRP C 180 -20.13 -11.55 32.79
CA TRP C 180 -19.20 -10.49 33.21
C TRP C 180 -19.42 -9.15 32.50
N LEU C 181 -19.56 -9.16 31.18
CA LEU C 181 -19.63 -7.89 30.38
C LEU C 181 -20.84 -7.04 30.70
N PHE C 182 -21.93 -7.68 31.13
CA PHE C 182 -23.12 -6.93 31.49
C PHE C 182 -23.24 -6.63 32.99
N SER C 183 -22.25 -7.06 33.79
CA SER C 183 -22.01 -6.41 35.07
C SER C 183 -21.55 -4.94 34.81
N ASP C 184 -21.39 -4.13 35.87
CA ASP C 184 -20.92 -2.78 35.57
C ASP C 184 -19.45 -2.79 35.23
N GLU C 185 -18.78 -3.93 35.37
CA GLU C 185 -17.38 -4.03 34.92
C GLU C 185 -17.25 -3.98 33.38
N GLY C 186 -18.36 -4.08 32.66
CA GLY C 186 -18.36 -3.78 31.20
C GLY C 186 -18.07 -2.31 30.87
N ILE C 187 -18.09 -1.39 31.86
CA ILE C 187 -17.67 0.06 31.61
C ILE C 187 -16.74 0.43 32.75
N PRO C 188 -15.46 0.05 32.62
CA PRO C 188 -14.50 0.58 33.60
C PRO C 188 -14.50 2.07 33.65
N ALA C 189 -14.18 2.64 34.85
CA ALA C 189 -14.13 4.11 34.97
C ALA C 189 -13.03 4.78 34.19
N ASN C 190 -11.89 4.10 34.07
CA ASN C 190 -10.77 4.55 33.32
C ASN C 190 -9.80 3.38 33.19
N TYR C 191 -8.63 3.63 32.58
CA TYR C 191 -7.71 2.53 32.32
C TYR C 191 -6.87 2.11 33.57
N ALA C 192 -6.78 2.99 34.57
CA ALA C 192 -6.00 2.75 35.78
C ALA C 192 -6.73 1.90 36.77
N GLU C 193 -8.04 2.12 36.87
CA GLU C 193 -8.84 1.47 37.94
C GLU C 193 -9.55 0.28 37.33
N MET C 194 -8.73 -0.62 36.82
CA MET C 194 -9.18 -1.63 35.90
C MET C 194 -8.36 -2.90 36.11
N ARG C 195 -9.02 -4.03 36.02
CA ARG C 195 -8.38 -5.39 36.03
C ARG C 195 -7.59 -5.65 34.73
N GLY C 196 -6.66 -6.61 34.76
CA GLY C 196 -6.01 -7.13 33.62
C GLY C 196 -5.97 -8.69 33.70
N SER C 197 -6.08 -9.34 32.54
CA SER C 197 -6.08 -10.79 32.43
C SER C 197 -5.36 -11.23 31.17
N GLY C 198 -4.60 -12.30 31.25
CA GLY C 198 -4.07 -12.98 30.04
C GLY C 198 -5.14 -13.68 29.22
N VAL C 199 -6.21 -14.00 29.90
CA VAL C 199 -7.38 -14.76 29.36
C VAL C 199 -7.03 -16.17 29.07
N HIS C 200 -6.16 -16.44 28.08
CA HIS C 200 -5.74 -17.80 27.85
C HIS C 200 -4.88 -18.45 28.87
N THR C 201 -4.99 -19.81 28.95
CA THR C 201 -3.97 -20.63 29.45
C THR C 201 -2.75 -20.60 28.56
N PHE C 202 -1.57 -20.37 29.15
CA PHE C 202 -0.35 -20.54 28.47
C PHE C 202 0.41 -21.71 29.09
N ARG C 203 1.53 -22.06 28.48
CA ARG C 203 2.43 -23.11 29.02
C ARG C 203 3.67 -22.50 29.51
N TRP C 204 4.00 -22.76 30.75
CA TRP C 204 5.28 -22.35 31.32
C TRP C 204 6.23 -23.55 31.37
N VAL C 205 7.45 -23.35 30.88
CA VAL C 205 8.43 -24.49 30.80
C VAL C 205 9.67 -24.12 31.58
N ASN C 206 10.09 -24.98 32.52
CA ASN C 206 11.22 -24.64 33.37
C ASN C 206 12.53 -25.17 32.82
N LYS C 207 13.56 -25.01 33.65
CA LYS C 207 14.92 -25.45 33.30
C LYS C 207 15.07 -26.95 33.09
N TYR C 208 14.15 -27.75 33.61
CA TYR C 208 14.18 -29.21 33.48
C TYR C 208 13.33 -29.64 32.27
N GLY C 209 12.67 -28.69 31.60
CA GLY C 209 11.78 -29.00 30.48
C GLY C 209 10.37 -29.35 30.91
N GLU C 210 10.07 -29.19 32.17
CA GLU C 210 8.76 -29.58 32.71
C GLU C 210 7.82 -28.44 32.44
N THR C 211 6.59 -28.77 32.09
CA THR C 211 5.61 -27.77 31.69
C THR C 211 4.51 -27.73 32.74
N LYS C 212 4.04 -26.52 33.07
CA LYS C 212 2.77 -26.26 33.77
C LYS C 212 1.89 -25.35 32.93
N TYR C 213 0.59 -25.48 33.10
CA TYR C 213 -0.31 -24.45 32.62
C TYR C 213 -0.36 -23.23 33.53
N VAL C 214 -0.47 -22.03 32.96
CA VAL C 214 -0.48 -20.81 33.69
C VAL C 214 -1.58 -19.89 33.17
N LYS C 215 -2.12 -19.13 34.11
CA LYS C 215 -2.92 -17.94 33.84
C LYS C 215 -2.38 -16.74 34.52
N TYR C 216 -2.48 -15.58 33.85
CA TYR C 216 -1.99 -14.32 34.32
C TYR C 216 -3.11 -13.33 34.74
N HIS C 217 -2.89 -12.61 35.85
CA HIS C 217 -3.86 -11.64 36.37
C HIS C 217 -3.15 -10.36 36.78
N TRP C 218 -3.67 -9.20 36.38
CA TRP C 218 -3.13 -7.92 36.84
C TRP C 218 -4.15 -7.35 37.81
N ARG C 219 -3.70 -6.92 38.99
CA ARG C 219 -4.55 -6.31 40.03
C ARG C 219 -4.11 -4.82 40.22
N PRO C 220 -5.01 -3.91 39.92
CA PRO C 220 -4.68 -2.47 39.98
C PRO C 220 -4.39 -2.00 41.43
N SER C 221 -3.30 -1.25 41.60
CA SER C 221 -3.02 -0.61 42.88
C SER C 221 -4.16 0.39 43.17
N GLU C 222 -4.79 0.96 42.11
CA GLU C 222 -5.81 1.98 42.29
C GLU C 222 -7.19 1.38 42.56
N GLY C 223 -7.29 0.03 42.63
CA GLY C 223 -8.55 -0.70 42.83
C GLY C 223 -9.33 -0.67 41.53
N ILE C 224 -10.35 -1.50 41.46
CA ILE C 224 -11.30 -1.54 40.32
C ILE C 224 -12.42 -0.54 40.58
N ARG C 225 -12.71 0.34 39.61
CA ARG C 225 -13.90 1.25 39.65
C ARG C 225 -14.62 1.13 38.35
N ASN C 226 -15.93 0.95 38.44
CA ASN C 226 -16.75 0.75 37.27
C ASN C 226 -17.76 1.85 37.17
N LEU C 227 -18.40 1.98 36.03
CA LEU C 227 -19.46 2.96 35.85
C LEU C 227 -20.78 2.28 35.58
N SER C 228 -21.82 2.74 36.24
CA SER C 228 -23.16 2.42 35.78
C SER C 228 -23.47 3.01 34.45
N MET C 229 -24.59 2.57 33.84
CA MET C 229 -25.00 3.18 32.57
C MET C 229 -25.21 4.69 32.72
N GLU C 230 -25.81 5.09 33.84
CA GLU C 230 -26.02 6.52 34.11
C GLU C 230 -24.72 7.32 34.29
N GLU C 231 -23.80 6.76 35.03
CA GLU C 231 -22.52 7.43 35.24
C GLU C 231 -21.78 7.56 33.90
N ALA C 232 -21.83 6.51 33.07
CA ALA C 232 -21.18 6.54 31.75
C ALA C 232 -21.77 7.60 30.87
N ALA C 233 -23.08 7.70 30.85
CA ALA C 233 -23.74 8.78 30.10
C ALA C 233 -23.32 10.15 30.55
N GLU C 234 -23.25 10.39 31.85
CA GLU C 234 -22.82 11.71 32.34
C GLU C 234 -21.41 12.10 31.88
N ILE C 235 -20.48 11.17 31.96
CA ILE C 235 -19.13 11.38 31.49
C ILE C 235 -19.16 11.57 29.95
N GLN C 236 -19.95 10.77 29.24
CA GLN C 236 -19.98 10.90 27.75
C GLN C 236 -20.43 12.31 27.31
N ALA C 237 -21.34 12.90 28.07
CA ALA C 237 -21.87 14.22 27.71
C ALA C 237 -20.79 15.29 27.59
N ASN C 238 -19.75 15.17 28.42
CA ASN C 238 -18.74 16.19 28.57
C ASN C 238 -17.36 15.80 28.05
N ASP C 239 -17.07 14.52 27.91
CA ASP C 239 -15.76 14.09 27.47
C ASP C 239 -15.84 12.73 26.76
N PHE C 240 -15.47 12.68 25.51
CA PHE C 240 -15.51 11.41 24.80
C PHE C 240 -14.13 10.73 24.84
N GLN C 241 -13.19 11.28 25.61
CA GLN C 241 -11.86 10.69 25.67
C GLN C 241 -11.32 10.70 27.10
N HIS C 242 -12.23 10.44 28.05
CA HIS C 242 -11.91 10.60 29.47
C HIS C 242 -10.83 9.65 29.96
N ALA C 243 -10.78 8.42 29.40
CA ALA C 243 -9.78 7.49 29.86
C ALA C 243 -8.39 7.80 29.32
N THR C 244 -8.33 8.20 28.06
CA THR C 244 -7.07 8.68 27.47
C THR C 244 -6.53 9.91 28.25
N ARG C 245 -7.42 10.83 28.57
CA ARG C 245 -7.07 12.01 29.33
C ARG C 245 -6.55 11.65 30.70
N ASP C 246 -7.27 10.75 31.34
CA ASP C 246 -6.93 10.33 32.72
C ASP C 246 -5.58 9.70 32.84
N LEU C 247 -5.27 8.78 31.91
CA LEU C 247 -4.00 8.12 31.92
C LEU C 247 -2.82 9.09 31.74
N TYR C 248 -2.92 9.99 30.76
CA TYR C 248 -1.87 10.93 30.45
C TYR C 248 -1.68 11.84 31.69
N ASP C 249 -2.81 12.30 32.21
CA ASP C 249 -2.79 13.26 33.34
C ASP C 249 -2.22 12.67 34.61
N ARG C 250 -2.57 11.42 34.94
CA ARG C 250 -1.97 10.74 36.10
C ARG C 250 -0.49 10.77 35.98
N ILE C 251 0.02 10.39 34.82
CA ILE C 251 1.44 10.22 34.69
C ILE C 251 2.09 11.61 34.64
N GLU C 252 1.47 12.56 33.99
CA GLU C 252 2.07 13.90 33.93
C GLU C 252 2.18 14.46 35.35
N LYS C 253 1.19 14.18 36.20
CA LYS C 253 1.21 14.68 37.63
C LYS C 253 2.14 13.91 38.57
N GLY C 254 2.69 12.78 38.13
CA GLY C 254 3.48 11.93 38.96
C GLY C 254 2.72 10.90 39.75
N ASN C 255 1.43 10.72 39.49
CA ASN C 255 0.55 9.77 40.18
C ASN C 255 0.51 8.44 39.40
N TYR C 256 1.57 7.69 39.43
CA TYR C 256 1.78 6.65 38.43
C TYR C 256 0.89 5.47 38.79
N PRO C 257 0.12 4.98 37.82
CA PRO C 257 -0.71 3.78 38.14
C PRO C 257 0.12 2.52 38.08
N ALA C 258 -0.26 1.55 38.89
CA ALA C 258 0.52 0.33 39.02
C ALA C 258 -0.42 -0.88 39.14
N TRP C 259 0.11 -2.04 38.75
CA TRP C 259 -0.60 -3.27 38.85
C TRP C 259 0.36 -4.33 39.40
N ASP C 260 -0.15 -5.09 40.32
CA ASP C 260 0.49 -6.32 40.66
C ASP C 260 0.15 -7.46 39.73
N LEU C 261 1.17 -8.23 39.35
CA LEU C 261 0.99 -9.42 38.54
C LEU C 261 0.96 -10.70 39.38
N TYR C 262 -0.12 -11.45 39.25
CA TYR C 262 -0.31 -12.75 39.91
C TYR C 262 -0.48 -13.82 38.84
N VAL C 263 -0.09 -15.06 39.15
CA VAL C 263 -0.36 -16.20 38.29
C VAL C 263 -1.11 -17.28 39.05
N GLN C 264 -1.90 -18.05 38.32
CA GLN C 264 -2.35 -19.39 38.78
C GLN C 264 -1.55 -20.39 38.01
N LEU C 265 -1.25 -21.53 38.66
CA LEU C 265 -0.56 -22.60 38.03
C LEU C 265 -1.35 -23.95 38.15
N MET C 266 -1.44 -24.71 37.07
CA MET C 266 -2.10 -26.03 37.02
C MET C 266 -1.22 -27.06 36.36
N PRO C 267 -1.13 -28.27 36.97
CA PRO C 267 -0.51 -29.37 36.25
C PRO C 267 -1.23 -29.81 35.00
N LEU C 268 -0.47 -30.21 33.96
CA LEU C 268 -1.10 -30.67 32.70
C LEU C 268 -2.06 -31.81 32.95
N SER C 269 -1.72 -32.60 33.95
CA SER C 269 -2.45 -33.78 34.22
C SER C 269 -3.83 -33.46 34.77
N ASP C 270 -4.08 -32.23 35.22
CA ASP C 270 -5.38 -31.93 35.77
C ASP C 270 -6.45 -31.82 34.72
N TYR C 271 -6.10 -31.78 33.43
CA TYR C 271 -7.10 -31.83 32.39
C TYR C 271 -8.11 -32.89 32.67
N ASP C 272 -7.61 -34.07 33.00
CA ASP C 272 -8.43 -35.25 32.79
C ASP C 272 -9.51 -35.39 33.85
N GLU C 273 -9.29 -34.77 35.01
CA GLU C 273 -10.14 -34.80 36.16
C GLU C 273 -11.20 -33.67 36.21
N LEU C 274 -11.04 -32.57 35.44
CA LEU C 274 -11.90 -31.38 35.50
C LEU C 274 -13.12 -31.62 34.66
N ASP C 275 -14.21 -30.91 34.95
CA ASP C 275 -15.43 -30.99 34.10
C ASP C 275 -15.53 -29.90 32.98
N TYR C 276 -14.39 -29.30 32.71
CA TYR C 276 -14.21 -28.39 31.62
C TYR C 276 -12.81 -28.59 31.10
N ASP C 277 -12.54 -27.98 29.95
CA ASP C 277 -11.20 -28.03 29.33
C ASP C 277 -10.46 -26.81 29.89
N PRO C 278 -9.32 -27.02 30.55
CA PRO C 278 -8.59 -25.91 31.12
C PRO C 278 -8.05 -24.92 30.08
N CYS C 279 -8.00 -25.32 28.82
CA CYS C 279 -7.58 -24.41 27.71
C CYS C 279 -8.80 -23.87 26.91
N ASP C 280 -10.00 -23.94 27.47
CA ASP C 280 -11.19 -23.27 26.89
C ASP C 280 -11.19 -21.86 27.43
N PRO C 281 -11.01 -20.84 26.56
CA PRO C 281 -10.94 -19.50 27.09
C PRO C 281 -12.28 -18.91 27.54
N THR C 282 -13.37 -19.70 27.50
CA THR C 282 -14.62 -19.29 28.07
C THR C 282 -14.67 -19.65 29.54
N LYS C 283 -13.59 -20.26 30.06
CA LYS C 283 -13.50 -20.82 31.41
C LYS C 283 -12.49 -20.04 32.24
N THR C 284 -12.78 -19.79 33.50
CA THR C 284 -11.76 -19.47 34.48
C THR C 284 -11.35 -20.70 35.27
N TRP C 285 -10.32 -20.53 36.04
CA TRP C 285 -9.90 -21.58 37.01
C TRP C 285 -10.21 -21.12 38.45
N SER C 286 -10.67 -22.03 39.29
CA SER C 286 -11.05 -21.66 40.68
C SER C 286 -9.83 -21.10 41.43
N GLU C 287 -9.98 -19.94 42.09
CA GLU C 287 -8.90 -19.32 42.90
C GLU C 287 -8.78 -20.01 44.23
N GLU C 288 -9.77 -20.79 44.60
CA GLU C 288 -9.62 -21.74 45.72
C GLU C 288 -8.71 -22.90 45.40
N ASP C 289 -8.98 -23.58 44.30
CA ASP C 289 -8.21 -24.75 43.86
C ASP C 289 -6.85 -24.43 43.26
N TYR C 290 -6.71 -23.26 42.64
CA TYR C 290 -5.45 -22.83 42.01
C TYR C 290 -5.18 -21.38 42.44
N PRO C 291 -4.62 -21.22 43.65
CA PRO C 291 -4.50 -19.90 44.25
C PRO C 291 -3.59 -18.93 43.46
N LEU C 292 -3.89 -17.66 43.57
CA LEU C 292 -3.10 -16.63 42.95
C LEU C 292 -1.77 -16.54 43.65
N GLN C 293 -0.70 -16.52 42.86
CA GLN C 293 0.65 -16.42 43.36
C GLN C 293 1.24 -15.11 42.86
N LYS C 294 1.74 -14.27 43.78
CA LYS C 294 2.33 -12.98 43.40
C LYS C 294 3.64 -13.13 42.67
N VAL C 295 3.75 -12.39 41.58
CA VAL C 295 4.95 -12.38 40.77
C VAL C 295 5.72 -11.08 40.89
N GLY C 296 5.03 -9.95 40.69
CA GLY C 296 5.72 -8.70 40.67
C GLY C 296 4.79 -7.55 40.49
N ARG C 297 5.34 -6.40 40.15
CA ARG C 297 4.57 -5.16 40.01
C ARG C 297 5.03 -4.39 38.76
N MET C 298 4.05 -3.85 38.03
CA MET C 298 4.32 -2.99 36.94
C MET C 298 3.87 -1.57 37.26
N THR C 299 4.71 -0.60 36.98
CA THR C 299 4.38 0.82 37.23
C THR C 299 4.52 1.56 35.95
N LEU C 300 3.49 2.31 35.54
CA LEU C 300 3.57 3.14 34.32
C LEU C 300 3.91 4.58 34.65
N ASN C 301 5.05 5.06 34.13
CA ASN C 301 5.60 6.32 34.61
C ASN C 301 6.03 7.31 33.57
N ARG C 302 5.70 7.05 32.29
CA ARG C 302 6.24 7.86 31.23
C ARG C 302 5.24 7.91 30.08
N ASN C 303 4.80 9.13 29.69
CA ASN C 303 4.03 9.25 28.49
C ASN C 303 4.88 9.17 27.26
N PRO C 304 4.28 8.77 26.12
CA PRO C 304 5.07 8.83 24.89
C PRO C 304 5.40 10.22 24.44
N GLU C 305 6.40 10.35 23.61
CA GLU C 305 6.71 11.67 23.01
C GLU C 305 5.78 12.04 21.84
N ASN C 306 5.27 11.03 21.11
CA ASN C 306 4.40 11.28 19.91
C ASN C 306 3.40 10.19 19.82
N PHE C 307 2.14 10.56 19.90
CA PHE C 307 1.03 9.54 19.97
C PHE C 307 1.03 8.67 18.73
N PHE C 308 1.11 9.28 17.56
CA PHE C 308 1.13 8.46 16.32
C PHE C 308 2.29 7.49 16.21
N ALA C 309 3.51 7.98 16.43
CA ALA C 309 4.68 7.16 16.13
C ALA C 309 4.79 6.00 17.10
N GLU C 310 4.32 6.22 18.36
CA GLU C 310 4.54 5.26 19.48
C GLU C 310 3.28 4.52 19.83
N THR C 311 2.18 5.22 20.08
CA THR C 311 0.99 4.48 20.47
C THR C 311 0.23 3.95 19.21
N GLU C 312 0.01 4.80 18.23
CA GLU C 312 -0.79 4.34 17.08
C GLU C 312 -0.07 3.25 16.31
N GLN C 313 1.27 3.34 16.16
CA GLN C 313 2.05 2.38 15.45
C GLN C 313 2.46 1.15 16.25
N ALA C 314 2.17 1.11 17.54
CA ALA C 314 2.58 -0.03 18.41
C ALA C 314 1.96 -1.35 17.90
N ALA C 315 2.76 -2.39 17.88
CA ALA C 315 2.30 -3.67 17.40
C ALA C 315 2.59 -4.74 18.46
N PHE C 316 1.55 -5.41 18.97
CA PHE C 316 1.66 -6.51 19.92
C PHE C 316 1.19 -7.78 19.29
N THR C 317 1.76 -8.92 19.67
CA THR C 317 1.23 -10.20 19.20
C THR C 317 1.36 -11.30 20.28
N PRO C 318 0.29 -12.07 20.52
CA PRO C 318 0.44 -13.15 21.47
C PRO C 318 1.50 -14.16 21.08
N SER C 319 1.88 -14.21 19.81
CA SER C 319 3.02 -15.12 19.41
C SER C 319 4.39 -14.56 19.64
N ALA C 320 4.48 -13.36 20.21
CA ALA C 320 5.78 -12.82 20.66
C ALA C 320 6.04 -13.41 22.06
N LEU C 321 6.48 -14.66 22.03
CA LEU C 321 6.78 -15.47 23.20
C LEU C 321 8.28 -15.54 23.38
N VAL C 322 8.70 -15.73 24.62
CA VAL C 322 10.16 -15.81 24.94
C VAL C 322 10.44 -17.21 25.51
N PRO C 323 11.72 -17.62 25.54
CA PRO C 323 11.98 -18.91 26.10
C PRO C 323 11.42 -19.10 27.48
N GLY C 324 10.74 -20.27 27.67
CA GLY C 324 10.12 -20.59 28.91
C GLY C 324 8.63 -20.31 28.96
N ILE C 325 8.13 -19.59 27.93
CA ILE C 325 6.71 -19.25 27.87
C ILE C 325 6.23 -19.59 26.49
N GLU C 326 5.22 -20.48 26.42
CA GLU C 326 4.75 -21.02 25.16
C GLU C 326 3.24 -20.92 25.09
N ALA C 327 2.73 -21.10 23.88
CA ALA C 327 1.26 -21.13 23.65
C ALA C 327 0.73 -22.40 24.24
N SER C 328 -0.52 -22.36 24.70
CA SER C 328 -1.24 -23.58 24.88
C SER C 328 -1.99 -23.91 23.58
N GLU C 329 -2.62 -25.05 23.61
CA GLU C 329 -3.45 -25.58 22.54
C GLU C 329 -4.81 -24.86 22.35
N ASP C 330 -5.15 -23.86 23.20
CA ASP C 330 -6.36 -23.09 23.11
C ASP C 330 -6.56 -22.62 21.66
N LYS C 331 -7.67 -23.01 21.03
CA LYS C 331 -7.85 -22.82 19.57
C LYS C 331 -8.14 -21.36 19.22
N LEU C 332 -8.57 -20.59 20.22
CA LEU C 332 -8.73 -19.16 20.08
C LEU C 332 -7.34 -18.51 20.01
N LEU C 333 -6.49 -18.88 20.99
CA LEU C 333 -5.11 -18.40 21.01
C LEU C 333 -4.41 -18.78 19.74
N GLN C 334 -4.59 -20.01 19.29
CA GLN C 334 -3.81 -20.48 18.13
C GLN C 334 -4.01 -19.52 16.90
N GLY C 335 -5.23 -19.11 16.67
CA GLY C 335 -5.50 -18.20 15.56
C GLY C 335 -4.92 -16.81 15.75
N ARG C 336 -4.89 -16.31 17.01
CA ARG C 336 -4.21 -15.07 17.34
C ARG C 336 -2.75 -15.07 17.01
N LEU C 337 -2.12 -16.23 17.12
CA LEU C 337 -0.69 -16.28 16.85
C LEU C 337 -0.41 -15.80 15.45
N PHE C 338 -1.31 -16.14 14.54
CA PHE C 338 -1.23 -15.71 13.15
C PHE C 338 -1.75 -14.27 12.85
N SER C 339 -2.93 -13.95 13.36
CA SER C 339 -3.66 -12.76 12.95
C SER C 339 -2.96 -11.45 13.28
N TYR C 340 -2.25 -11.39 14.43
CA TYR C 340 -1.66 -10.10 14.81
C TYR C 340 -0.49 -9.65 13.89
N PRO C 341 0.53 -10.51 13.72
CA PRO C 341 1.59 -10.10 12.75
C PRO C 341 1.09 -9.98 11.32
N ASP C 342 0.06 -10.76 10.98
CA ASP C 342 -0.57 -10.68 9.71
C ASP C 342 -1.22 -9.28 9.46
N THR C 343 -2.05 -8.85 10.40
CA THR C 343 -2.71 -7.55 10.27
C THR C 343 -1.68 -6.42 10.28
N GLN C 344 -0.65 -6.58 11.11
CA GLN C 344 0.32 -5.54 11.30
C GLN C 344 1.16 -5.26 10.08
N ARG C 345 1.49 -6.31 9.36
CA ARG C 345 2.19 -6.13 8.03
C ARG C 345 1.36 -5.32 7.11
N HIS C 346 0.05 -5.46 7.14
CA HIS C 346 -0.89 -4.60 6.39
C HIS C 346 -1.01 -3.20 6.93
N ARG C 347 -1.25 -3.10 8.23
CA ARG C 347 -1.52 -1.78 8.88
C ARG C 347 -0.26 -0.92 8.88
N LEU C 348 0.88 -1.50 9.11
CA LEU C 348 2.11 -0.76 9.42
C LEU C 348 3.25 -0.93 8.42
N GLY C 349 3.20 -1.97 7.59
CA GLY C 349 4.25 -2.24 6.67
C GLY C 349 5.01 -3.50 6.97
N ALA C 350 5.65 -4.04 5.94
CA ALA C 350 6.40 -5.29 6.09
C ALA C 350 7.51 -5.18 7.17
N ASN C 351 8.09 -3.97 7.25
CA ASN C 351 9.14 -3.70 8.22
C ASN C 351 8.68 -3.04 9.53
N TYR C 352 7.45 -3.33 9.94
CA TYR C 352 6.89 -2.74 11.14
C TYR C 352 7.68 -3.02 12.43
N MET C 353 8.44 -4.11 12.47
CA MET C 353 9.26 -4.41 13.58
C MET C 353 10.48 -3.53 13.77
N ARG C 354 10.73 -2.64 12.81
CA ARG C 354 11.80 -1.65 12.92
C ARG C 354 11.30 -0.32 13.45
N ILE C 355 9.98 -0.16 13.58
CA ILE C 355 9.45 1.09 14.11
C ILE C 355 9.89 1.13 15.56
N PRO C 356 10.36 2.25 16.08
CA PRO C 356 11.13 2.24 17.40
C PRO C 356 10.42 1.55 18.57
N VAL C 357 9.11 1.82 18.78
CA VAL C 357 8.41 1.23 19.86
C VAL C 357 8.35 -0.27 19.76
N ASN C 358 8.42 -0.81 18.51
CA ASN C 358 8.35 -2.25 18.34
C ASN C 358 9.66 -3.00 18.34
N CYS C 359 10.73 -2.22 18.38
CA CYS C 359 12.09 -2.80 18.30
C CYS C 359 12.40 -3.52 19.62
N PRO C 360 13.05 -4.67 19.57
CA PRO C 360 13.59 -5.30 20.79
C PRO C 360 14.81 -4.61 21.34
N TYR C 361 15.05 -4.80 22.60
CA TYR C 361 16.30 -4.37 23.25
C TYR C 361 17.35 -5.39 22.91
N ALA C 362 16.95 -6.67 22.85
CA ALA C 362 17.86 -7.75 22.43
C ALA C 362 18.29 -7.61 20.99
N PRO C 363 19.48 -8.12 20.66
CA PRO C 363 19.95 -7.95 19.30
C PRO C 363 19.12 -8.75 18.31
N VAL C 364 18.98 -8.20 17.11
CA VAL C 364 18.30 -8.87 16.01
C VAL C 364 19.34 -9.15 14.91
N HIS C 365 19.47 -10.41 14.51
CA HIS C 365 20.35 -10.77 13.42
C HIS C 365 19.67 -11.87 12.64
N ASN C 366 19.34 -11.60 11.40
CA ASN C 366 18.78 -12.66 10.52
C ASN C 366 18.95 -12.38 9.08
N ASN C 367 18.44 -13.26 8.22
CA ASN C 367 18.70 -13.19 6.80
C ASN C 367 17.53 -12.61 6.03
N GLN C 368 16.56 -12.03 6.74
CA GLN C 368 15.50 -11.30 6.05
C GLN C 368 16.04 -10.04 5.40
N GLN C 369 15.34 -9.53 4.38
CA GLN C 369 15.84 -8.30 3.67
C GLN C 369 14.74 -7.59 3.01
N ASP C 370 15.03 -6.35 2.67
CA ASP C 370 14.25 -5.51 1.76
C ASP C 370 12.84 -5.25 2.33
N GLY C 371 11.85 -5.14 1.47
CA GLY C 371 10.54 -4.62 1.88
C GLY C 371 10.39 -3.10 1.91
N PHE C 372 9.16 -2.59 1.83
N PHE C 372 9.15 -2.63 1.83
CA PHE C 372 8.91 -1.13 1.80
CA PHE C 372 8.73 -1.24 1.95
C PHE C 372 9.58 -0.47 3.01
C PHE C 372 9.53 -0.47 3.06
N MET C 373 10.13 0.68 2.75
CA MET C 373 10.77 1.50 3.76
C MET C 373 11.82 0.75 4.51
N THR C 374 12.82 0.30 3.76
CA THR C 374 14.05 -0.22 4.36
C THR C 374 14.96 0.95 4.81
N THR C 375 15.05 1.14 6.12
CA THR C 375 15.74 2.29 6.70
C THR C 375 16.96 1.92 7.51
N THR C 376 17.29 0.65 7.61
CA THR C 376 18.28 0.13 8.56
C THR C 376 19.73 0.04 8.07
N ARG C 377 20.04 0.58 6.92
CA ARG C 377 21.42 0.53 6.38
C ARG C 377 22.04 -0.87 6.32
N PRO C 378 21.40 -1.73 5.59
CA PRO C 378 21.92 -3.11 5.53
C PRO C 378 23.23 -3.19 4.79
N SER C 379 23.97 -4.26 5.01
CA SER C 379 25.23 -4.45 4.34
C SER C 379 25.54 -5.95 4.32
N GLY C 380 26.57 -6.33 3.55
CA GLY C 380 27.06 -7.69 3.49
C GLY C 380 26.49 -8.50 2.31
N HIS C 381 27.20 -9.56 1.95
CA HIS C 381 26.87 -10.41 0.81
C HIS C 381 26.02 -11.63 1.18
N ILE C 382 25.94 -11.92 2.48
CA ILE C 382 25.46 -13.28 2.93
C ILE C 382 24.12 -13.11 3.57
N ASN C 383 23.12 -13.57 2.86
CA ASN C 383 21.70 -13.45 3.30
C ASN C 383 20.99 -14.77 3.28
N TYR C 384 21.79 -15.82 3.45
CA TYR C 384 21.28 -17.19 3.35
C TYR C 384 22.04 -18.08 4.36
N GLU C 385 21.35 -19.11 4.83
CA GLU C 385 21.90 -20.10 5.78
C GLU C 385 21.28 -21.43 5.44
N PRO C 386 22.08 -22.51 5.40
CA PRO C 386 23.50 -22.59 5.81
C PRO C 386 24.46 -21.94 4.82
N ASN C 387 25.56 -21.51 5.38
CA ASN C 387 26.61 -20.87 4.67
C ASN C 387 27.93 -21.26 5.32
N ARG C 388 29.02 -20.97 4.64
CA ARG C 388 30.31 -21.45 5.07
C ARG C 388 30.99 -20.59 6.11
N TYR C 389 30.33 -19.54 6.60
CA TYR C 389 31.00 -18.45 7.33
C TYR C 389 30.65 -18.53 8.80
N ASP C 390 31.67 -18.73 9.62
CA ASP C 390 31.44 -19.06 11.02
C ASP C 390 30.93 -17.89 11.85
N ASP C 391 31.21 -16.70 11.34
CA ASP C 391 30.87 -15.41 11.94
C ASP C 391 29.38 -14.95 11.62
N GLN C 392 28.75 -15.59 10.64
CA GLN C 392 27.41 -15.23 10.28
C GLN C 392 26.45 -15.83 11.34
N PRO C 393 25.25 -15.29 11.48
CA PRO C 393 24.34 -15.79 12.52
C PRO C 393 23.95 -17.25 12.30
N LYS C 394 23.94 -18.00 13.40
CA LYS C 394 23.61 -19.41 13.32
C LYS C 394 22.49 -19.71 14.22
N GLU C 395 21.79 -20.78 13.91
CA GLU C 395 20.82 -21.30 14.93
C GLU C 395 21.51 -21.67 16.31
N ASN C 396 20.75 -21.59 17.41
CA ASN C 396 21.24 -21.89 18.73
C ASN C 396 20.28 -22.88 19.41
N PRO C 397 20.66 -24.16 19.46
CA PRO C 397 19.77 -25.20 20.01
C PRO C 397 19.35 -25.02 21.45
N HIS C 398 20.10 -24.28 22.25
CA HIS C 398 19.71 -23.97 23.62
C HIS C 398 18.34 -23.30 23.70
N TYR C 399 17.93 -22.70 22.59
CA TYR C 399 16.71 -21.93 22.58
C TYR C 399 15.58 -22.60 21.86
N LYS C 400 15.67 -23.92 21.62
CA LYS C 400 14.50 -24.66 21.11
C LYS C 400 13.29 -24.58 22.06
N GLU C 401 12.09 -24.64 21.48
CA GLU C 401 10.90 -24.75 22.28
C GLU C 401 10.67 -26.19 22.74
N SER C 402 9.73 -26.36 23.66
CA SER C 402 9.33 -27.70 24.05
C SER C 402 8.64 -28.46 22.93
N GLU C 403 8.30 -29.73 23.22
CA GLU C 403 7.60 -30.61 22.27
C GLU C 403 6.31 -31.13 22.87
N PRO C 404 5.26 -30.32 22.83
CA PRO C 404 4.04 -30.74 23.49
C PRO C 404 3.53 -32.07 22.95
N VAL C 405 3.00 -32.87 23.87
CA VAL C 405 2.45 -34.16 23.51
C VAL C 405 1.10 -33.89 22.87
N LEU C 406 0.84 -34.56 21.76
CA LEU C 406 -0.49 -34.50 21.10
C LEU C 406 -1.39 -35.63 21.58
N HIS C 407 -2.61 -35.31 21.96
CA HIS C 407 -3.51 -36.33 22.43
C HIS C 407 -4.40 -36.87 21.28
N GLY C 408 -4.54 -36.11 20.21
CA GLY C 408 -5.22 -36.61 19.02
C GLY C 408 -4.43 -37.36 17.97
N ASP C 409 -5.15 -38.17 17.21
CA ASP C 409 -4.62 -39.12 16.27
C ASP C 409 -4.87 -38.73 14.79
N ARG C 410 -5.72 -37.76 14.55
CA ARG C 410 -6.15 -37.33 13.22
C ARG C 410 -6.25 -35.77 13.11
N MET C 411 -6.16 -35.25 11.88
CA MET C 411 -6.50 -33.84 11.56
C MET C 411 -8.02 -33.72 11.49
N VAL C 412 -8.59 -33.03 12.47
CA VAL C 412 -10.02 -32.94 12.63
C VAL C 412 -10.53 -31.46 12.74
N ARG C 413 -11.79 -31.26 12.35
CA ARG C 413 -12.53 -30.07 12.72
C ARG C 413 -13.66 -30.50 13.65
N GLN C 414 -13.45 -30.31 14.95
CA GLN C 414 -14.34 -30.82 15.93
C GLN C 414 -14.29 -30.00 17.22
N LYS C 415 -15.46 -29.73 17.78
CA LYS C 415 -15.55 -28.97 19.04
C LYS C 415 -14.78 -29.69 20.10
N ILE C 416 -14.13 -28.93 21.00
CA ILE C 416 -13.59 -29.57 22.23
C ILE C 416 -14.62 -30.39 23.00
N GLU C 417 -14.11 -31.41 23.66
CA GLU C 417 -14.94 -32.15 24.62
C GLU C 417 -15.12 -31.33 25.86
N LYS C 418 -16.15 -31.67 26.61
CA LYS C 418 -16.54 -30.94 27.81
C LYS C 418 -16.71 -29.42 27.61
N PRO C 419 -17.45 -28.99 26.59
CA PRO C 419 -17.67 -27.56 26.38
C PRO C 419 -18.33 -26.91 27.62
N ASN C 420 -19.24 -27.62 28.29
CA ASN C 420 -19.81 -27.10 29.55
C ASN C 420 -20.14 -25.56 29.50
N ASP C 421 -21.08 -25.21 28.65
CA ASP C 421 -21.27 -23.84 28.28
C ASP C 421 -21.90 -22.97 29.39
N PHE C 422 -22.61 -23.57 30.35
CA PHE C 422 -23.45 -22.79 31.27
C PHE C 422 -23.02 -22.79 32.71
N LYS C 423 -22.18 -23.73 33.13
CA LYS C 423 -21.96 -23.92 34.56
C LYS C 423 -21.24 -22.73 35.15
N GLN C 424 -20.13 -22.28 34.53
CA GLN C 424 -19.40 -21.20 35.15
C GLN C 424 -20.17 -19.90 35.11
N ALA C 425 -20.98 -19.69 34.09
CA ALA C 425 -21.79 -18.51 34.04
C ALA C 425 -22.72 -18.48 35.30
N GLY C 426 -23.25 -19.64 35.65
CA GLY C 426 -24.07 -19.80 36.85
C GLY C 426 -23.30 -19.57 38.14
N GLU C 427 -22.08 -20.10 38.20
CA GLU C 427 -21.25 -19.79 39.33
C GLU C 427 -20.95 -18.31 39.49
N LYS C 428 -20.66 -17.63 38.37
CA LYS C 428 -20.38 -16.17 38.45
C LYS C 428 -21.58 -15.41 38.92
N TYR C 429 -22.73 -15.72 38.35
CA TYR C 429 -23.95 -15.10 38.77
C TYR C 429 -24.19 -15.20 40.29
N ARG C 430 -24.04 -16.40 40.81
CA ARG C 430 -24.26 -16.63 42.22
C ARG C 430 -23.21 -15.96 43.12
N SER C 431 -22.02 -15.71 42.57
CA SER C 431 -20.98 -15.03 43.33
C SER C 431 -21.25 -13.51 43.45
N TYR C 432 -22.16 -12.99 42.64
CA TYR C 432 -22.50 -11.57 42.61
C TYR C 432 -23.29 -11.18 43.89
N SER C 433 -23.00 -10.01 44.44
CA SER C 433 -23.81 -9.42 45.50
C SER C 433 -25.19 -9.14 44.94
N GLU C 434 -26.14 -8.84 45.79
CA GLU C 434 -27.46 -8.54 45.31
C GLU C 434 -27.48 -7.28 44.42
N GLU C 435 -26.75 -6.26 44.84
CA GLU C 435 -26.61 -5.08 44.05
C GLU C 435 -26.04 -5.41 42.68
N GLU C 436 -24.99 -6.21 42.64
CA GLU C 436 -24.36 -6.56 41.40
C GLU C 436 -25.32 -7.40 40.54
N LYS C 437 -26.08 -8.30 41.15
CA LYS C 437 -27.11 -8.98 40.37
C LYS C 437 -28.19 -8.08 39.81
N GLN C 438 -28.57 -7.06 40.55
CA GLN C 438 -29.49 -6.07 40.02
C GLN C 438 -28.94 -5.26 38.86
N ALA C 439 -27.67 -4.90 38.91
CA ALA C 439 -27.04 -4.10 37.87
C ALA C 439 -26.96 -4.99 36.59
N LEU C 440 -26.61 -6.25 36.78
CA LEU C 440 -26.50 -7.16 35.68
C LEU C 440 -27.84 -7.29 34.94
N ILE C 441 -28.87 -7.57 35.70
CA ILE C 441 -30.19 -7.69 35.10
C ILE C 441 -30.64 -6.38 34.43
N LYS C 442 -30.38 -5.24 35.08
CA LYS C 442 -30.71 -3.94 34.53
C LYS C 442 -30.03 -3.67 33.21
N ASN C 443 -28.74 -4.00 33.19
CA ASN C 443 -27.92 -3.76 31.94
C ASN C 443 -28.30 -4.71 30.81
N LEU C 444 -28.57 -5.99 31.13
CA LEU C 444 -29.12 -6.97 30.17
C LEU C 444 -30.48 -6.54 29.59
N THR C 445 -31.34 -6.04 30.46
CA THR C 445 -32.69 -5.71 30.08
C THR C 445 -32.68 -4.53 29.10
N ALA C 446 -31.88 -3.53 29.42
CA ALA C 446 -31.82 -2.34 28.56
C ALA C 446 -31.30 -2.74 27.16
N ASP C 447 -30.42 -3.75 27.12
CA ASP C 447 -29.81 -4.22 25.89
C ASP C 447 -30.69 -5.11 25.06
N LEU C 448 -31.52 -5.90 25.75
CA LEU C 448 -32.31 -6.94 25.06
C LEU C 448 -33.72 -6.49 24.74
N LYS C 449 -34.18 -5.44 25.39
CA LYS C 449 -35.60 -5.14 25.34
C LYS C 449 -36.15 -4.87 23.91
N GLY C 450 -35.32 -4.42 23.01
CA GLY C 450 -35.74 -4.17 21.63
C GLY C 450 -35.34 -5.22 20.59
N VAL C 451 -34.75 -6.36 20.99
CA VAL C 451 -34.24 -7.36 20.09
C VAL C 451 -35.41 -8.26 19.67
N ASN C 452 -35.26 -8.90 18.52
CA ASN C 452 -36.22 -9.89 17.98
C ASN C 452 -36.70 -10.84 19.10
N GLU C 453 -38.00 -11.12 19.16
CA GLU C 453 -38.52 -11.94 20.26
C GLU C 453 -37.93 -13.33 20.39
N LYS C 454 -37.68 -13.97 19.26
CA LYS C 454 -37.11 -15.30 19.30
C LYS C 454 -35.67 -15.30 19.86
N THR C 455 -34.89 -14.32 19.43
CA THR C 455 -33.53 -14.15 19.94
C THR C 455 -33.58 -13.82 21.41
N LYS C 456 -34.52 -12.96 21.80
CA LYS C 456 -34.69 -12.59 23.21
C LYS C 456 -34.94 -13.82 24.07
N LEU C 457 -35.85 -14.69 23.60
CA LEU C 457 -36.21 -15.87 24.35
C LEU C 457 -35.01 -16.79 24.48
N LEU C 458 -34.23 -16.94 23.43
CA LEU C 458 -33.07 -17.78 23.45
C LEU C 458 -32.00 -17.26 24.42
N ALA C 459 -31.83 -15.94 24.48
CA ALA C 459 -30.95 -15.34 25.49
C ALA C 459 -31.38 -15.72 26.88
N ILE C 460 -32.68 -15.54 27.13
CA ILE C 460 -33.24 -15.88 28.44
C ILE C 460 -32.96 -17.37 28.78
N CYS C 461 -33.22 -18.24 27.81
CA CYS C 461 -33.02 -19.66 27.94
CA CYS C 461 -32.98 -19.65 27.97
C CYS C 461 -31.52 -19.95 28.30
N ASN C 462 -30.58 -19.26 27.61
CA ASN C 462 -29.18 -19.56 27.90
C ASN C 462 -28.85 -19.14 29.34
N PHE C 463 -29.32 -17.97 29.78
CA PHE C 463 -29.04 -17.53 31.10
C PHE C 463 -29.76 -18.44 32.12
N TYR C 464 -30.94 -18.94 31.76
CA TYR C 464 -31.69 -19.82 32.67
C TYR C 464 -30.95 -21.14 32.89
N ARG C 465 -30.32 -21.62 31.85
CA ARG C 465 -29.49 -22.80 31.91
C ARG C 465 -28.24 -22.62 32.75
N ALA C 466 -27.68 -21.41 32.73
CA ALA C 466 -26.64 -21.00 33.69
C ALA C 466 -27.14 -21.06 35.17
N ASP C 467 -28.24 -20.37 35.43
CA ASP C 467 -28.85 -20.37 36.79
C ASP C 467 -30.33 -20.02 36.64
N GLU C 468 -31.19 -20.84 37.26
CA GLU C 468 -32.62 -20.58 37.16
C GLU C 468 -33.04 -19.20 37.64
N ASP C 469 -32.47 -18.75 38.76
CA ASP C 469 -32.83 -17.49 39.33
C ASP C 469 -32.39 -16.33 38.35
N TYR C 470 -31.21 -16.46 37.83
CA TYR C 470 -30.69 -15.50 36.77
C TYR C 470 -31.64 -15.38 35.57
N GLY C 471 -31.97 -16.51 34.97
CA GLY C 471 -32.82 -16.53 33.81
C GLY C 471 -34.20 -16.00 34.14
N GLN C 472 -34.71 -16.48 35.27
CA GLN C 472 -36.08 -16.04 35.63
C GLN C 472 -36.13 -14.52 35.88
N ARG C 473 -35.16 -14.00 36.63
CA ARG C 473 -35.11 -12.54 36.92
C ARG C 473 -35.06 -11.72 35.62
N LEU C 474 -34.24 -12.17 34.67
CA LEU C 474 -34.19 -11.51 33.37
C LEU C 474 -35.54 -11.58 32.64
N ALA C 475 -36.15 -12.75 32.56
CA ALA C 475 -37.47 -12.87 32.02
C ALA C 475 -38.48 -11.93 32.67
N ASP C 476 -38.47 -11.85 33.99
CA ASP C 476 -39.40 -10.96 34.76
C ASP C 476 -39.14 -9.50 34.34
N SER C 477 -37.88 -9.12 34.24
CA SER C 477 -37.56 -7.77 33.92
C SER C 477 -37.90 -7.41 32.49
N LEU C 478 -37.77 -8.38 31.58
CA LEU C 478 -38.16 -8.13 30.18
C LEU C 478 -39.67 -8.30 29.93
N GLY C 479 -40.43 -8.78 30.93
CA GLY C 479 -41.86 -9.04 30.76
C GLY C 479 -42.16 -10.26 29.93
N VAL C 480 -41.28 -11.23 29.92
CA VAL C 480 -41.46 -12.46 29.18
C VAL C 480 -41.88 -13.55 30.13
N ASP C 481 -43.05 -14.15 29.92
CA ASP C 481 -43.48 -15.31 30.71
C ASP C 481 -42.80 -16.55 30.11
N ILE C 482 -42.02 -17.23 30.90
CA ILE C 482 -41.38 -18.48 30.48
C ILE C 482 -41.90 -19.77 31.18
N ARG C 483 -42.97 -19.68 31.96
CA ARG C 483 -43.60 -20.87 32.56
C ARG C 483 -43.89 -22.03 31.60
N SER C 484 -44.48 -21.75 30.44
CA SER C 484 -44.83 -22.85 29.52
C SER C 484 -43.62 -23.73 29.12
N TYR C 485 -42.40 -23.19 29.21
CA TYR C 485 -41.19 -23.94 28.89
C TYR C 485 -40.54 -24.66 30.10
N LEU C 486 -41.07 -24.42 31.32
CA LEU C 486 -40.66 -25.09 32.56
C LEU C 486 -41.74 -26.06 33.06
N HIS D 6 -16.21 6.06 -33.59
CA HIS D 6 -15.50 7.28 -33.03
C HIS D 6 -15.84 7.54 -31.56
N LYS D 7 -14.84 7.96 -30.80
CA LYS D 7 -14.98 8.08 -29.32
C LYS D 7 -14.26 9.35 -28.89
N ASN D 8 -14.77 10.02 -27.84
CA ASN D 8 -14.00 11.07 -27.18
C ASN D 8 -13.00 10.47 -26.22
N LEU D 9 -11.81 11.06 -26.24
CA LEU D 9 -10.88 10.94 -25.13
C LEU D 9 -11.47 11.67 -23.92
N THR D 10 -11.53 11.00 -22.78
CA THR D 10 -12.14 11.61 -21.59
C THR D 10 -11.23 11.57 -20.42
N THR D 11 -11.54 12.33 -19.40
CA THR D 11 -10.88 12.12 -18.05
C THR D 11 -11.56 10.97 -17.38
N ASN D 12 -11.08 10.59 -16.21
CA ASN D 12 -11.74 9.50 -15.47
C ASN D 12 -13.09 9.90 -14.86
N GLN D 13 -13.37 11.20 -14.91
CA GLN D 13 -14.64 11.72 -14.47
C GLN D 13 -15.65 11.66 -15.60
N GLY D 14 -15.23 11.27 -16.81
CA GLY D 14 -16.15 11.19 -17.98
C GLY D 14 -16.27 12.55 -18.68
N VAL D 15 -15.38 13.48 -18.43
CA VAL D 15 -15.41 14.78 -19.15
C VAL D 15 -14.54 14.70 -20.41
N PRO D 16 -15.09 15.06 -21.58
CA PRO D 16 -14.26 14.98 -22.80
C PRO D 16 -13.08 15.93 -22.76
N VAL D 17 -11.95 15.47 -23.20
CA VAL D 17 -10.69 16.22 -23.16
C VAL D 17 -10.64 17.12 -24.41
N GLY D 18 -10.50 18.43 -24.22
CA GLY D 18 -10.44 19.38 -25.32
C GLY D 18 -9.10 19.40 -26.04
N ASP D 19 -8.03 19.06 -25.29
CA ASP D 19 -6.66 19.15 -25.82
C ASP D 19 -5.81 18.14 -25.06
N ASN D 20 -5.40 17.10 -25.75
CA ASN D 20 -4.50 16.10 -25.21
C ASN D 20 -3.04 16.30 -25.65
N GLN D 21 -2.68 17.49 -26.18
CA GLN D 21 -1.31 17.79 -26.60
C GLN D 21 -0.58 18.78 -25.67
N ASN D 22 -1.29 19.82 -25.18
CA ASN D 22 -0.65 20.94 -24.51
C ASN D 22 -1.10 21.01 -23.09
N SER D 23 -0.13 21.15 -22.21
CA SER D 23 -0.40 21.58 -20.82
C SER D 23 -1.01 23.00 -20.79
N ARG D 24 -1.63 23.35 -19.67
CA ARG D 24 -2.12 24.68 -19.46
C ARG D 24 -1.03 25.60 -18.85
N THR D 25 -0.77 26.72 -19.53
CA THR D 25 0.44 27.49 -19.25
C THR D 25 0.15 28.97 -19.35
N ALA D 26 1.08 29.74 -18.80
CA ALA D 26 0.96 31.25 -18.88
C ALA D 26 1.44 31.72 -20.22
N GLY D 27 0.49 31.88 -21.15
CA GLY D 27 0.79 32.03 -22.55
C GLY D 27 1.42 30.80 -23.19
N HIS D 28 1.81 30.92 -24.45
CA HIS D 28 2.27 29.76 -25.22
C HIS D 28 3.65 29.22 -24.77
N ARG D 29 4.42 30.01 -24.03
CA ARG D 29 5.74 29.56 -23.65
C ARG D 29 6.02 29.71 -22.19
N GLY D 30 4.99 29.88 -21.38
CA GLY D 30 5.26 30.17 -19.95
C GLY D 30 5.21 28.87 -19.15
N PRO D 31 5.43 29.00 -17.86
CA PRO D 31 5.28 27.89 -16.95
C PRO D 31 3.82 27.37 -16.79
N SER D 32 3.72 26.18 -16.22
CA SER D 32 2.49 25.43 -16.14
C SER D 32 1.69 25.75 -14.90
N PHE D 33 0.36 25.70 -15.06
CA PHE D 33 -0.53 25.92 -14.02
C PHE D 33 -0.94 24.63 -13.29
N LEU D 34 -1.19 24.79 -11.99
CA LEU D 34 -1.69 23.71 -11.18
C LEU D 34 -3.10 23.28 -11.60
N ASP D 35 -3.94 24.21 -12.00
CA ASP D 35 -5.32 23.91 -12.42
C ASP D 35 -5.31 23.32 -13.88
N ASP D 36 -4.84 22.08 -13.97
CA ASP D 36 -4.82 21.33 -15.20
C ASP D 36 -5.13 19.90 -14.77
N TYR D 37 -6.44 19.61 -14.62
CA TYR D 37 -6.85 18.35 -14.00
C TYR D 37 -6.44 17.23 -14.90
N HIS D 38 -6.61 17.41 -16.20
CA HIS D 38 -6.24 16.35 -17.13
C HIS D 38 -4.76 15.98 -17.04
N LEU D 39 -3.89 16.99 -17.02
CA LEU D 39 -2.44 16.73 -16.88
C LEU D 39 -2.19 15.91 -15.63
N ILE D 40 -2.71 16.42 -14.48
CA ILE D 40 -2.37 15.80 -13.21
C ILE D 40 -2.95 14.41 -13.10
N GLU D 41 -4.21 14.22 -13.51
CA GLU D 41 -4.82 12.89 -13.44
C GLU D 41 -4.01 11.92 -14.32
N LYS D 42 -3.64 12.35 -15.52
CA LYS D 42 -2.97 11.51 -16.48
C LYS D 42 -1.59 11.15 -16.01
N LEU D 43 -0.82 12.12 -15.51
CA LEU D 43 0.51 11.80 -14.96
C LEU D 43 0.43 10.97 -13.69
N ALA D 44 -0.56 11.27 -12.83
CA ALA D 44 -0.60 10.61 -11.56
C ALA D 44 -0.97 9.15 -11.76
N HIS D 45 -1.83 8.84 -12.72
CA HIS D 45 -2.10 7.45 -13.01
C HIS D 45 -0.93 6.75 -13.63
N PHE D 46 -0.27 7.40 -14.56
CA PHE D 46 0.98 6.91 -15.15
C PHE D 46 1.98 6.56 -14.03
N ASP D 47 2.04 7.40 -13.02
CA ASP D 47 3.03 7.34 -11.94
C ASP D 47 2.75 6.14 -11.03
N ARG D 48 1.54 5.60 -11.15
CA ARG D 48 1.09 4.50 -10.32
C ARG D 48 0.78 3.21 -11.09
N GLU D 49 1.25 3.07 -12.35
CA GLU D 49 1.02 1.87 -13.10
C GLU D 49 1.58 0.59 -12.50
N ARG D 50 2.76 0.64 -11.90
CA ARG D 50 3.47 -0.54 -11.50
C ARG D 50 3.04 -1.07 -10.14
N ILE D 51 3.02 -2.41 -10.02
CA ILE D 51 2.85 -3.12 -8.79
C ILE D 51 4.10 -3.98 -8.56
N PRO D 52 4.36 -4.42 -7.33
CA PRO D 52 5.48 -5.37 -7.11
C PRO D 52 5.47 -6.58 -8.04
N GLU D 53 6.62 -6.95 -8.57
CA GLU D 53 6.70 -8.17 -9.35
C GLU D 53 6.68 -9.34 -8.35
N ARG D 54 6.34 -10.52 -8.86
CA ARG D 54 6.39 -11.73 -8.04
C ARG D 54 7.77 -11.93 -7.45
N VAL D 55 7.84 -12.36 -6.18
CA VAL D 55 9.11 -12.52 -5.52
C VAL D 55 10.04 -13.62 -6.13
N VAL D 56 9.43 -14.68 -6.68
CA VAL D 56 10.09 -15.56 -7.64
C VAL D 56 9.12 -15.78 -8.84
N HIS D 57 9.66 -16.25 -9.97
CA HIS D 57 8.87 -16.46 -11.20
C HIS D 57 8.26 -15.14 -11.75
N ALA D 58 9.02 -14.08 -11.56
CA ALA D 58 8.65 -12.75 -12.05
C ALA D 58 8.47 -12.63 -13.56
N ARG D 59 9.32 -13.32 -14.32
CA ARG D 59 9.24 -13.38 -15.78
C ARG D 59 8.34 -14.52 -16.23
N GLY D 60 7.29 -14.19 -16.98
CA GLY D 60 6.43 -15.26 -17.48
C GLY D 60 5.44 -14.85 -18.50
N ALA D 61 4.61 -15.82 -18.91
CA ALA D 61 3.67 -15.60 -20.00
C ALA D 61 2.47 -16.51 -19.80
N GLY D 62 1.29 -15.97 -20.15
CA GLY D 62 0.00 -16.63 -19.89
C GLY D 62 -0.80 -17.00 -21.16
N ALA D 63 -1.61 -18.00 -21.05
CA ALA D 63 -2.62 -18.30 -22.09
C ALA D 63 -3.78 -19.00 -21.49
N TYR D 64 -4.90 -18.91 -22.15
CA TYR D 64 -6.08 -19.70 -21.75
C TYR D 64 -6.29 -20.91 -22.61
N GLY D 65 -7.04 -21.86 -22.10
CA GLY D 65 -7.36 -23.07 -22.88
C GLY D 65 -8.44 -23.92 -22.28
N VAL D 66 -8.41 -25.23 -22.61
CA VAL D 66 -9.42 -26.14 -22.13
C VAL D 66 -8.73 -27.46 -21.75
N PHE D 67 -9.19 -28.04 -20.65
CA PHE D 67 -8.75 -29.38 -20.23
C PHE D 67 -9.92 -30.32 -20.46
N GLU D 68 -9.67 -31.39 -21.21
CA GLU D 68 -10.74 -32.42 -21.41
C GLU D 68 -10.37 -33.75 -20.80
N VAL D 69 -11.31 -34.35 -20.09
CA VAL D 69 -11.07 -35.67 -19.47
C VAL D 69 -11.19 -36.78 -20.51
N GLU D 70 -10.19 -37.66 -20.56
CA GLU D 70 -10.28 -38.93 -21.34
C GLU D 70 -10.75 -40.07 -20.50
N ASN D 71 -10.20 -40.23 -19.31
CA ASN D 71 -10.56 -41.34 -18.41
C ASN D 71 -11.02 -40.76 -17.10
N SER D 72 -12.28 -41.03 -16.72
CA SER D 72 -12.77 -40.54 -15.45
CA SER D 72 -12.83 -40.61 -15.42
C SER D 72 -11.98 -41.13 -14.27
N MET D 73 -11.79 -40.31 -13.22
CA MET D 73 -10.97 -40.69 -12.12
C MET D 73 -11.79 -40.90 -10.85
N GLU D 74 -13.12 -41.06 -10.97
CA GLU D 74 -13.99 -41.15 -9.81
C GLU D 74 -13.68 -42.33 -8.83
N LYS D 75 -13.02 -43.36 -9.30
CA LYS D 75 -12.64 -44.43 -8.41
C LYS D 75 -11.53 -43.99 -7.43
N HIS D 76 -10.79 -42.93 -7.77
CA HIS D 76 -9.67 -42.50 -6.92
C HIS D 76 -9.84 -41.10 -6.29
N THR D 77 -10.68 -40.26 -6.89
CA THR D 77 -10.95 -38.89 -6.39
C THR D 77 -12.37 -38.48 -6.73
N ARG D 78 -13.00 -37.83 -5.77
CA ARG D 78 -14.32 -37.27 -5.99
C ARG D 78 -14.22 -35.89 -6.70
N ALA D 79 -13.05 -35.49 -7.16
CA ALA D 79 -12.94 -34.20 -7.87
C ALA D 79 -13.93 -34.08 -9.00
N ALA D 80 -14.71 -33.00 -8.97
CA ALA D 80 -15.79 -32.86 -9.96
C ALA D 80 -15.30 -32.72 -11.40
N PHE D 81 -14.20 -31.95 -11.60
CA PHE D 81 -13.72 -31.80 -12.96
C PHE D 81 -13.19 -33.06 -13.61
N LEU D 82 -12.94 -34.10 -12.81
CA LEU D 82 -12.34 -35.34 -13.34
C LEU D 82 -13.38 -36.50 -13.35
N SER D 83 -14.65 -36.18 -13.24
CA SER D 83 -15.67 -37.19 -12.90
C SER D 83 -16.22 -37.93 -14.10
N GLU D 84 -16.05 -37.44 -15.31
CA GLU D 84 -16.72 -38.03 -16.49
C GLU D 84 -15.83 -37.88 -17.70
N GLU D 85 -15.78 -38.91 -18.53
CA GLU D 85 -15.18 -38.83 -19.85
C GLU D 85 -15.80 -37.72 -20.63
N GLY D 86 -14.96 -36.90 -21.26
CA GLY D 86 -15.44 -35.81 -22.07
C GLY D 86 -15.66 -34.44 -21.40
N LYS D 87 -15.60 -34.43 -20.08
CA LYS D 87 -15.89 -33.25 -19.32
C LYS D 87 -14.78 -32.21 -19.56
N GLN D 88 -15.19 -31.02 -19.97
CA GLN D 88 -14.27 -29.94 -20.33
C GLN D 88 -14.31 -28.85 -19.26
N THR D 89 -13.12 -28.37 -18.95
CA THR D 89 -12.88 -27.32 -17.91
C THR D 89 -11.97 -26.32 -18.50
N ASP D 90 -12.38 -25.06 -18.44
CA ASP D 90 -11.55 -23.91 -18.85
C ASP D 90 -10.35 -23.84 -17.92
N VAL D 91 -9.21 -23.48 -18.50
CA VAL D 91 -7.99 -23.24 -17.72
C VAL D 91 -7.39 -21.86 -18.08
N PHE D 92 -6.62 -21.35 -17.13
CA PHE D 92 -5.62 -20.33 -17.36
C PHE D 92 -4.29 -20.86 -16.94
N VAL D 93 -3.28 -20.67 -17.76
CA VAL D 93 -1.94 -21.18 -17.48
C VAL D 93 -0.89 -20.11 -17.58
N ARG D 94 0.06 -20.04 -16.61
CA ARG D 94 1.18 -19.18 -16.70
C ARG D 94 2.41 -20.01 -16.61
N PHE D 95 3.32 -19.75 -17.51
CA PHE D 95 4.68 -20.30 -17.56
C PHE D 95 5.69 -19.28 -17.19
N SER D 96 6.84 -19.69 -16.67
CA SER D 96 7.79 -18.74 -16.16
C SER D 96 9.17 -19.27 -16.03
N THR D 97 10.13 -18.38 -15.84
CA THR D 97 11.43 -18.71 -15.24
C THR D 97 11.30 -18.52 -13.72
N VAL D 98 12.41 -18.50 -12.99
CA VAL D 98 12.33 -18.43 -11.57
C VAL D 98 13.02 -17.25 -10.90
N ILE D 99 14.34 -17.08 -11.18
CA ILE D 99 15.16 -16.30 -10.27
C ILE D 99 15.20 -14.82 -10.65
N HIS D 100 15.42 -14.54 -11.90
CA HIS D 100 15.65 -13.12 -12.29
C HIS D 100 14.37 -12.34 -12.47
N PRO D 101 14.52 -11.00 -12.55
CA PRO D 101 13.28 -10.16 -12.52
C PRO D 101 12.45 -10.17 -13.82
N LYS D 102 11.35 -9.42 -13.81
N LYS D 102 11.36 -9.40 -13.83
CA LYS D 102 10.37 -9.41 -14.88
CA LYS D 102 10.72 -8.98 -15.06
C LYS D 102 10.88 -9.39 -16.28
C LYS D 102 11.77 -8.42 -15.96
N GLY D 103 11.91 -8.56 -16.51
N GLY D 103 11.53 -8.58 -17.26
CA GLY D 103 12.38 -8.29 -17.87
CA GLY D 103 12.47 -8.22 -18.25
C GLY D 103 13.59 -9.10 -18.32
C GLY D 103 13.64 -9.15 -18.44
N SER D 104 13.87 -10.13 -17.56
CA SER D 104 15.08 -10.91 -17.66
C SER D 104 14.93 -11.92 -18.82
N PRO D 105 16.04 -12.34 -19.37
CA PRO D 105 15.97 -13.28 -20.51
C PRO D 105 15.34 -14.64 -20.19
N GLU D 106 14.70 -15.22 -21.20
CA GLU D 106 14.13 -16.56 -21.08
C GLU D 106 15.08 -17.71 -21.54
N THR D 107 16.36 -17.36 -21.73
CA THR D 107 17.44 -18.25 -22.09
C THR D 107 18.32 -18.77 -20.91
N LEU D 108 17.96 -18.38 -19.67
CA LEU D 108 18.77 -18.63 -18.50
C LEU D 108 18.44 -20.01 -17.98
N ARG D 109 19.41 -20.62 -17.31
CA ARG D 109 19.18 -21.90 -16.64
C ARG D 109 18.27 -21.69 -15.44
N ASP D 110 17.23 -22.49 -15.30
CA ASP D 110 16.25 -22.30 -14.20
C ASP D 110 15.23 -23.39 -14.39
N PRO D 111 14.63 -23.95 -13.31
CA PRO D 111 13.34 -24.56 -13.56
C PRO D 111 12.43 -23.61 -14.28
N ARG D 112 11.39 -24.15 -14.90
CA ARG D 112 10.36 -23.34 -15.47
C ARG D 112 9.06 -23.63 -14.77
N GLY D 113 8.34 -22.58 -14.44
CA GLY D 113 7.06 -22.68 -13.82
C GLY D 113 6.02 -23.12 -14.82
N PHE D 114 5.04 -23.86 -14.32
CA PHE D 114 4.02 -24.46 -15.17
C PHE D 114 2.78 -24.44 -14.26
N ALA D 115 2.07 -23.32 -14.22
CA ALA D 115 0.99 -23.11 -13.25
C ALA D 115 -0.34 -23.16 -13.97
N VAL D 116 -1.23 -24.09 -13.54
CA VAL D 116 -2.51 -24.28 -14.20
C VAL D 116 -3.64 -23.99 -13.25
N LYS D 117 -4.54 -23.11 -13.63
CA LYS D 117 -5.76 -22.80 -12.89
C LYS D 117 -6.95 -23.41 -13.67
N PHE D 118 -7.65 -24.35 -13.02
CA PHE D 118 -8.85 -24.99 -13.57
C PHE D 118 -10.14 -24.36 -12.95
N TYR D 119 -10.99 -23.81 -13.77
CA TYR D 119 -12.21 -23.17 -13.32
C TYR D 119 -13.36 -24.15 -13.13
N THR D 120 -13.32 -24.91 -12.02
CA THR D 120 -14.22 -26.08 -11.93
C THR D 120 -15.58 -25.69 -11.37
N GLU D 121 -16.51 -26.62 -11.45
CA GLU D 121 -17.84 -26.39 -10.89
C GLU D 121 -17.91 -26.39 -9.37
N GLU D 122 -16.83 -26.86 -8.68
CA GLU D 122 -16.75 -26.82 -7.25
C GLU D 122 -15.62 -25.93 -6.76
N GLY D 123 -15.26 -24.94 -7.60
CA GLY D 123 -14.26 -23.93 -7.24
C GLY D 123 -13.01 -24.02 -8.11
N ASN D 124 -12.15 -23.00 -7.99
CA ASN D 124 -10.93 -22.99 -8.76
C ASN D 124 -9.93 -23.95 -8.13
N TYR D 125 -9.29 -24.74 -8.98
CA TYR D 125 -8.22 -25.66 -8.56
C TYR D 125 -6.93 -25.24 -9.22
N ASP D 126 -5.93 -24.85 -8.44
CA ASP D 126 -4.65 -24.46 -8.98
C ASP D 126 -3.69 -25.66 -8.78
N LEU D 127 -3.04 -26.08 -9.87
CA LEU D 127 -1.93 -27.01 -9.81
C LEU D 127 -0.69 -26.24 -10.21
N VAL D 128 0.08 -25.87 -9.23
CA VAL D 128 1.18 -24.94 -9.39
C VAL D 128 2.46 -25.77 -9.52
N GLY D 129 2.75 -26.15 -10.76
CA GLY D 129 3.88 -27.01 -11.03
C GLY D 129 5.13 -26.31 -11.60
N ASN D 130 6.13 -27.12 -11.85
CA ASN D 130 7.32 -26.77 -12.60
C ASN D 130 7.55 -27.79 -13.68
N ASN D 131 8.43 -27.51 -14.60
CA ASN D 131 8.79 -28.58 -15.55
C ASN D 131 9.51 -29.74 -14.92
N LEU D 132 10.52 -29.47 -14.07
CA LEU D 132 11.27 -30.54 -13.41
C LEU D 132 10.46 -31.15 -12.27
N PRO D 133 10.64 -32.46 -11.99
CA PRO D 133 9.59 -33.14 -11.15
C PRO D 133 9.94 -33.20 -9.68
N ILE D 134 11.11 -32.64 -9.32
CA ILE D 134 11.57 -32.66 -7.93
CA ILE D 134 11.57 -32.64 -7.93
C ILE D 134 12.00 -31.26 -7.55
N PHE D 135 12.45 -31.10 -6.31
CA PHE D 135 12.90 -29.76 -5.88
C PHE D 135 14.21 -29.90 -5.15
N PHE D 136 14.81 -28.78 -4.88
CA PHE D 136 16.14 -28.68 -4.23
C PHE D 136 16.11 -29.04 -2.73
N ILE D 137 15.01 -28.73 -2.07
CA ILE D 137 14.88 -28.71 -0.61
C ILE D 137 13.58 -29.41 -0.30
N ARG D 138 13.39 -29.75 0.96
CA ARG D 138 12.18 -30.51 1.39
C ARG D 138 11.45 -29.89 2.57
N ASP D 139 11.85 -28.69 3.01
CA ASP D 139 11.16 -27.98 4.10
C ASP D 139 11.05 -26.48 3.74
N ALA D 140 9.85 -25.94 3.77
CA ALA D 140 9.63 -24.53 3.40
C ALA D 140 10.42 -23.54 4.20
N LEU D 141 10.88 -23.92 5.42
CA LEU D 141 11.65 -23.02 6.26
C LEU D 141 12.93 -22.65 5.52
N LYS D 142 13.39 -23.48 4.62
CA LYS D 142 14.65 -23.15 3.88
C LYS D 142 14.44 -22.35 2.61
N PHE D 143 13.21 -22.11 2.20
CA PHE D 143 12.99 -21.50 0.87
C PHE D 143 13.57 -20.08 0.75
N PRO D 144 13.37 -19.20 1.76
CA PRO D 144 13.96 -17.87 1.59
C PRO D 144 15.52 -17.93 1.54
N ASP D 145 16.13 -18.88 2.24
CA ASP D 145 17.57 -19.08 2.16
C ASP D 145 18.03 -19.54 0.79
N MET D 146 17.35 -20.56 0.29
CA MET D 146 17.64 -21.07 -1.06
C MET D 146 17.54 -19.96 -2.10
N VAL D 147 16.43 -19.26 -2.08
CA VAL D 147 16.19 -18.20 -3.02
C VAL D 147 17.22 -17.13 -2.91
N HIS D 148 17.51 -16.65 -1.69
CA HIS D 148 18.49 -15.59 -1.50
C HIS D 148 19.88 -16.01 -2.02
N SER D 149 20.19 -17.29 -1.94
CA SER D 149 21.49 -17.78 -2.45
C SER D 149 21.58 -17.70 -3.97
N LEU D 150 20.46 -17.98 -4.63
CA LEU D 150 20.37 -18.09 -6.07
C LEU D 150 20.21 -16.71 -6.67
N LYS D 151 19.48 -15.85 -5.95
CA LYS D 151 19.24 -14.49 -6.44
C LYS D 151 20.49 -13.69 -6.62
N PRO D 152 20.45 -12.65 -7.51
CA PRO D 152 21.56 -11.73 -7.58
C PRO D 152 22.08 -11.38 -6.17
N ASP D 153 23.38 -11.35 -6.03
CA ASP D 153 24.02 -10.86 -4.81
C ASP D 153 23.45 -9.52 -4.36
N PRO D 154 23.13 -9.39 -3.07
CA PRO D 154 22.45 -8.18 -2.56
C PRO D 154 23.30 -6.93 -2.53
N VAL D 155 24.62 -7.08 -2.79
CA VAL D 155 25.49 -5.89 -3.07
C VAL D 155 25.60 -5.58 -4.50
N THR D 156 25.89 -6.59 -5.34
CA THR D 156 26.28 -6.34 -6.74
C THR D 156 25.16 -6.39 -7.79
N ASN D 157 24.04 -6.99 -7.41
CA ASN D 157 22.93 -7.24 -8.30
C ASN D 157 23.28 -8.14 -9.45
N ILE D 158 24.25 -9.01 -9.24
CA ILE D 158 24.59 -10.08 -10.19
C ILE D 158 24.60 -11.45 -9.49
N GLN D 159 23.98 -12.43 -10.14
CA GLN D 159 23.98 -13.79 -9.62
C GLN D 159 25.43 -14.27 -9.48
N ASP D 160 25.71 -14.99 -8.39
CA ASP D 160 27.05 -15.48 -8.08
C ASP D 160 27.02 -16.97 -7.75
N PRO D 161 27.54 -17.79 -8.65
CA PRO D 161 27.56 -19.24 -8.32
C PRO D 161 28.24 -19.62 -7.02
N ASP D 162 29.21 -18.84 -6.60
CA ASP D 162 29.85 -19.10 -5.31
C ASP D 162 28.84 -19.02 -4.14
N ARG D 163 27.78 -18.22 -4.30
CA ARG D 163 26.77 -18.09 -3.24
C ARG D 163 25.78 -19.25 -3.25
N TYR D 164 25.23 -19.59 -4.43
CA TYR D 164 24.29 -20.67 -4.44
C TYR D 164 24.92 -22.05 -4.32
N TRP D 165 26.14 -22.24 -4.81
CA TRP D 165 26.80 -23.50 -4.55
C TRP D 165 27.18 -23.65 -3.08
N ASP D 166 27.43 -22.59 -2.35
CA ASP D 166 27.67 -22.67 -0.88
C ASP D 166 26.43 -23.26 -0.22
N PHE D 167 25.27 -22.65 -0.52
CA PHE D 167 24.03 -23.14 0.03
C PHE D 167 23.76 -24.59 -0.36
N MET D 168 23.81 -24.88 -1.66
CA MET D 168 23.44 -26.19 -2.17
C MET D 168 24.37 -27.27 -1.64
N THR D 169 25.69 -27.03 -1.61
CA THR D 169 26.64 -28.08 -1.11
C THR D 169 26.41 -28.47 0.37
N LEU D 170 25.99 -27.48 1.16
CA LEU D 170 25.66 -27.66 2.56
C LEU D 170 24.22 -28.17 2.77
N THR D 171 23.50 -28.42 1.65
CA THR D 171 22.12 -28.84 1.61
C THR D 171 22.09 -30.02 0.65
N PRO D 172 22.67 -31.16 1.03
CA PRO D 172 22.91 -32.25 0.12
C PRO D 172 21.62 -32.87 -0.41
N GLU D 173 20.45 -32.61 0.21
CA GLU D 173 19.23 -33.08 -0.41
C GLU D 173 18.96 -32.47 -1.78
N SER D 174 19.70 -31.39 -2.13
CA SER D 174 19.64 -30.78 -3.41
C SER D 174 20.28 -31.54 -4.60
N THR D 175 20.97 -32.63 -4.29
CA THR D 175 21.81 -33.29 -5.22
C THR D 175 21.01 -33.88 -6.45
N HIS D 176 19.86 -34.53 -6.17
CA HIS D 176 18.96 -34.96 -7.22
C HIS D 176 18.49 -33.85 -8.14
N MET D 177 17.95 -32.80 -7.56
CA MET D 177 17.57 -31.65 -8.34
C MET D 177 18.68 -31.06 -9.27
N LEU D 178 19.87 -30.93 -8.74
CA LEU D 178 20.96 -30.35 -9.51
C LEU D 178 21.34 -31.28 -10.66
N THR D 179 21.20 -32.58 -10.48
CA THR D 179 21.47 -33.56 -11.51
C THR D 179 20.47 -33.45 -12.67
N TRP D 180 19.26 -32.93 -12.41
CA TRP D 180 18.30 -32.56 -13.48
C TRP D 180 18.56 -31.14 -14.05
N LEU D 181 18.74 -30.15 -13.20
CA LEU D 181 18.86 -28.75 -13.58
C LEU D 181 20.14 -28.45 -14.41
N PHE D 182 21.21 -29.20 -14.15
CA PHE D 182 22.42 -29.06 -14.96
C PHE D 182 22.51 -29.99 -16.16
N SER D 183 21.51 -30.83 -16.39
CA SER D 183 21.28 -31.38 -17.74
C SER D 183 20.86 -30.26 -18.66
N ASP D 184 20.73 -30.52 -19.96
CA ASP D 184 20.29 -29.37 -20.79
C ASP D 184 18.83 -29.07 -20.57
N GLU D 185 18.10 -29.92 -19.84
CA GLU D 185 16.70 -29.63 -19.48
C GLU D 185 16.60 -28.43 -18.54
N GLY D 186 17.75 -27.99 -17.98
CA GLY D 186 17.76 -26.70 -17.24
C GLY D 186 17.45 -25.48 -18.13
N ILE D 187 17.53 -25.65 -19.48
CA ILE D 187 17.15 -24.57 -20.43
C ILE D 187 16.22 -25.14 -21.49
N PRO D 188 14.95 -25.26 -21.17
CA PRO D 188 14.01 -25.64 -22.22
C PRO D 188 14.07 -24.73 -23.43
N ALA D 189 13.76 -25.27 -24.62
CA ALA D 189 13.77 -24.42 -25.81
C ALA D 189 12.76 -23.31 -25.82
N ASN D 190 11.64 -23.61 -25.23
CA ASN D 190 10.54 -22.71 -25.09
C ASN D 190 9.51 -23.35 -24.15
N TYR D 191 8.34 -22.68 -23.98
CA TYR D 191 7.38 -23.16 -23.00
C TYR D 191 6.51 -24.31 -23.53
N ALA D 192 6.44 -24.50 -24.87
CA ALA D 192 5.62 -25.54 -25.51
C ALA D 192 6.34 -26.87 -25.51
N GLU D 193 7.65 -26.86 -25.67
CA GLU D 193 8.39 -28.09 -25.84
C GLU D 193 9.07 -28.42 -24.51
N MET D 194 8.21 -28.60 -23.52
CA MET D 194 8.61 -28.61 -22.09
C MET D 194 7.69 -29.54 -21.32
N ARG D 195 8.29 -30.26 -20.40
CA ARG D 195 7.59 -31.12 -19.46
C ARG D 195 6.79 -30.26 -18.45
N GLY D 196 5.80 -30.85 -17.80
CA GLY D 196 5.19 -30.30 -16.59
C GLY D 196 5.01 -31.34 -15.45
N SER D 197 5.11 -30.93 -14.18
CA SER D 197 5.13 -31.81 -13.07
C SER D 197 4.41 -31.11 -11.91
N GLY D 198 3.61 -31.88 -11.16
CA GLY D 198 3.11 -31.36 -9.86
C GLY D 198 4.13 -31.22 -8.78
N VAL D 199 5.21 -31.99 -8.94
CA VAL D 199 6.33 -32.13 -8.04
C VAL D 199 5.94 -32.82 -6.80
N HIS D 200 5.09 -32.19 -5.97
CA HIS D 200 4.66 -32.91 -4.77
C HIS D 200 3.77 -34.06 -4.97
N THR D 201 3.85 -35.01 -3.99
CA THR D 201 2.74 -35.88 -3.69
C THR D 201 1.55 -35.10 -3.17
N PHE D 202 0.39 -35.32 -3.75
CA PHE D 202 -0.89 -34.89 -3.15
C PHE D 202 -1.68 -36.10 -2.67
N ARG D 203 -2.78 -35.82 -2.00
CA ARG D 203 -3.74 -36.90 -1.58
C ARG D 203 -4.98 -36.80 -2.42
N TRP D 204 -5.38 -37.91 -3.00
CA TRP D 204 -6.64 -37.96 -3.68
C TRP D 204 -7.58 -38.71 -2.76
N VAL D 205 -8.78 -38.17 -2.60
CA VAL D 205 -9.78 -38.81 -1.74
C VAL D 205 -11.06 -39.06 -2.48
N ASN D 206 -11.55 -40.32 -2.48
CA ASN D 206 -12.72 -40.64 -3.27
C ASN D 206 -13.99 -40.49 -2.42
N LYS D 207 -15.12 -40.79 -2.99
CA LYS D 207 -16.39 -40.56 -2.27
C LYS D 207 -16.62 -41.50 -1.09
N TYR D 208 -15.80 -42.52 -0.95
CA TYR D 208 -15.86 -43.41 0.21
C TYR D 208 -14.91 -42.99 1.28
N GLY D 209 -14.12 -41.96 0.99
CA GLY D 209 -13.17 -41.48 1.95
C GLY D 209 -11.88 -42.21 1.92
N GLU D 210 -11.65 -42.99 0.88
CA GLU D 210 -10.39 -43.70 0.70
C GLU D 210 -9.36 -42.75 0.06
N THR D 211 -8.13 -42.80 0.55
CA THR D 211 -7.08 -41.87 0.15
C THR D 211 -6.00 -42.66 -0.56
N LYS D 212 -5.52 -42.12 -1.69
CA LYS D 212 -4.28 -42.54 -2.34
C LYS D 212 -3.36 -41.32 -2.49
N TYR D 213 -2.08 -41.59 -2.46
CA TYR D 213 -1.12 -40.59 -2.91
C TYR D 213 -1.12 -40.49 -4.42
N VAL D 214 -0.95 -39.25 -4.95
CA VAL D 214 -0.95 -39.02 -6.38
C VAL D 214 0.14 -38.04 -6.78
N LYS D 215 0.77 -38.35 -7.93
CA LYS D 215 1.70 -37.43 -8.60
C LYS D 215 1.22 -37.13 -9.98
N TYR D 216 1.40 -35.87 -10.40
CA TYR D 216 0.89 -35.38 -11.68
C TYR D 216 2.02 -35.08 -12.67
N HIS D 217 1.80 -35.42 -13.93
CA HIS D 217 2.79 -35.23 -15.01
C HIS D 217 2.14 -34.71 -16.28
N TRP D 218 2.72 -33.66 -16.89
CA TRP D 218 2.20 -33.19 -18.14
C TRP D 218 3.22 -33.51 -19.22
N ARG D 219 2.74 -34.09 -20.33
CA ARG D 219 3.59 -34.55 -21.39
C ARG D 219 3.25 -33.75 -22.64
N PRO D 220 4.22 -32.96 -23.13
CA PRO D 220 3.95 -32.09 -24.26
C PRO D 220 3.65 -32.81 -25.62
N SER D 221 2.60 -32.41 -26.29
CA SER D 221 2.29 -32.89 -27.64
C SER D 221 3.41 -32.46 -28.59
N GLU D 222 4.10 -31.37 -28.26
CA GLU D 222 5.20 -30.89 -29.10
C GLU D 222 6.54 -31.59 -28.84
N GLY D 223 6.58 -32.53 -27.89
CA GLY D 223 7.82 -33.19 -27.47
C GLY D 223 8.67 -32.23 -26.61
N ILE D 224 9.69 -32.77 -25.93
CA ILE D 224 10.61 -32.02 -25.10
C ILE D 224 11.82 -31.65 -25.95
N ARG D 225 12.19 -30.38 -25.97
CA ARG D 225 13.39 -29.89 -26.62
C ARG D 225 14.11 -28.95 -25.63
N ASN D 226 15.40 -29.16 -25.49
CA ASN D 226 16.27 -28.39 -24.58
C ASN D 226 17.35 -27.65 -25.38
N LEU D 227 17.98 -26.67 -24.76
CA LEU D 227 19.05 -25.97 -25.36
C LEU D 227 20.34 -26.24 -24.63
N SER D 228 21.40 -26.45 -25.38
CA SER D 228 22.74 -26.34 -24.83
C SER D 228 23.09 -24.94 -24.39
N MET D 229 24.19 -24.78 -23.64
CA MET D 229 24.59 -23.44 -23.30
C MET D 229 24.82 -22.59 -24.51
N GLU D 230 25.44 -23.15 -25.54
CA GLU D 230 25.74 -22.38 -26.74
C GLU D 230 24.49 -22.00 -27.50
N GLU D 231 23.52 -22.92 -27.56
CA GLU D 231 22.27 -22.62 -28.26
C GLU D 231 21.53 -21.49 -27.48
N ALA D 232 21.56 -21.57 -26.16
CA ALA D 232 20.90 -20.55 -25.32
C ALA D 232 21.55 -19.15 -25.55
N ALA D 233 22.87 -19.09 -25.58
CA ALA D 233 23.57 -17.84 -25.82
C ALA D 233 23.20 -17.26 -27.19
N GLU D 234 23.18 -18.10 -28.24
CA GLU D 234 22.83 -17.65 -29.60
C GLU D 234 21.42 -17.06 -29.68
N ILE D 235 20.47 -17.64 -28.95
CA ILE D 235 19.12 -17.06 -28.88
C ILE D 235 19.14 -15.81 -28.02
N GLN D 236 19.86 -15.86 -26.89
CA GLN D 236 19.91 -14.66 -26.02
C GLN D 236 20.44 -13.42 -26.81
N ALA D 237 21.32 -13.66 -27.76
CA ALA D 237 21.94 -12.53 -28.50
C ALA D 237 20.92 -11.66 -29.22
N ASN D 238 19.86 -12.29 -29.69
CA ASN D 238 18.88 -11.62 -30.55
C ASN D 238 17.50 -11.54 -29.97
N ASP D 239 17.18 -12.34 -28.95
CA ASP D 239 15.86 -12.21 -28.34
C ASP D 239 15.91 -12.56 -26.86
N PHE D 240 15.54 -11.64 -26.01
CA PHE D 240 15.51 -11.96 -24.57
C PHE D 240 14.12 -12.38 -24.09
N GLN D 241 13.17 -12.51 -24.99
CA GLN D 241 11.81 -12.89 -24.59
C GLN D 241 11.28 -13.93 -25.58
N HIS D 242 12.20 -14.80 -26.00
CA HIS D 242 11.86 -15.79 -27.06
C HIS D 242 10.75 -16.78 -26.71
N ALA D 243 10.65 -17.18 -25.43
CA ALA D 243 9.62 -18.11 -25.02
C ALA D 243 8.22 -17.44 -24.91
N THR D 244 8.17 -16.19 -24.41
CA THR D 244 6.99 -15.37 -24.47
C THR D 244 6.49 -15.17 -25.94
N ARG D 245 7.40 -14.81 -26.81
CA ARG D 245 7.12 -14.66 -28.21
C ARG D 245 6.56 -15.90 -28.86
N ASP D 246 7.25 -17.00 -28.62
CA ASP D 246 6.88 -18.34 -29.23
C ASP D 246 5.47 -18.76 -28.82
N LEU D 247 5.14 -18.60 -27.53
CA LEU D 247 3.86 -19.00 -27.05
C LEU D 247 2.73 -18.18 -27.67
N TYR D 248 2.90 -16.85 -27.70
CA TYR D 248 1.90 -15.95 -28.24
C TYR D 248 1.73 -16.29 -29.72
N ASP D 249 2.86 -16.41 -30.41
CA ASP D 249 2.85 -16.65 -31.86
C ASP D 249 2.24 -18.01 -32.29
N ARG D 250 2.52 -19.10 -31.55
CA ARG D 250 1.81 -20.38 -31.77
C ARG D 250 0.33 -20.23 -31.73
N ILE D 251 -0.17 -19.59 -30.67
CA ILE D 251 -1.56 -19.53 -30.45
C ILE D 251 -2.16 -18.57 -31.53
N GLU D 252 -1.51 -17.48 -31.84
CA GLU D 252 -2.03 -16.53 -32.82
C GLU D 252 -2.17 -17.24 -34.18
N LYS D 253 -1.24 -18.13 -34.48
CA LYS D 253 -1.28 -18.85 -35.78
C LYS D 253 -2.23 -20.01 -35.79
N GLY D 254 -2.74 -20.43 -34.65
CA GLY D 254 -3.63 -21.58 -34.60
C GLY D 254 -2.93 -22.89 -34.36
N ASN D 255 -1.63 -22.84 -34.04
CA ASN D 255 -0.85 -24.01 -33.76
C ASN D 255 -0.82 -24.26 -32.22
N TYR D 256 -1.94 -24.71 -31.68
CA TYR D 256 -2.16 -24.67 -30.24
C TYR D 256 -1.35 -25.74 -29.55
N PRO D 257 -0.52 -25.36 -28.53
CA PRO D 257 0.24 -26.41 -27.83
C PRO D 257 -0.62 -27.17 -26.87
N ALA D 258 -0.28 -28.44 -26.62
CA ALA D 258 -1.11 -29.28 -25.78
C ALA D 258 -0.25 -30.18 -24.93
N TRP D 259 -0.81 -30.59 -23.81
CA TRP D 259 -0.15 -31.55 -22.94
C TRP D 259 -1.16 -32.60 -22.51
N ASP D 260 -0.70 -33.85 -22.51
CA ASP D 260 -1.47 -34.89 -21.87
C ASP D 260 -1.14 -34.96 -20.36
N LEU D 261 -2.17 -35.06 -19.54
CA LEU D 261 -2.04 -35.22 -18.16
C LEU D 261 -2.06 -36.73 -17.77
N TYR D 262 -1.02 -37.16 -17.06
CA TYR D 262 -0.93 -38.52 -16.49
C TYR D 262 -0.79 -38.41 -14.95
N VAL D 263 -1.26 -39.40 -14.21
CA VAL D 263 -0.96 -39.51 -12.81
C VAL D 263 -0.29 -40.85 -12.50
N GLN D 264 0.47 -40.85 -11.43
CA GLN D 264 0.86 -42.07 -10.73
C GLN D 264 0.06 -42.09 -9.44
N LEU D 265 -0.31 -43.32 -9.00
CA LEU D 265 -1.07 -43.53 -7.80
C LEU D 265 -0.38 -44.55 -6.91
N MET D 266 -0.23 -44.23 -5.64
CA MET D 266 0.43 -45.07 -4.65
C MET D 266 -0.44 -45.20 -3.40
N PRO D 267 -0.59 -46.42 -2.88
CA PRO D 267 -1.23 -46.54 -1.57
C PRO D 267 -0.45 -45.95 -0.43
N LEU D 268 -1.15 -45.39 0.58
CA LEU D 268 -0.49 -44.81 1.77
C LEU D 268 0.38 -45.85 2.47
N SER D 269 -0.05 -47.13 2.41
CA SER D 269 0.64 -48.24 3.01
C SER D 269 1.96 -48.59 2.35
N ASP D 270 2.26 -48.07 1.16
CA ASP D 270 3.56 -48.34 0.56
C ASP D 270 4.70 -47.63 1.27
N TYR D 271 4.40 -46.73 2.23
CA TYR D 271 5.49 -46.08 2.92
C TYR D 271 6.59 -47.03 3.35
N ASP D 272 6.26 -48.16 4.00
CA ASP D 272 7.31 -49.02 4.52
C ASP D 272 7.92 -49.91 3.49
N GLU D 273 7.34 -49.91 2.28
CA GLU D 273 7.89 -50.67 1.14
C GLU D 273 9.08 -49.98 0.50
N LEU D 274 9.27 -48.69 0.80
CA LEU D 274 10.25 -47.86 0.13
C LEU D 274 11.44 -47.44 0.97
N ASP D 275 12.54 -47.14 0.28
CA ASP D 275 13.73 -46.63 0.95
C ASP D 275 13.91 -45.10 0.88
N TYR D 276 12.81 -44.43 0.54
CA TYR D 276 12.67 -43.04 0.68
C TYR D 276 11.23 -42.75 1.18
N ASP D 277 10.99 -41.48 1.49
CA ASP D 277 9.66 -40.99 1.92
C ASP D 277 8.92 -40.55 0.68
N PRO D 278 7.73 -41.15 0.40
CA PRO D 278 7.05 -40.84 -0.79
C PRO D 278 6.59 -39.38 -0.84
N CYS D 279 6.59 -38.66 0.27
CA CYS D 279 6.26 -37.22 0.33
C CYS D 279 7.51 -36.29 0.50
N ASP D 280 8.69 -36.82 0.18
CA ASP D 280 9.88 -36.04 0.09
C ASP D 280 9.97 -35.52 -1.33
N PRO D 281 9.85 -34.15 -1.53
CA PRO D 281 9.78 -33.63 -2.87
C PRO D 281 11.14 -33.64 -3.60
N THR D 282 12.17 -34.19 -2.97
CA THR D 282 13.45 -34.41 -3.64
C THR D 282 13.49 -35.79 -4.33
N LYS D 283 12.35 -36.53 -4.33
CA LYS D 283 12.21 -37.89 -4.83
C LYS D 283 11.21 -38.00 -5.92
N THR D 284 11.48 -38.81 -6.94
CA THR D 284 10.46 -39.28 -7.86
C THR D 284 10.02 -40.69 -7.46
N TRP D 285 8.92 -41.12 -8.06
CA TRP D 285 8.45 -42.49 -7.92
C TRP D 285 8.72 -43.25 -9.21
N SER D 286 9.15 -44.52 -9.06
CA SER D 286 9.45 -45.33 -10.25
C SER D 286 8.22 -45.47 -11.20
N GLU D 287 8.39 -45.25 -12.50
CA GLU D 287 7.30 -45.42 -13.48
C GLU D 287 7.06 -46.90 -13.79
N GLU D 288 8.05 -47.73 -13.51
CA GLU D 288 7.91 -49.21 -13.54
C GLU D 288 6.94 -49.68 -12.44
N ASP D 289 7.21 -49.29 -11.21
CA ASP D 289 6.42 -49.66 -10.04
C ASP D 289 5.06 -48.94 -9.92
N TYR D 290 4.98 -47.69 -10.42
CA TYR D 290 3.79 -46.85 -10.31
C TYR D 290 3.60 -46.26 -11.67
N PRO D 291 2.92 -47.01 -12.54
CA PRO D 291 2.88 -46.61 -13.93
C PRO D 291 2.04 -45.35 -14.17
N LEU D 292 2.40 -44.61 -15.21
CA LEU D 292 1.62 -43.44 -15.56
C LEU D 292 0.27 -43.86 -16.09
N GLN D 293 -0.77 -43.19 -15.63
CA GLN D 293 -2.16 -43.46 -16.01
C GLN D 293 -2.67 -42.19 -16.66
N LYS D 294 -3.11 -42.30 -17.91
CA LYS D 294 -3.64 -41.18 -18.64
C LYS D 294 -4.97 -40.66 -18.05
N VAL D 295 -5.03 -39.33 -17.86
CA VAL D 295 -6.25 -38.67 -17.40
C VAL D 295 -6.96 -37.89 -18.47
N GLY D 296 -6.23 -37.03 -19.17
CA GLY D 296 -6.83 -36.19 -20.17
C GLY D 296 -5.83 -35.31 -20.86
N ARG D 297 -6.33 -34.27 -21.50
CA ARG D 297 -5.51 -33.39 -22.31
C ARG D 297 -5.89 -31.93 -22.09
N MET D 298 -4.88 -31.07 -22.02
CA MET D 298 -5.03 -29.61 -21.98
C MET D 298 -4.50 -28.98 -23.25
N THR D 299 -5.31 -28.12 -23.86
CA THR D 299 -4.90 -27.43 -25.09
C THR D 299 -4.97 -25.97 -24.77
N LEU D 300 -3.90 -25.23 -25.06
CA LEU D 300 -3.95 -23.77 -24.96
C LEU D 300 -4.25 -23.10 -26.28
N ASN D 301 -5.33 -22.34 -26.31
CA ASN D 301 -5.88 -21.84 -27.56
C ASN D 301 -6.27 -20.40 -27.61
N ARG D 302 -5.90 -19.61 -26.59
CA ARG D 302 -6.38 -18.23 -26.55
C ARG D 302 -5.38 -17.36 -25.77
N ASN D 303 -4.85 -16.32 -26.42
CA ASN D 303 -3.99 -15.39 -25.74
C ASN D 303 -4.89 -14.44 -24.90
N PRO D 304 -4.30 -13.84 -23.86
CA PRO D 304 -5.09 -12.91 -23.06
C PRO D 304 -5.34 -11.62 -23.79
N GLU D 305 -6.37 -10.88 -23.38
CA GLU D 305 -6.62 -9.56 -23.95
C GLU D 305 -5.70 -8.48 -23.46
N ASN D 306 -5.22 -8.59 -22.20
CA ASN D 306 -4.33 -7.57 -21.62
C ASN D 306 -3.35 -8.23 -20.71
N PHE D 307 -2.08 -8.05 -20.99
CA PHE D 307 -1.04 -8.80 -20.26
C PHE D 307 -1.00 -8.45 -18.75
N PHE D 308 -1.08 -7.16 -18.45
CA PHE D 308 -1.08 -6.75 -17.01
C PHE D 308 -2.26 -7.29 -16.31
N ALA D 309 -3.46 -7.04 -16.84
CA ALA D 309 -4.65 -7.33 -16.07
C ALA D 309 -4.85 -8.85 -15.80
N GLU D 310 -4.38 -9.67 -16.73
CA GLU D 310 -4.63 -11.13 -16.71
C GLU D 310 -3.37 -11.87 -16.35
N THR D 311 -2.26 -11.70 -17.05
CA THR D 311 -1.08 -12.52 -16.78
C THR D 311 -0.33 -11.98 -15.54
N GLU D 312 -0.10 -10.68 -15.51
CA GLU D 312 0.67 -10.13 -14.40
C GLU D 312 -0.07 -10.24 -13.09
N GLN D 313 -1.41 -10.03 -13.09
CA GLN D 313 -2.21 -10.07 -11.87
C GLN D 313 -2.75 -11.48 -11.52
N ALA D 314 -2.46 -12.50 -12.35
CA ALA D 314 -2.83 -13.88 -12.04
C ALA D 314 -2.24 -14.33 -10.74
N ALA D 315 -3.09 -15.00 -9.92
CA ALA D 315 -2.66 -15.52 -8.64
C ALA D 315 -3.00 -16.99 -8.55
N PHE D 316 -1.98 -17.82 -8.38
CA PHE D 316 -2.14 -19.24 -8.17
C PHE D 316 -1.70 -19.62 -6.80
N THR D 317 -2.34 -20.65 -6.19
CA THR D 317 -1.84 -21.16 -4.95
C THR D 317 -2.01 -22.68 -4.86
N PRO D 318 -1.00 -23.37 -4.37
CA PRO D 318 -1.23 -24.79 -4.13
C PRO D 318 -2.36 -25.11 -3.12
N SER D 319 -2.71 -24.17 -2.25
CA SER D 319 -3.81 -24.39 -1.34
C SER D 319 -5.20 -24.19 -1.97
N ALA D 320 -5.26 -23.85 -3.25
CA ALA D 320 -6.52 -23.77 -3.96
C ALA D 320 -6.91 -25.15 -4.43
N LEU D 321 -7.38 -25.92 -3.45
CA LEU D 321 -7.67 -27.32 -3.62
C LEU D 321 -9.18 -27.45 -3.74
N VAL D 322 -9.64 -28.51 -4.39
CA VAL D 322 -11.11 -28.71 -4.59
C VAL D 322 -11.46 -30.06 -3.95
N PRO D 323 -12.75 -30.29 -3.63
CA PRO D 323 -13.08 -31.54 -2.91
C PRO D 323 -12.60 -32.72 -3.67
N GLY D 324 -11.93 -33.59 -2.93
CA GLY D 324 -11.31 -34.80 -3.47
C GLY D 324 -9.82 -34.72 -3.78
N ILE D 325 -9.26 -33.53 -3.68
CA ILE D 325 -7.82 -33.32 -3.83
C ILE D 325 -7.37 -32.52 -2.66
N GLU D 326 -6.38 -33.08 -1.97
CA GLU D 326 -5.88 -32.53 -0.72
C GLU D 326 -4.35 -32.49 -0.71
N ALA D 327 -3.80 -31.65 0.17
CA ALA D 327 -2.38 -31.56 0.41
C ALA D 327 -1.91 -32.89 0.93
N SER D 328 -0.67 -33.24 0.64
CA SER D 328 0.01 -34.22 1.47
C SER D 328 0.74 -33.51 2.62
N GLU D 329 1.36 -34.33 3.43
CA GLU D 329 2.18 -33.90 4.53
C GLU D 329 3.59 -33.40 4.16
N ASP D 330 3.93 -33.39 2.88
CA ASP D 330 5.18 -32.79 2.39
C ASP D 330 5.42 -31.42 2.97
N LYS D 331 6.54 -31.25 3.66
CA LYS D 331 6.73 -30.09 4.51
C LYS D 331 7.08 -28.90 3.65
N LEU D 332 7.53 -29.16 2.44
CA LEU D 332 7.71 -28.10 1.47
C LEU D 332 6.36 -27.55 1.01
N LEU D 333 5.51 -28.45 0.58
CA LEU D 333 4.16 -28.10 0.17
C LEU D 333 3.41 -27.37 1.29
N GLN D 334 3.56 -27.85 2.51
CA GLN D 334 2.83 -27.22 3.65
C GLN D 334 3.12 -25.73 3.77
N GLY D 335 4.39 -25.32 3.64
CA GLY D 335 4.64 -23.87 3.64
C GLY D 335 4.12 -23.08 2.46
N ARG D 336 4.15 -23.70 1.26
CA ARG D 336 3.52 -23.13 0.09
C ARG D 336 2.02 -22.80 0.29
N LEU D 337 1.34 -23.66 1.06
CA LEU D 337 -0.10 -23.43 1.26
C LEU D 337 -0.33 -22.04 1.81
N PHE D 338 0.59 -21.57 2.65
CA PHE D 338 0.48 -20.28 3.27
C PHE D 338 1.07 -19.16 2.41
N SER D 339 2.28 -19.41 1.87
CA SER D 339 3.05 -18.33 1.23
C SER D 339 2.41 -17.68 0.01
N TYR D 340 1.65 -18.45 -0.78
CA TYR D 340 1.08 -17.84 -1.98
C TYR D 340 0.02 -16.85 -1.71
N PRO D 341 -1.05 -17.22 -1.00
CA PRO D 341 -2.08 -16.20 -0.77
C PRO D 341 -1.50 -15.00 0.05
N ASP D 342 -0.56 -15.31 0.93
CA ASP D 342 0.09 -14.32 1.71
C ASP D 342 0.77 -13.25 0.83
N THR D 343 1.61 -13.72 -0.07
CA THR D 343 2.36 -12.82 -0.97
C THR D 343 1.38 -12.08 -1.84
N GLN D 344 0.31 -12.75 -2.24
CA GLN D 344 -0.67 -12.15 -3.18
C GLN D 344 -1.45 -11.00 -2.61
N ARG D 345 -1.80 -11.14 -1.34
CA ARG D 345 -2.41 -10.02 -0.63
C ARG D 345 -1.56 -8.80 -0.65
N HIS D 346 -0.25 -8.99 -0.51
CA HIS D 346 0.71 -7.90 -0.66
C HIS D 346 0.82 -7.40 -2.07
N ARG D 347 1.08 -8.30 -3.01
CA ARG D 347 1.34 -7.96 -4.43
C ARG D 347 0.16 -7.34 -5.16
N LEU D 348 -1.04 -7.79 -4.85
CA LEU D 348 -2.22 -7.49 -5.62
C LEU D 348 -3.33 -6.78 -4.87
N GLY D 349 -3.28 -6.84 -3.55
CA GLY D 349 -4.32 -6.31 -2.71
C GLY D 349 -5.19 -7.35 -2.00
N ALA D 350 -5.77 -6.95 -0.87
CA ALA D 350 -6.61 -7.85 -0.09
C ALA D 350 -7.71 -8.55 -0.93
N ASN D 351 -8.24 -7.79 -1.89
CA ASN D 351 -9.35 -8.28 -2.76
C ASN D 351 -8.90 -8.88 -4.06
N TYR D 352 -7.71 -9.44 -4.09
CA TYR D 352 -7.11 -9.93 -5.35
C TYR D 352 -7.96 -11.02 -6.00
N MET D 353 -8.70 -11.77 -5.18
CA MET D 353 -9.61 -12.78 -5.70
C MET D 353 -10.76 -12.28 -6.51
N ARG D 354 -10.98 -10.98 -6.51
CA ARG D 354 -11.99 -10.35 -7.37
C ARG D 354 -11.43 -9.84 -8.69
N ILE D 355 -10.14 -9.92 -8.90
CA ILE D 355 -9.55 -9.59 -10.20
C ILE D 355 -10.07 -10.67 -11.17
N PRO D 356 -10.53 -10.29 -12.33
CA PRO D 356 -11.26 -11.25 -13.20
C PRO D 356 -10.59 -12.60 -13.45
N VAL D 357 -9.35 -12.62 -13.80
CA VAL D 357 -8.66 -13.83 -14.04
C VAL D 357 -8.70 -14.77 -12.83
N ASN D 358 -8.73 -14.20 -11.62
CA ASN D 358 -8.68 -15.00 -10.42
C ASN D 358 -10.05 -15.46 -9.93
N CYS D 359 -11.13 -14.91 -10.50
CA CYS D 359 -12.47 -15.19 -10.04
C CYS D 359 -12.87 -16.63 -10.39
N PRO D 360 -13.54 -17.32 -9.48
CA PRO D 360 -14.07 -18.64 -9.80
C PRO D 360 -15.29 -18.53 -10.73
N TYR D 361 -15.52 -19.58 -11.45
CA TYR D 361 -16.77 -19.75 -12.16
C TYR D 361 -17.91 -20.13 -11.21
N ALA D 362 -17.57 -20.98 -10.21
CA ALA D 362 -18.50 -21.33 -9.11
C ALA D 362 -18.89 -20.10 -8.23
N PRO D 363 -20.09 -20.11 -7.62
CA PRO D 363 -20.56 -18.96 -6.89
C PRO D 363 -19.72 -18.79 -5.66
N VAL D 364 -19.56 -17.54 -5.28
CA VAL D 364 -18.82 -17.15 -4.03
C VAL D 364 -19.82 -16.45 -3.10
N HIS D 365 -20.01 -16.98 -1.89
CA HIS D 365 -20.90 -16.35 -0.90
C HIS D 365 -20.29 -16.53 0.43
N ASN D 366 -19.91 -15.44 1.08
CA ASN D 366 -19.36 -15.54 2.43
C ASN D 366 -19.47 -14.23 3.13
N ASN D 367 -18.97 -14.18 4.35
CA ASN D 367 -19.19 -13.07 5.24
C ASN D 367 -17.97 -12.12 5.35
N GLN D 368 -17.04 -12.26 4.41
CA GLN D 368 -15.92 -11.36 4.30
C GLN D 368 -16.39 -10.03 3.75
N GLN D 369 -15.69 -8.96 4.11
CA GLN D 369 -16.14 -7.64 3.66
C GLN D 369 -14.97 -6.68 3.55
N ASP D 370 -15.21 -5.60 2.78
CA ASP D 370 -14.36 -4.35 2.78
C ASP D 370 -12.96 -4.68 2.23
N GLY D 371 -11.94 -4.00 2.72
CA GLY D 371 -10.58 -4.06 2.10
C GLY D 371 -10.45 -3.07 0.94
N PHE D 372 -9.21 -2.73 0.62
N PHE D 372 -9.21 -2.64 0.71
CA PHE D 372 -8.94 -1.76 -0.43
CA PHE D 372 -8.77 -1.89 -0.46
C PHE D 372 -9.64 -2.20 -1.71
C PHE D 372 -9.61 -2.21 -1.70
N MET D 373 -10.17 -1.22 -2.39
CA MET D 373 -10.75 -1.42 -3.71
C MET D 373 -11.86 -2.44 -3.69
N THR D 374 -12.87 -2.12 -2.91
CA THR D 374 -14.11 -2.88 -2.90
C THR D 374 -14.99 -2.44 -4.06
N THR D 375 -15.09 -3.31 -5.06
CA THR D 375 -15.73 -2.96 -6.32
C THR D 375 -16.98 -3.78 -6.60
N THR D 376 -17.34 -4.70 -5.69
CA THR D 376 -18.33 -5.77 -5.96
C THR D 376 -19.79 -5.44 -5.57
N ARG D 377 -20.06 -4.21 -5.20
CA ARG D 377 -21.45 -3.76 -4.84
C ARG D 377 -22.09 -4.58 -3.74
N PRO D 378 -21.46 -4.62 -2.62
CA PRO D 378 -22.03 -5.44 -1.54
C PRO D 378 -23.32 -4.85 -0.96
N SER D 379 -24.11 -5.71 -0.32
CA SER D 379 -25.37 -5.30 0.24
C SER D 379 -25.73 -6.23 1.38
N GLY D 380 -26.75 -5.83 2.15
CA GLY D 380 -27.31 -6.64 3.19
C GLY D 380 -26.78 -6.27 4.58
N HIS D 381 -27.56 -6.69 5.61
CA HIS D 381 -27.26 -6.41 6.97
C HIS D 381 -26.42 -7.49 7.70
N ILE D 382 -26.36 -8.69 7.10
CA ILE D 382 -25.93 -9.89 7.78
C ILE D 382 -24.60 -10.33 7.22
N ASN D 383 -23.57 -10.13 8.04
CA ASN D 383 -22.20 -10.46 7.66
C ASN D 383 -21.54 -11.30 8.71
N TYR D 384 -22.35 -12.15 9.34
CA TYR D 384 -21.89 -13.03 10.42
C TYR D 384 -22.66 -14.30 10.40
N GLU D 385 -22.03 -15.38 10.87
CA GLU D 385 -22.65 -16.68 11.04
C GLU D 385 -22.07 -17.30 12.28
N PRO D 386 -22.90 -17.97 13.11
CA PRO D 386 -24.34 -18.26 12.87
C PRO D 386 -25.25 -17.09 13.01
N ASN D 387 -26.36 -17.19 12.31
CA ASN D 387 -27.36 -16.18 12.29
C ASN D 387 -28.72 -16.87 12.15
N ARG D 388 -29.77 -16.11 12.37
CA ARG D 388 -31.10 -16.71 12.47
C ARG D 388 -31.79 -16.83 11.12
N TYR D 389 -31.12 -16.57 10.04
CA TYR D 389 -31.76 -16.42 8.71
C TYR D 389 -31.43 -17.59 7.81
N ASP D 390 -32.48 -18.26 7.37
CA ASP D 390 -32.30 -19.55 6.70
C ASP D 390 -31.77 -19.44 5.29
N ASP D 391 -31.97 -18.26 4.72
CA ASP D 391 -31.57 -17.87 3.36
C ASP D 391 -30.08 -17.38 3.26
N GLN D 392 -29.45 -17.03 4.39
CA GLN D 392 -28.08 -16.62 4.38
C GLN D 392 -27.17 -17.85 4.19
N PRO D 393 -25.94 -17.63 3.76
CA PRO D 393 -25.07 -18.81 3.43
C PRO D 393 -24.77 -19.66 4.64
N LYS D 394 -24.81 -20.96 4.47
CA LYS D 394 -24.50 -21.88 5.57
C LYS D 394 -23.41 -22.82 5.18
N GLU D 395 -22.72 -23.32 6.18
CA GLU D 395 -21.80 -24.47 5.94
C GLU D 395 -22.50 -25.73 5.39
N ASN D 396 -21.76 -26.52 4.63
CA ASN D 396 -22.30 -27.68 3.98
C ASN D 396 -21.40 -28.90 4.29
N PRO D 397 -21.85 -29.78 5.20
CA PRO D 397 -21.01 -30.90 5.62
C PRO D 397 -20.62 -31.91 4.55
N HIS D 398 -21.35 -31.97 3.44
CA HIS D 398 -20.97 -32.81 2.30
C HIS D 398 -19.61 -32.45 1.75
N TYR D 399 -19.13 -31.25 2.06
CA TYR D 399 -17.86 -30.81 1.51
C TYR D 399 -16.74 -30.78 2.53
N LYS D 400 -16.89 -31.46 3.66
CA LYS D 400 -15.74 -31.61 4.57
C LYS D 400 -14.56 -32.31 3.93
N GLU D 401 -13.38 -31.96 4.38
CA GLU D 401 -12.16 -32.61 3.88
C GLU D 401 -11.98 -33.93 4.65
N SER D 402 -11.04 -34.74 4.21
CA SER D 402 -10.65 -35.94 4.99
C SER D 402 -9.98 -35.61 6.33
N GLU D 403 -9.77 -36.66 7.15
CA GLU D 403 -9.08 -36.51 8.40
C GLU D 403 -7.82 -37.37 8.41
N PRO D 404 -6.73 -36.86 7.81
CA PRO D 404 -5.51 -37.68 7.75
C PRO D 404 -5.07 -38.14 9.11
N VAL D 405 -4.54 -39.37 9.14
CA VAL D 405 -4.01 -39.92 10.35
C VAL D 405 -2.66 -39.37 10.65
N LEU D 406 -2.46 -38.97 11.91
CA LEU D 406 -1.19 -38.44 12.40
C LEU D 406 -0.42 -39.61 13.08
N HIS D 407 0.83 -39.79 12.71
CA HIS D 407 1.61 -40.86 13.29
C HIS D 407 2.46 -40.36 14.42
N GLY D 408 2.80 -39.08 14.40
CA GLY D 408 3.62 -38.56 15.50
C GLY D 408 2.76 -38.19 16.70
N ASP D 409 3.39 -38.20 17.85
CA ASP D 409 2.69 -37.98 19.12
C ASP D 409 3.16 -36.70 19.81
N ARG D 410 4.10 -35.95 19.19
CA ARG D 410 4.55 -34.64 19.68
C ARG D 410 4.68 -33.60 18.55
N MET D 411 4.59 -32.33 18.91
CA MET D 411 5.01 -31.21 18.07
C MET D 411 6.55 -31.15 18.07
N VAL D 412 7.16 -31.45 16.92
CA VAL D 412 8.57 -31.54 16.80
C VAL D 412 9.12 -30.65 15.64
N ARG D 413 10.39 -30.30 15.73
CA ARG D 413 11.17 -29.87 14.58
C ARG D 413 12.27 -30.87 14.29
N GLN D 414 12.08 -31.68 13.24
CA GLN D 414 12.94 -32.79 13.03
C GLN D 414 12.93 -33.20 11.59
N LYS D 415 14.11 -33.51 11.04
CA LYS D 415 14.15 -34.01 9.64
C LYS D 415 13.36 -35.32 9.50
N ILE D 416 12.75 -35.52 8.33
CA ILE D 416 12.17 -36.84 8.04
C ILE D 416 13.22 -37.94 8.22
N GLU D 417 12.70 -39.13 8.53
CA GLU D 417 13.47 -40.33 8.39
CA GLU D 417 13.44 -40.36 8.39
C GLU D 417 13.67 -40.67 6.90
N LYS D 418 14.70 -41.47 6.65
CA LYS D 418 15.10 -41.92 5.32
C LYS D 418 15.19 -40.77 4.29
N PRO D 419 15.93 -39.71 4.64
CA PRO D 419 16.20 -38.67 3.69
C PRO D 419 16.91 -39.16 2.44
N ASN D 420 17.78 -40.17 2.55
CA ASN D 420 18.35 -40.84 1.34
C ASN D 420 18.77 -39.85 0.19
N ASP D 421 19.75 -38.98 0.50
CA ASP D 421 19.97 -37.79 -0.31
C ASP D 421 20.63 -38.05 -1.64
N PHE D 422 21.30 -39.21 -1.81
CA PHE D 422 22.17 -39.42 -2.95
C PHE D 422 21.70 -40.50 -3.96
N LYS D 423 20.84 -41.42 -3.54
CA LYS D 423 20.60 -42.60 -4.35
C LYS D 423 19.90 -42.28 -5.63
N GLN D 424 18.82 -41.48 -5.58
CA GLN D 424 18.10 -41.17 -6.81
C GLN D 424 18.86 -40.25 -7.76
N ALA D 425 19.74 -39.42 -7.22
CA ALA D 425 20.61 -38.64 -8.09
C ALA D 425 21.47 -39.56 -8.92
N GLY D 426 21.95 -40.64 -8.29
CA GLY D 426 22.84 -41.61 -9.02
C GLY D 426 22.02 -42.36 -10.07
N GLU D 427 20.80 -42.76 -9.70
CA GLU D 427 19.95 -43.42 -10.65
C GLU D 427 19.65 -42.56 -11.84
N LYS D 428 19.40 -41.27 -11.60
CA LYS D 428 19.19 -40.36 -12.71
C LYS D 428 20.42 -40.20 -13.60
N TYR D 429 21.57 -40.02 -12.99
CA TYR D 429 22.81 -39.94 -13.71
C TYR D 429 22.94 -41.12 -14.65
N ARG D 430 22.79 -42.33 -14.10
CA ARG D 430 23.00 -43.52 -14.90
C ARG D 430 22.00 -43.69 -16.01
N SER D 431 20.83 -43.05 -15.86
CA SER D 431 19.77 -43.15 -16.86
C SER D 431 20.06 -42.30 -18.08
N TYR D 432 20.97 -41.30 -17.93
CA TYR D 432 21.31 -40.38 -18.99
C TYR D 432 22.08 -41.14 -20.07
N SER D 433 21.83 -40.78 -21.31
CA SER D 433 22.67 -41.18 -22.44
C SER D 433 24.08 -40.64 -22.24
N GLU D 434 25.04 -41.15 -22.99
CA GLU D 434 26.39 -40.57 -22.90
C GLU D 434 26.49 -39.08 -23.30
N GLU D 435 25.77 -38.69 -24.34
CA GLU D 435 25.67 -37.31 -24.75
C GLU D 435 25.07 -36.43 -23.61
N GLU D 436 24.03 -36.92 -22.96
CA GLU D 436 23.42 -36.18 -21.88
C GLU D 436 24.35 -36.06 -20.70
N LYS D 437 25.04 -37.15 -20.36
CA LYS D 437 26.06 -37.06 -19.32
C LYS D 437 27.16 -36.08 -19.60
N GLN D 438 27.63 -36.02 -20.86
CA GLN D 438 28.62 -35.05 -21.27
C GLN D 438 28.13 -33.60 -21.10
N ALA D 439 26.89 -33.38 -21.46
CA ALA D 439 26.33 -32.02 -21.33
C ALA D 439 26.28 -31.65 -19.81
N LEU D 440 25.88 -32.61 -18.97
CA LEU D 440 25.73 -32.39 -17.56
C LEU D 440 27.08 -32.00 -16.97
N ILE D 441 28.08 -32.79 -17.27
CA ILE D 441 29.40 -32.48 -16.75
C ILE D 441 29.87 -31.10 -17.26
N LYS D 442 29.62 -30.80 -18.55
CA LYS D 442 30.05 -29.55 -19.18
C LYS D 442 29.40 -28.39 -18.45
N ASN D 443 28.10 -28.55 -18.22
CA ASN D 443 27.30 -27.46 -17.59
C ASN D 443 27.72 -27.24 -16.16
N LEU D 444 27.96 -28.33 -15.42
CA LEU D 444 28.44 -28.24 -14.06
C LEU D 444 29.79 -27.60 -13.96
N THR D 445 30.68 -27.97 -14.86
CA THR D 445 32.05 -27.49 -14.82
C THR D 445 32.08 -25.95 -15.08
N ALA D 446 31.27 -25.47 -16.03
CA ALA D 446 31.25 -24.04 -16.35
C ALA D 446 30.75 -23.25 -15.11
N ASP D 447 29.92 -23.90 -14.30
CA ASP D 447 29.27 -23.27 -13.15
C ASP D 447 30.14 -23.29 -11.93
N LEU D 448 30.95 -24.35 -11.79
CA LEU D 448 31.72 -24.58 -10.61
C LEU D 448 33.13 -24.10 -10.69
N LYS D 449 33.60 -23.83 -11.88
CA LYS D 449 35.02 -23.64 -12.02
C LYS D 449 35.58 -22.44 -11.23
N GLY D 450 34.78 -21.41 -11.00
CA GLY D 450 35.22 -20.27 -10.25
C GLY D 450 34.80 -20.16 -8.80
N VAL D 451 34.17 -21.20 -8.23
CA VAL D 451 33.74 -21.14 -6.86
C VAL D 451 34.87 -21.51 -5.89
N ASN D 452 34.68 -21.14 -4.65
CA ASN D 452 35.59 -21.42 -3.52
C ASN D 452 35.99 -22.87 -3.51
N GLU D 453 37.30 -23.16 -3.37
CA GLU D 453 37.78 -24.51 -3.56
C GLU D 453 37.14 -25.55 -2.62
N LYS D 454 36.91 -25.16 -1.39
CA LYS D 454 36.31 -26.06 -0.42
C LYS D 454 34.87 -26.38 -0.78
N THR D 455 34.11 -25.37 -1.19
CA THR D 455 32.77 -25.58 -1.74
C THR D 455 32.79 -26.48 -2.99
N LYS D 456 33.75 -26.22 -3.88
CA LYS D 456 33.87 -27.00 -5.11
C LYS D 456 34.08 -28.49 -4.76
N LEU D 457 34.94 -28.75 -3.76
CA LEU D 457 35.26 -30.12 -3.39
C LEU D 457 34.06 -30.80 -2.77
N LEU D 458 33.31 -30.08 -1.94
CA LEU D 458 32.09 -30.63 -1.36
C LEU D 458 31.03 -30.94 -2.46
N ALA D 459 30.87 -30.07 -3.46
CA ALA D 459 30.03 -30.44 -4.62
C ALA D 459 30.43 -31.78 -5.27
N ILE D 460 31.71 -31.90 -5.58
CA ILE D 460 32.26 -33.13 -6.14
C ILE D 460 31.96 -34.33 -5.25
N CYS D 461 32.19 -34.19 -3.96
CA CYS D 461 31.88 -35.23 -3.00
C CYS D 461 30.40 -35.61 -3.04
N ASN D 462 29.48 -34.62 -3.11
CA ASN D 462 28.06 -34.97 -3.12
C ASN D 462 27.72 -35.73 -4.36
N PHE D 463 28.26 -35.31 -5.50
CA PHE D 463 27.96 -36.01 -6.72
C PHE D 463 28.63 -37.40 -6.78
N TYR D 464 29.83 -37.51 -6.22
CA TYR D 464 30.52 -38.78 -6.12
C TYR D 464 29.70 -39.79 -5.28
N ARG D 465 29.08 -39.32 -4.21
CA ARG D 465 28.20 -40.16 -3.41
C ARG D 465 26.96 -40.63 -4.16
N ALA D 466 26.45 -39.79 -5.06
CA ALA D 466 25.41 -40.20 -5.96
C ALA D 466 25.89 -41.28 -6.92
N ASP D 467 27.03 -41.05 -7.59
CA ASP D 467 27.61 -42.05 -8.47
C ASP D 467 29.10 -41.78 -8.64
N GLU D 468 29.93 -42.82 -8.43
CA GLU D 468 31.38 -42.62 -8.51
C GLU D 468 31.88 -42.10 -9.83
N ASP D 469 31.34 -42.58 -10.94
CA ASP D 469 31.70 -42.13 -12.27
C ASP D 469 31.31 -40.63 -12.44
N TYR D 470 30.11 -40.25 -12.00
CA TYR D 470 29.64 -38.86 -12.02
C TYR D 470 30.65 -37.96 -11.33
N GLY D 471 30.94 -38.28 -10.06
CA GLY D 471 31.83 -37.45 -9.28
C GLY D 471 33.24 -37.42 -9.89
N GLN D 472 33.74 -38.57 -10.30
CA GLN D 472 35.10 -38.60 -10.86
C GLN D 472 35.23 -37.76 -12.14
N ARG D 473 34.27 -37.94 -13.04
CA ARG D 473 34.25 -37.16 -14.31
C ARG D 473 34.23 -35.67 -14.01
N LEU D 474 33.40 -35.26 -13.07
CA LEU D 474 33.36 -33.86 -12.71
C LEU D 474 34.70 -33.37 -12.16
N ALA D 475 35.28 -34.16 -11.24
CA ALA D 475 36.60 -33.83 -10.68
C ALA D 475 37.66 -33.66 -11.78
N ASP D 476 37.69 -34.62 -12.72
CA ASP D 476 38.63 -34.52 -13.86
C ASP D 476 38.39 -33.23 -14.65
N SER D 477 37.13 -32.92 -14.92
CA SER D 477 36.80 -31.81 -15.76
C SER D 477 37.17 -30.48 -15.06
N LEU D 478 37.04 -30.44 -13.73
CA LEU D 478 37.41 -29.27 -12.97
C LEU D 478 38.92 -29.22 -12.61
N GLY D 479 39.66 -30.28 -12.96
CA GLY D 479 41.07 -30.36 -12.54
C GLY D 479 41.32 -30.55 -11.06
N VAL D 480 40.38 -31.17 -10.34
CA VAL D 480 40.53 -31.41 -8.94
C VAL D 480 40.93 -32.85 -8.75
N ASP D 481 42.06 -33.05 -8.10
CA ASP D 481 42.53 -34.39 -7.79
C ASP D 481 41.87 -34.87 -6.52
N ILE D 482 41.13 -35.97 -6.60
CA ILE D 482 40.40 -36.48 -5.45
C ILE D 482 40.93 -37.83 -4.91
N ARG D 483 42.05 -38.28 -5.47
CA ARG D 483 42.78 -39.43 -4.97
C ARG D 483 43.12 -39.04 -3.59
N SER D 484 42.91 -39.94 -2.64
CA SER D 484 43.33 -39.63 -1.26
C SER D 484 42.15 -39.27 -0.39
N TYR D 485 41.06 -38.80 -1.00
CA TYR D 485 39.76 -39.03 -0.37
C TYR D 485 39.21 -40.43 -0.74
N LEU D 486 39.83 -41.10 -1.73
CA LEU D 486 39.42 -42.43 -2.21
C LEU D 486 40.50 -43.46 -1.85
CHA HEM E . 12.81 8.15 -14.12
CHB HEM E . 8.88 10.71 -15.41
CHC HEM E . 11.56 12.87 -18.96
CHD HEM E . 15.56 11.01 -16.96
C1A HEM E . 11.51 8.63 -14.21
C2A HEM E . 10.45 8.25 -13.34
C3A HEM E . 9.35 8.99 -13.71
C4A HEM E . 9.75 9.83 -14.77
CMA HEM E . 7.94 9.04 -13.13
CAA HEM E . 10.59 7.24 -12.22
CBA HEM E . 11.29 7.91 -11.01
CGA HEM E . 11.33 7.12 -9.71
O1A HEM E . 12.12 7.45 -8.78
O2A HEM E . 10.53 6.20 -9.53
C1B HEM E . 9.31 11.50 -16.51
C2B HEM E . 8.43 12.43 -17.20
C3B HEM E . 9.13 13.01 -18.19
C4B HEM E . 10.52 12.47 -18.10
CMB HEM E . 6.97 12.69 -16.92
CAB HEM E . 8.68 14.06 -19.14
CBB HEM E . 7.68 14.91 -18.80
C1C HEM E . 12.88 12.58 -18.69
C2C HEM E . 13.96 13.36 -19.11
C3C HEM E . 15.09 12.85 -18.53
C4C HEM E . 14.71 11.75 -17.74
CMC HEM E . 13.90 14.57 -20.04
CAC HEM E . 16.44 13.39 -18.63
CBC HEM E . 16.54 14.66 -18.94
C1D HEM E . 15.10 10.08 -16.05
C2D HEM E . 16.04 9.30 -15.26
C3D HEM E . 15.28 8.50 -14.48
C4D HEM E . 13.86 8.79 -14.81
CMD HEM E . 17.57 9.39 -15.34
CAD HEM E . 15.86 7.48 -13.51
CBD HEM E . 16.31 8.14 -12.17
CGD HEM E . 16.79 7.06 -11.18
O1D HEM E . 17.98 6.66 -11.32
O2D HEM E . 16.01 6.59 -10.29
NA HEM E . 11.07 9.61 -15.09
NB HEM E . 10.55 11.62 -17.06
NC HEM E . 13.36 11.69 -17.83
ND HEM E . 13.81 9.77 -15.74
FE HEM E . 12.26 10.62 -16.41
CHA HEM F . 12.60 8.55 -14.13
CHB HEM F . 15.33 11.43 -16.94
CHC HEM F . 11.19 13.20 -18.90
CHD HEM F . 8.62 10.89 -15.44
C1A HEM F . 13.68 9.14 -14.78
C2A HEM F . 15.05 8.87 -14.46
C3A HEM F . 15.84 9.67 -15.24
C4A HEM F . 14.96 10.44 -16.05
CMA HEM F . 17.38 9.69 -15.22
CAA HEM F . 15.65 7.87 -13.49
CBA HEM F . 16.05 8.38 -12.07
CGA HEM F . 16.69 7.20 -11.37
O1A HEM F . 16.24 6.91 -10.23
O2A HEM F . 17.61 6.53 -11.97
C1B HEM F . 14.40 12.14 -17.73
C2B HEM F . 14.80 13.04 -18.74
C3B HEM F . 13.66 13.49 -19.32
C4B HEM F . 12.52 12.91 -18.61
CMB HEM F . 16.23 13.42 -19.10
CAB HEM F . 13.41 14.54 -20.30
CBB HEM F . 14.30 15.48 -20.44
C1C HEM F . 10.13 12.76 -18.10
C2C HEM F . 8.87 13.33 -18.05
C3C HEM F . 8.15 12.72 -17.06
C4C HEM F . 8.98 11.69 -16.49
CMC HEM F . 8.41 14.45 -18.99
CAC HEM F . 6.80 13.01 -16.60
CBC HEM F . 6.26 14.20 -16.77
C1D HEM F . 9.52 10.05 -14.83
C2D HEM F . 9.08 9.09 -13.81
C3D HEM F . 10.18 8.40 -13.48
C4D HEM F . 11.28 8.98 -14.29
CMD HEM F . 7.64 8.93 -13.29
CAD HEM F . 10.36 7.32 -12.44
CBD HEM F . 10.83 7.99 -11.11
CGD HEM F . 10.87 7.10 -9.92
O1D HEM F . 11.58 7.42 -8.90
O2D HEM F . 10.21 6.05 -9.96
NA HEM F . 13.63 10.23 -15.64
NB HEM F . 13.06 12.15 -17.68
NC HEM F . 10.22 11.88 -17.06
ND HEM F . 10.86 10.01 -15.07
FE HEM F . 11.94 11.04 -16.32
CAA JZ3 G . 13.21 4.92 -25.97
OAG JZ3 G . 14.13 4.05 -26.63
CAI JZ3 G . 13.95 3.19 -27.68
CAF JZ3 G . 14.04 3.66 -28.99
CAD JZ3 G . 13.89 2.84 -30.10
CAC JZ3 G . 13.66 1.48 -29.92
CAE JZ3 G . 13.56 0.94 -28.64
CAH JZ3 G . 13.69 1.73 -27.49
OAB JZ3 G . 13.60 1.16 -26.23
CL CL H . -0.09 -7.41 3.39
CL CL I . 5.70 22.36 7.03
NA NA J . 36.22 31.95 -8.64
CHA HEM K . -11.94 16.63 2.84
CHB HEM K . -7.98 19.24 1.86
CHC HEM K . -10.67 23.34 2.37
CHD HEM K . -14.69 20.64 2.61
C1A HEM K . -10.67 17.02 2.58
C2A HEM K . -9.60 16.12 2.40
C3A HEM K . -8.48 16.82 2.08
C4A HEM K . -8.83 18.19 2.12
CMA HEM K . -7.11 16.20 1.79
CAA HEM K . -9.74 14.63 2.44
CBA HEM K . -10.49 14.12 1.20
CGA HEM K . -10.52 12.60 1.08
O1A HEM K . -11.40 12.10 0.33
O2A HEM K . -9.72 11.88 1.69
C1B HEM K . -8.39 20.60 1.91
C2B HEM K . -7.50 21.71 1.66
C3B HEM K . -8.22 22.84 1.88
C4B HEM K . -9.63 22.42 2.17
CMB HEM K . -6.03 21.67 1.36
CAB HEM K . -7.81 24.22 1.68
CBB HEM K . -6.76 24.48 0.91
C1C HEM K . -12.01 22.98 2.42
C2C HEM K . -13.12 23.80 2.12
C3C HEM K . -14.25 23.02 2.19
C4C HEM K . -13.85 21.70 2.52
CMC HEM K . -13.12 25.27 1.76
CAC HEM K . -15.60 23.40 1.87
CBC HEM K . -15.74 24.53 1.23
C1D HEM K . -14.22 19.33 2.72
C2D HEM K . -15.16 18.19 2.76
C3D HEM K . -14.43 17.09 2.90
C4D HEM K . -13.01 17.55 2.84
CMD HEM K . -16.66 18.17 2.83
CAD HEM K . -15.05 15.70 3.01
CBD HEM K . -15.59 15.16 1.68
CGD HEM K . -16.37 13.89 1.93
O1D HEM K . -17.54 14.03 2.48
O2D HEM K . -15.81 12.80 1.60
NA HEM K . -10.21 18.31 2.41
NB HEM K . -9.63 21.08 2.18
NC HEM K . -12.47 21.71 2.60
ND HEM K . -12.93 18.90 2.72
FE HEM K . -11.35 19.96 2.51
CHA HEM L . -12.30 16.63 2.71
CHB HEM L . -14.72 20.85 2.30
CHC HEM L . -10.45 23.21 2.26
CHD HEM L . -8.18 18.96 1.71
C1A HEM L . -13.31 17.58 2.69
C2A HEM L . -14.73 17.27 2.67
C3A HEM L . -15.38 18.41 2.50
C4A HEM L . -14.44 19.49 2.48
CMA HEM L . -16.88 18.50 2.52
CAA HEM L . -15.39 15.90 2.79
CBA HEM L . -15.68 15.35 1.36
CGA HEM L . -16.19 13.93 1.46
O1A HEM L . -15.54 12.98 1.05
O2A HEM L . -17.28 13.70 2.01
C1B HEM L . -13.76 21.87 2.27
C2B HEM L . -14.06 23.27 2.24
C3B HEM L . -12.85 23.95 2.28
C4B HEM L . -11.81 22.90 2.29
CMB HEM L . -15.43 23.84 2.14
CAB HEM L . -12.50 25.39 2.13
CBB HEM L . -13.24 26.32 1.59
C1C HEM L . -9.43 22.27 2.04
C2C HEM L . -8.10 22.57 1.63
C3C HEM L . -7.45 21.37 1.46
C4C HEM L . -8.39 20.32 1.79
CMC HEM L . -7.55 23.98 1.49
CAC HEM L . -6.08 21.16 0.95
CBC HEM L . -5.62 22.05 0.08
C1D HEM L . -9.16 18.01 2.00
C2D HEM L . -8.81 16.59 2.04
C3D HEM L . -9.94 15.92 2.39
C4D HEM L . -10.99 16.97 2.47
CMD HEM L . -7.40 16.04 1.79
CAD HEM L . -10.19 14.44 2.45
CBD HEM L . -10.66 13.94 1.02
CGD HEM L . -10.59 12.43 0.77
O1D HEM L . -11.28 11.91 -0.19
O2D HEM L . -9.92 11.64 1.45
NA HEM L . -13.16 18.93 2.44
NB HEM L . -12.42 21.73 2.26
NC HEM L . -9.61 20.91 2.01
ND HEM L . -10.50 18.20 2.19
FE HEM L . -11.43 19.89 2.22
CAA JZ3 M . -12.70 23.22 12.10
OAG JZ3 M . -12.92 22.57 13.36
CAI JZ3 M . -13.07 23.11 14.64
CAF JZ3 M . -13.22 24.46 14.80
CAD JZ3 M . -13.38 25.06 16.07
CAC JZ3 M . -13.39 24.31 17.20
CAE JZ3 M . -13.24 22.93 17.13
CAH JZ3 M . -13.06 22.27 15.91
OAB JZ3 M . -12.92 20.89 15.98
CAA JZ3 N . -6.84 48.65 20.28
OAG JZ3 N . -6.02 47.54 20.62
CAI JZ3 N . -6.58 46.52 21.36
CAF JZ3 N . -7.95 46.34 21.51
CAD JZ3 N . -8.43 45.32 22.31
CAC JZ3 N . -7.56 44.40 22.93
CAE JZ3 N . -6.17 44.55 22.80
CAH JZ3 N . -5.65 45.61 22.03
OAB JZ3 N . -4.30 45.83 21.81
CL CL O . -5.08 9.46 -21.55
NA NA P . -35.25 28.59 -19.17
CHA HEM Q . -6.30 -6.18 18.64
CHB HEM Q . -7.38 -10.34 16.36
CHC HEM Q . -9.18 -12.13 20.59
CHD HEM Q . -7.10 -8.41 22.88
C1A HEM Q . -6.48 -7.12 17.66
C2A HEM Q . -6.07 -6.98 16.29
C3A HEM Q . -6.41 -8.15 15.64
C4A HEM Q . -6.94 -9.05 16.61
CMA HEM Q . -6.10 -8.49 14.19
CAA HEM Q . -5.45 -5.72 15.70
CBA HEM Q . -3.95 -5.75 16.02
CGA HEM Q . -3.19 -4.61 15.39
O1A HEM Q . -2.03 -4.35 15.89
O2A HEM Q . -3.73 -3.98 14.43
C1B HEM Q . -7.96 -11.21 17.34
C2B HEM Q . -8.48 -12.51 17.08
C3B HEM Q . -8.99 -12.95 18.23
C4B HEM Q . -8.79 -11.93 19.26
CMB HEM Q . -8.54 -13.28 15.82
CAB HEM Q . -9.62 -14.25 18.49
CBB HEM Q . -9.48 -15.22 17.61
C1C HEM Q . -8.75 -11.29 21.60
C2C HEM Q . -8.56 -11.68 22.93
C3C HEM Q . -7.99 -10.57 23.54
C4C HEM Q . -7.73 -9.58 22.61
CMC HEM Q . -9.04 -12.98 23.57
CAC HEM Q . -7.49 -10.41 24.88
CBC HEM Q . -7.32 -11.48 25.58
C1D HEM Q . -6.73 -7.53 21.89
C2D HEM Q . -6.13 -6.25 22.25
C3D HEM Q . -5.90 -5.60 21.10
C4D HEM Q . -6.40 -6.50 20.00
CMD HEM Q . -5.81 -5.73 23.61
CAD HEM Q . -5.29 -4.22 20.97
CBD HEM Q . -3.75 -4.25 20.81
CGD HEM Q . -3.23 -2.84 20.82
O1D HEM Q . -3.47 -2.16 21.83
O2D HEM Q . -2.59 -2.39 19.84
NA HEM Q . -7.01 -8.36 17.86
NB HEM Q . -8.18 -10.91 18.62
NC HEM Q . -8.15 -10.03 21.41
ND HEM Q . -6.95 -7.65 20.57
FE HEM Q . -7.50 -9.25 19.62
CHA HEM R . -6.10 -6.41 18.74
CHB HEM R . -6.94 -8.68 23.00
CHC HEM R . -8.82 -12.47 20.46
CHD HEM R . -7.48 -10.37 16.32
C1A HEM R . -6.19 -6.67 20.08
C2A HEM R . -5.66 -5.84 21.14
C3A HEM R . -5.90 -6.50 22.35
C4A HEM R . -6.57 -7.70 22.08
CMA HEM R . -5.50 -5.97 23.70
CAA HEM R . -4.98 -4.52 20.87
CBA HEM R . -3.48 -4.56 21.11
CGA HEM R . -2.94 -3.21 20.90
O1A HEM R . -2.43 -2.81 19.82
O2A HEM R . -3.07 -2.44 21.88
C1B HEM R . -7.52 -9.95 22.67
C2B HEM R . -7.98 -10.94 23.61
C3B HEM R . -8.54 -11.99 22.90
C4B HEM R . -8.41 -11.62 21.50
CMB HEM R . -7.91 -10.92 25.10
CAB HEM R . -9.06 -13.28 23.39
CBB HEM R . -8.70 -13.72 24.57
C1C HEM R . -8.58 -12.22 19.12
C2C HEM R . -8.61 -13.19 18.11
C3C HEM R . -8.24 -12.63 16.95
C4C HEM R . -7.95 -11.29 17.23
CMC HEM R . -9.03 -14.59 18.35
CAC HEM R . -8.05 -13.25 15.64
CBC HEM R . -7.90 -14.54 15.45
C1D HEM R . -6.99 -9.15 16.70
C2D HEM R . -6.62 -8.20 15.66
C3D HEM R . -6.19 -7.06 16.29
C4D HEM R . -6.41 -7.34 17.75
CMD HEM R . -6.63 -8.64 14.24
CAD HEM R . -5.65 -5.75 15.73
CBD HEM R . -4.12 -5.77 15.98
CGD HEM R . -3.27 -4.76 15.24
O1D HEM R . -2.04 -4.63 15.63
O2D HEM R . -3.78 -4.07 14.32
NA HEM R . -6.65 -7.86 20.71
NB HEM R . -7.81 -10.39 21.44
NC HEM R . -8.06 -11.09 18.56
ND HEM R . -6.89 -8.59 17.97
FE HEM R . -7.27 -9.50 19.66
CAA JZ3 S . -17.76 -6.29 22.45
OAG JZ3 S . -18.42 -5.34 23.29
CAI JZ3 S . -19.75 -4.94 23.30
CAF JZ3 S . -20.71 -5.67 24.01
CAD JZ3 S . -22.03 -5.30 24.06
CAC JZ3 S . -22.44 -4.17 23.43
CAE JZ3 S . -21.55 -3.38 22.72
CAH JZ3 S . -20.20 -3.72 22.59
OAB JZ3 S . -19.34 -2.91 21.88
CL CL T . 0.17 7.49 -3.37
CL CL U . 16.21 -15.67 8.58
CHA HEM V . 5.77 -18.37 -7.31
CHB HEM V . 6.98 -19.42 -2.71
CHC HEM V . 8.37 -23.92 -4.05
CHD HEM V . 6.46 -23.09 -8.44
C1A HEM V . 6.02 -18.26 -5.95
C2A HEM V . 5.72 -17.11 -5.16
C3A HEM V . 6.04 -17.44 -3.86
C4A HEM V . 6.54 -18.77 -3.87
CMA HEM V . 5.90 -16.60 -2.61
CAA HEM V . 5.10 -15.81 -5.67
CBA HEM V . 3.66 -16.10 -6.13
CGA HEM V . 2.78 -14.89 -6.29
O1A HEM V . 1.57 -15.09 -6.65
O2A HEM V . 3.19 -13.72 -6.10
C1B HEM V . 7.46 -20.75 -2.70
C2B HEM V . 7.93 -21.40 -1.54
C3B HEM V . 8.36 -22.63 -1.89
C4B HEM V . 8.12 -22.75 -3.33
CMB HEM V . 7.97 -20.82 -0.19
CAB HEM V . 8.83 -23.80 -1.14
CBB HEM V . 8.61 -23.89 0.16
C1C HEM V . 7.92 -24.11 -5.36
C2C HEM V . 7.71 -25.36 -5.97
C3C HEM V . 7.20 -25.12 -7.23
C4C HEM V . 7.03 -23.71 -7.35
CMC HEM V . 8.07 -26.70 -5.40
CAC HEM V . 6.70 -26.04 -8.29
CBC HEM V . 6.39 -27.30 -8.06
C1D HEM V . 6.18 -21.71 -8.44
C2D HEM V . 5.57 -21.11 -9.62
C3D HEM V . 5.42 -19.76 -9.36
C4D HEM V . 5.85 -19.62 -7.94
CMD HEM V . 5.27 -21.85 -10.89
CAD HEM V . 4.82 -18.65 -10.18
CBD HEM V . 3.30 -18.87 -10.29
CGD HEM V . 2.75 -17.93 -11.34
O1D HEM V . 3.18 -18.13 -12.50
O2D HEM V . 1.90 -17.02 -11.08
NA HEM V . 6.54 -19.24 -5.16
NB HEM V . 7.64 -21.55 -3.73
NC HEM V . 7.43 -23.10 -6.21
ND HEM V . 6.33 -20.81 -7.44
FE HEM V . 6.92 -21.20 -5.63
CHA HEM W . 5.64 -18.63 -7.47
CHB HEM W . 6.30 -23.40 -8.41
CHC HEM W . 8.16 -23.93 -3.87
CHD HEM W . 6.76 -19.44 -2.77
C1A HEM W . 5.73 -19.85 -8.08
C2A HEM W . 5.25 -20.09 -9.40
C3A HEM W . 5.40 -21.41 -9.66
C4A HEM W . 6.03 -22.01 -8.57
CMA HEM W . 5.01 -21.99 -10.95
CAA HEM W . 4.65 -19.06 -10.32
CBA HEM W . 3.12 -19.07 -10.33
CGA HEM W . 2.67 -17.97 -11.27
O1A HEM W . 2.29 -16.82 -10.86
O2A HEM W . 2.69 -18.23 -12.50
C1B HEM W . 6.87 -23.93 -7.21
C2B HEM W . 7.28 -25.32 -7.10
C3B HEM W . 7.83 -25.49 -5.85
C4B HEM W . 7.72 -24.18 -5.17
CMB HEM W . 7.12 -26.32 -8.21
CAB HEM W . 8.31 -26.70 -5.16
CBB HEM W . 7.80 -27.89 -5.45
C1C HEM W . 7.94 -22.75 -3.16
C2C HEM W . 8.01 -22.64 -1.75
C3C HEM W . 7.59 -21.37 -1.44
C4C HEM W . 7.25 -20.71 -2.66
CMC HEM W . 8.40 -23.74 -0.82
CAC HEM W . 7.39 -20.73 -0.17
CBC HEM W . 7.14 -21.33 0.98
C1D HEM W . 6.34 -18.89 -4.00
C2D HEM W . 5.98 -17.47 -4.06
C3D HEM W . 5.68 -17.18 -5.35
C4D HEM W . 5.89 -18.48 -6.08
CMD HEM W . 5.92 -16.55 -2.87
CAD HEM W . 5.16 -15.86 -5.93
CBD HEM W . 3.64 -15.97 -6.09
CGD HEM W . 2.95 -14.71 -6.51
O1D HEM W . 1.79 -14.77 -7.05
O2D HEM W . 3.52 -13.62 -6.33
NA HEM W . 6.12 -21.08 -7.57
NB HEM W . 7.16 -23.31 -6.06
NC HEM W . 7.39 -21.60 -3.67
ND HEM W . 6.32 -19.47 -5.23
FE HEM W . 6.66 -21.37 -5.61
CAA JZ3 X . 17.07 -21.98 -9.47
OAG JZ3 X . 17.76 -21.87 -10.73
CAI JZ3 X . 19.11 -21.65 -11.04
CAF JZ3 X . 20.05 -22.69 -10.97
CAD JZ3 X . 21.40 -22.55 -11.29
CAC JZ3 X . 21.85 -21.32 -11.75
CAE JZ3 X . 20.98 -20.24 -11.87
CAH JZ3 X . 19.62 -20.32 -11.52
OAB JZ3 X . 18.82 -19.22 -11.65
CAA JZ3 Y . 34.44 -40.13 -0.71
OAG JZ3 Y . 35.08 -38.86 -0.47
CAI JZ3 Y . 35.22 -37.88 -1.42
CAF JZ3 Y . 34.95 -38.14 -2.77
CAD JZ3 Y . 35.10 -37.11 -3.70
CAC JZ3 Y . 35.48 -35.81 -3.34
CAE JZ3 Y . 35.73 -35.50 -2.01
CAH JZ3 Y . 35.63 -36.51 -1.04
OAB JZ3 Y . 35.90 -36.18 0.25
CL CL Z . -16.84 -16.09 5.97
#